data_5EWM
#
_entry.id   5EWM
#
_cell.length_a   268.400
_cell.length_b   60.610
_cell.length_c   144.500
_cell.angle_alpha   90.00
_cell.angle_beta   116.27
_cell.angle_gamma   90.00
#
_symmetry.space_group_name_H-M   'C 1 2 1'
#
loop_
_entity.id
_entity.type
_entity.pdbx_description
1 polymer 'NMDA glutamate receptor subunit'
2 polymer 'Glutamate receptor ionotropic, NMDA 2B'
3 branched alpha-D-mannopyranose-(1-3)-[alpha-D-mannopyranose-(1-6)]beta-D-mannopyranose-(1-4)-2-acetamido-2-deoxy-beta-D-glucopyranose-(1-4)-2-acetamido-2-deoxy-beta-D-glucopyranose
4 non-polymer 'SODIUM ION'
5 non-polymer 2-acetamido-2-deoxy-beta-D-glucopyranose
6 non-polymer 5-[3-[bis(fluoranyl)methyl]-4-fluoranyl-phenyl]-3-[(2-methylimidazol-1-yl)methyl]pyridazine
7 water water
#
loop_
_entity_poly.entity_id
_entity_poly.type
_entity_poly.pdbx_seq_one_letter_code
_entity_poly.pdbx_strand_id
1 'polypeptide(L)'
;DPKIVNIGAVLSTKKHEQIFREAVNQANKRHFTRKIQLQATSVTHRPNAIQMALSVCEDLISSQVYAILVSHPPAPTDHL
TPTPISYTAGFYRIPVIGLTTRMSIYSDKSIHLSFLRTVPPYSHQALVWFEMMRLFNWNHVILIVSDDHEGRAAQKKLET
LLEGKESKSKKRNYENLDQLSYDNKRGPKADKVLQFEPGTKNLTALLLEAKELEARVIILSASEDDATAVYKSAAMLDMT
GAGYVWLVGEREISGSALRYAPDGIIGLQLINGKNESAHISDAVAVVAQAIHELFEMENITDPPRGCVGNTNIWKTGPLF
KRVLMSSKYPDGVTGRIEFNEDGDRKFAQYSIMNLQNRKLVQVGIFNGSYIIQNDRKIIWPGGETELVPR
;
A,C
2 'polypeptide(L)'
;SPPSIGIAVILVGTSDEVAIKDAHEKDDFHHLSVVPRVELVAMNETDPKSIITRICDLMSDRKIQGVVFADDTDQEAIAQ
ILDFISAQTLTPILGIHGGSSMIMADKDESSMFFQFGPSIEQQASVMLNIMEEYDWYIFSIVTTYFPGYQDFVNKIRSTI
ENSFVGWELEEVLLLDMSLDDGDSKIQNQLKKLQSPIILLYCTKEEATYIFEVANSVGLTGYGYTWIVPSLVAGDTDTVP
AEFPTGLISVSYDEWDYGLPARVRDGIAIITTAASDMLSEHSFIPEPKSSCYNTHEKRIYQSNMLNRYLINVTFEGRDLS
FSEDGYQMHPKLVIILLNKERKWERVGKWKDKSLQMKYYVWPRM
;
B,D
#
loop_
_chem_comp.id
_chem_comp.type
_chem_comp.name
_chem_comp.formula
5SM non-polymer 5-[3-[bis(fluoranyl)methyl]-4-fluoranyl-phenyl]-3-[(2-methylimidazol-1-yl)methyl]pyridazine 'C16 H13 F3 N4'
BMA D-saccharide, beta linking beta-D-mannopyranose 'C6 H12 O6'
MAN D-saccharide, alpha linking alpha-D-mannopyranose 'C6 H12 O6'
NA non-polymer 'SODIUM ION' 'Na 1'
NAG D-saccharide, beta linking 2-acetamido-2-deoxy-beta-D-glucopyranose 'C8 H15 N O6'
#
# COMPACT_ATOMS: atom_id res chain seq x y z
N ASP A 1 29.71 33.83 -42.76
CA ASP A 1 28.72 33.09 -41.96
C ASP A 1 29.19 31.61 -41.62
N PRO A 2 29.60 31.36 -40.36
CA PRO A 2 30.05 30.01 -39.98
C PRO A 2 28.91 29.03 -39.72
N LYS A 3 29.26 27.75 -39.55
CA LYS A 3 28.34 26.67 -39.22
C LYS A 3 28.21 26.68 -37.69
N ILE A 4 26.99 26.87 -37.19
CA ILE A 4 26.76 26.88 -35.76
C ILE A 4 26.63 25.44 -35.22
N VAL A 5 27.49 25.12 -34.22
CA VAL A 5 27.60 23.84 -33.52
C VAL A 5 27.16 24.06 -32.06
N ASN A 6 26.03 23.43 -31.68
CA ASN A 6 25.52 23.57 -30.32
C ASN A 6 26.14 22.61 -29.33
N ILE A 7 26.35 23.12 -28.12
CA ILE A 7 26.83 22.39 -26.97
C ILE A 7 25.72 22.54 -25.95
N GLY A 8 25.30 21.42 -25.39
CA GLY A 8 24.27 21.40 -24.37
C GLY A 8 24.79 21.31 -22.96
N ALA A 9 23.94 21.66 -22.00
CA ALA A 9 24.29 21.57 -20.59
C ALA A 9 23.06 21.45 -19.67
N VAL A 10 23.19 20.57 -18.67
CA VAL A 10 22.23 20.40 -17.59
C VAL A 10 23.00 20.87 -16.37
N LEU A 11 22.73 22.12 -15.94
CA LEU A 11 23.45 22.72 -14.84
C LEU A 11 22.55 22.97 -13.63
N SER A 12 23.14 23.33 -12.49
CA SER A 12 22.42 23.51 -11.21
C SER A 12 21.52 24.72 -11.13
N THR A 13 22.01 25.89 -11.55
CA THR A 13 21.32 27.16 -11.38
C THR A 13 21.43 28.02 -12.60
N LYS A 14 20.63 29.08 -12.64
CA LYS A 14 20.70 30.11 -13.68
C LYS A 14 22.11 30.83 -13.69
N LYS A 15 22.81 30.95 -12.53
CA LYS A 15 24.16 31.54 -12.47
C LYS A 15 25.10 30.69 -13.30
N HIS A 16 25.10 29.37 -13.04
CA HIS A 16 25.90 28.39 -13.73
C HIS A 16 25.58 28.33 -15.24
N GLU A 17 24.33 28.65 -15.62
CA GLU A 17 23.95 28.68 -17.04
C GLU A 17 24.65 29.87 -17.70
N GLN A 18 24.71 31.02 -16.98
CA GLN A 18 25.39 32.23 -17.44
C GLN A 18 26.89 32.02 -17.51
N ILE A 19 27.45 31.19 -16.61
CA ILE A 19 28.90 30.81 -16.66
C ILE A 19 29.17 29.96 -17.95
N PHE A 20 28.30 28.98 -18.28
CA PHE A 20 28.42 28.14 -19.46
C PHE A 20 28.41 29.01 -20.73
N ARG A 21 27.35 29.83 -20.88
CA ARG A 21 27.14 30.81 -21.95
C ARG A 21 28.43 31.65 -22.13
N GLU A 22 29.04 32.16 -21.04
CA GLU A 22 30.29 32.92 -21.07
C GLU A 22 31.53 32.08 -21.51
N ALA A 23 31.64 30.82 -20.99
CA ALA A 23 32.73 29.89 -21.33
C ALA A 23 32.73 29.57 -22.85
N VAL A 24 31.53 29.36 -23.44
CA VAL A 24 31.34 29.12 -24.87
C VAL A 24 31.71 30.40 -25.66
N ASN A 25 31.31 31.56 -25.17
CA ASN A 25 31.63 32.83 -25.84
C ASN A 25 33.12 33.08 -25.90
N GLN A 26 33.83 32.80 -24.79
CA GLN A 26 35.29 32.95 -24.73
C GLN A 26 35.98 31.91 -25.61
N ALA A 27 35.36 30.72 -25.77
CA ALA A 27 35.88 29.66 -26.67
C ALA A 27 35.90 30.22 -28.10
N ASN A 28 34.76 30.84 -28.51
CA ASN A 28 34.58 31.44 -29.81
C ASN A 28 35.54 32.54 -30.04
N LYS A 29 35.88 33.29 -28.97
CA LYS A 29 36.84 34.39 -29.04
C LYS A 29 38.25 33.85 -29.22
N ARG A 30 38.68 32.88 -28.36
CA ARG A 30 40.04 32.33 -28.38
C ARG A 30 40.33 31.48 -29.63
N HIS A 31 39.33 30.73 -30.20
CA HIS A 31 39.55 29.92 -31.41
C HIS A 31 39.29 30.63 -32.75
N PHE A 32 39.74 29.99 -33.85
CA PHE A 32 39.49 30.46 -35.22
C PHE A 32 38.12 29.89 -35.60
N THR A 33 37.07 30.76 -35.70
CA THR A 33 35.67 30.37 -35.90
C THR A 33 35.04 30.94 -37.21
N ARG A 34 35.83 30.96 -38.31
CA ARG A 34 35.32 31.40 -39.61
C ARG A 34 34.45 30.27 -40.16
N LYS A 35 34.86 29.01 -39.94
CA LYS A 35 34.19 27.79 -40.39
C LYS A 35 33.15 27.26 -39.34
N ILE A 36 33.56 26.99 -38.13
CA ILE A 36 32.64 26.44 -37.13
C ILE A 36 32.61 27.33 -35.83
N GLN A 37 31.41 27.72 -35.41
CA GLN A 37 31.18 28.57 -34.23
C GLN A 37 30.20 27.91 -33.24
N LEU A 38 30.61 27.84 -31.97
CA LEU A 38 29.81 27.24 -30.91
C LEU A 38 28.61 28.06 -30.48
N GLN A 39 27.56 27.38 -29.99
CA GLN A 39 26.38 27.99 -29.39
C GLN A 39 26.00 27.23 -28.11
N ALA A 40 25.83 27.97 -27.00
CA ALA A 40 25.45 27.38 -25.72
C ALA A 40 23.95 27.10 -25.67
N THR A 41 23.57 25.91 -25.25
CA THR A 41 22.17 25.53 -25.07
C THR A 41 22.13 24.86 -23.71
N SER A 42 21.28 25.36 -22.80
CA SER A 42 21.25 24.77 -21.46
C SER A 42 19.91 24.83 -20.78
N VAL A 43 19.78 23.97 -19.75
CA VAL A 43 18.64 23.88 -18.83
C VAL A 43 19.19 23.58 -17.46
N THR A 44 18.36 23.73 -16.43
CA THR A 44 18.68 23.31 -15.06
C THR A 44 18.03 21.93 -14.89
N HIS A 45 18.37 21.22 -13.81
CA HIS A 45 17.82 19.90 -13.50
C HIS A 45 16.33 19.93 -13.29
N ARG A 46 15.60 18.92 -13.79
CA ARG A 46 14.15 18.83 -13.62
C ARG A 46 13.82 18.10 -12.30
N PRO A 47 12.59 18.25 -11.73
CA PRO A 47 12.28 17.63 -10.42
C PRO A 47 12.41 16.12 -10.35
N ASN A 48 12.19 15.38 -11.47
CA ASN A 48 12.31 13.93 -11.49
C ASN A 48 13.02 13.40 -12.76
N ALA A 49 13.36 12.08 -12.78
CA ALA A 49 14.09 11.42 -13.86
C ALA A 49 13.35 11.40 -15.21
N ILE A 50 12.04 11.12 -15.21
CA ILE A 50 11.23 11.14 -16.45
C ILE A 50 11.23 12.55 -17.06
N GLN A 51 11.00 13.58 -16.22
CA GLN A 51 11.00 14.98 -16.64
C GLN A 51 12.35 15.37 -17.20
N MET A 52 13.43 14.94 -16.56
CA MET A 52 14.79 15.17 -17.03
C MET A 52 15.05 14.50 -18.39
N ALA A 53 14.72 13.21 -18.56
CA ALA A 53 14.87 12.49 -19.84
C ALA A 53 14.13 13.27 -20.95
N LEU A 54 12.89 13.70 -20.65
CA LEU A 54 12.08 14.49 -21.56
C LEU A 54 12.74 15.80 -21.96
N SER A 55 13.32 16.51 -20.99
CA SER A 55 13.99 17.80 -21.16
C SER A 55 15.21 17.66 -22.08
N VAL A 56 15.98 16.55 -21.94
CA VAL A 56 17.13 16.27 -22.79
C VAL A 56 16.68 16.26 -24.26
N CYS A 57 15.52 15.64 -24.57
CA CYS A 57 14.94 15.58 -25.89
C CYS A 57 14.43 16.92 -26.34
N GLU A 58 13.51 17.48 -25.58
CA GLU A 58 12.80 18.70 -25.87
C GLU A 58 13.67 19.93 -25.94
N ASP A 59 14.56 20.11 -24.99
CA ASP A 59 15.37 21.32 -24.90
C ASP A 59 16.75 21.20 -25.49
N LEU A 60 17.40 20.01 -25.42
CA LEU A 60 18.77 19.88 -25.91
C LEU A 60 18.92 19.16 -27.25
N ILE A 61 18.45 17.92 -27.41
CA ILE A 61 18.57 17.17 -28.67
C ILE A 61 17.80 17.87 -29.79
N SER A 62 16.79 18.66 -29.44
CA SER A 62 16.00 19.45 -30.40
C SER A 62 16.87 20.53 -31.09
N SER A 63 17.93 20.97 -30.40
CA SER A 63 18.86 22.00 -30.85
C SER A 63 20.11 21.41 -31.52
N GLN A 64 20.15 20.08 -31.74
CA GLN A 64 21.27 19.36 -32.35
C GLN A 64 22.60 19.61 -31.63
N VAL A 65 22.61 19.31 -30.31
CA VAL A 65 23.79 19.41 -29.48
C VAL A 65 24.80 18.34 -29.91
N TYR A 66 26.08 18.68 -29.89
CA TYR A 66 27.16 17.74 -30.19
C TYR A 66 27.63 17.00 -28.92
N ALA A 67 27.37 17.58 -27.74
CA ALA A 67 27.72 17.05 -26.40
C ALA A 67 26.87 17.72 -25.33
N ILE A 68 26.71 17.06 -24.19
CA ILE A 68 25.97 17.63 -23.06
C ILE A 68 26.83 17.59 -21.78
N LEU A 69 27.10 18.77 -21.23
CA LEU A 69 27.78 18.91 -19.93
C LEU A 69 26.72 18.65 -18.83
N VAL A 70 27.10 17.96 -17.76
CA VAL A 70 26.14 17.64 -16.68
C VAL A 70 26.76 17.83 -15.34
N SER A 71 26.14 18.64 -14.49
CA SER A 71 26.60 18.80 -13.11
C SER A 71 25.70 17.94 -12.21
N HIS A 72 26.21 17.54 -11.04
CA HIS A 72 25.41 16.80 -10.06
C HIS A 72 24.51 17.89 -9.42
N PRO A 73 23.18 17.66 -9.34
CA PRO A 73 22.26 18.73 -8.88
C PRO A 73 22.43 19.31 -7.45
N PRO A 74 21.71 20.44 -7.10
CA PRO A 74 21.80 20.98 -5.71
C PRO A 74 21.04 20.12 -4.68
N LEU A 80 18.25 12.44 -7.36
CA LEU A 80 18.44 13.18 -8.61
C LEU A 80 19.89 13.06 -9.09
N THR A 81 20.14 12.40 -10.26
CA THR A 81 21.49 12.12 -10.79
C THR A 81 21.67 12.37 -12.30
N PRO A 82 22.91 12.25 -12.83
CA PRO A 82 23.11 12.43 -14.29
C PRO A 82 22.55 11.28 -15.15
N THR A 83 22.20 10.11 -14.55
CA THR A 83 21.74 8.88 -15.23
C THR A 83 20.73 9.15 -16.35
N PRO A 84 19.53 9.78 -16.11
CA PRO A 84 18.58 9.98 -17.23
C PRO A 84 19.17 10.78 -18.39
N ILE A 85 20.06 11.74 -18.11
CA ILE A 85 20.76 12.48 -19.18
C ILE A 85 21.70 11.53 -19.94
N SER A 86 22.47 10.72 -19.21
CA SER A 86 23.42 9.78 -19.79
C SER A 86 22.70 8.78 -20.69
N TYR A 87 21.61 8.21 -20.20
CA TYR A 87 20.78 7.23 -20.86
C TYR A 87 20.16 7.78 -22.15
N THR A 88 19.48 8.97 -22.08
CA THR A 88 18.80 9.59 -23.22
C THR A 88 19.81 10.00 -24.30
N ALA A 89 20.88 10.71 -23.92
CA ALA A 89 21.90 11.13 -24.87
C ALA A 89 22.67 9.93 -25.46
N GLY A 90 22.93 8.91 -24.60
CA GLY A 90 23.62 7.68 -24.94
C GLY A 90 22.90 6.88 -25.99
N PHE A 91 21.55 6.98 -26.03
CA PHE A 91 20.71 6.33 -27.02
C PHE A 91 21.19 6.75 -28.43
N TYR A 92 21.60 8.02 -28.58
CA TYR A 92 22.03 8.61 -29.84
C TYR A 92 23.51 8.65 -29.98
N ARG A 93 24.23 8.26 -28.93
CA ARG A 93 25.68 8.29 -28.84
C ARG A 93 26.19 9.76 -28.85
N ILE A 94 25.41 10.65 -28.18
CA ILE A 94 25.79 12.03 -27.97
C ILE A 94 26.62 11.99 -26.66
N PRO A 95 27.93 12.32 -26.75
CA PRO A 95 28.79 12.30 -25.54
C PRO A 95 28.27 13.17 -24.43
N VAL A 96 28.37 12.67 -23.20
CA VAL A 96 27.97 13.37 -21.99
C VAL A 96 29.23 13.63 -21.17
N ILE A 97 29.37 14.87 -20.61
CA ILE A 97 30.50 15.25 -19.78
C ILE A 97 30.04 15.54 -18.34
N GLY A 98 30.27 14.60 -17.45
CA GLY A 98 30.01 14.74 -16.03
C GLY A 98 31.02 15.70 -15.42
N LEU A 99 30.53 16.78 -14.82
CA LEU A 99 31.37 17.79 -14.22
C LEU A 99 31.68 17.52 -12.76
N THR A 100 30.74 16.92 -11.97
CA THR A 100 30.99 16.75 -10.53
C THR A 100 30.60 15.37 -9.93
N THR A 101 30.07 14.47 -10.70
CA THR A 101 29.68 13.10 -10.31
C THR A 101 30.87 12.18 -10.06
N ARG A 102 30.95 11.66 -8.83
CA ARG A 102 32.10 10.84 -8.41
C ARG A 102 31.74 9.37 -8.25
N MET A 103 30.50 9.00 -8.51
CA MET A 103 30.10 7.61 -8.35
C MET A 103 30.72 6.77 -9.45
N SER A 104 31.38 5.67 -9.03
CA SER A 104 32.07 4.72 -9.88
C SER A 104 31.22 4.14 -10.98
N ILE A 105 29.91 3.92 -10.74
CA ILE A 105 28.96 3.32 -11.71
C ILE A 105 29.01 3.99 -13.12
N TYR A 106 29.26 5.32 -13.17
CA TYR A 106 29.41 6.07 -14.42
C TYR A 106 30.64 5.68 -15.21
N SER A 107 31.51 4.81 -14.67
CA SER A 107 32.71 4.38 -15.42
C SER A 107 32.39 3.13 -16.24
N ASP A 108 31.19 2.52 -16.02
CA ASP A 108 30.73 1.30 -16.72
C ASP A 108 30.16 1.62 -18.11
N LYS A 109 31.02 1.48 -19.11
CA LYS A 109 30.89 1.66 -20.58
C LYS A 109 29.68 0.92 -21.14
N SER A 110 29.34 -0.21 -20.51
CA SER A 110 28.29 -1.14 -20.82
C SER A 110 26.91 -0.46 -20.62
N ILE A 111 26.79 0.40 -19.60
CA ILE A 111 25.54 1.09 -19.31
C ILE A 111 25.66 2.65 -19.51
N HIS A 112 26.84 3.29 -19.28
CA HIS A 112 27.05 4.72 -19.61
C HIS A 112 27.87 4.77 -20.94
N LEU A 113 27.12 4.68 -22.03
CA LEU A 113 27.54 4.49 -23.41
C LEU A 113 28.47 5.56 -24.02
N SER A 114 28.36 6.81 -23.60
CA SER A 114 29.23 7.86 -24.15
C SER A 114 29.41 8.90 -23.06
N PHE A 115 30.18 8.53 -22.03
CA PHE A 115 30.28 9.37 -20.87
C PHE A 115 31.70 9.67 -20.46
N LEU A 116 32.00 10.95 -20.29
CA LEU A 116 33.34 11.33 -19.78
C LEU A 116 33.12 12.26 -18.61
N ARG A 117 34.10 12.40 -17.74
CA ARG A 117 33.99 13.32 -16.58
C ARG A 117 35.28 14.00 -16.26
N THR A 118 35.19 15.26 -15.85
CA THR A 118 36.35 16.10 -15.48
C THR A 118 36.78 15.88 -14.03
N VAL A 119 36.03 15.09 -13.25
CA VAL A 119 36.33 14.67 -11.86
C VAL A 119 36.55 13.13 -11.89
N PRO A 120 37.49 12.53 -11.09
CA PRO A 120 37.62 11.06 -11.11
C PRO A 120 36.56 10.35 -10.24
N PRO A 121 36.31 9.02 -10.40
CA PRO A 121 35.38 8.37 -9.46
C PRO A 121 36.05 8.17 -8.07
N TYR A 122 35.21 7.99 -7.02
CA TYR A 122 35.75 7.73 -5.68
C TYR A 122 36.77 6.55 -5.65
N SER A 123 36.64 5.57 -6.54
CA SER A 123 37.55 4.43 -6.56
C SER A 123 38.98 4.79 -6.91
N HIS A 124 39.18 5.93 -7.61
CA HIS A 124 40.51 6.40 -8.01
C HIS A 124 41.35 6.96 -6.85
N GLN A 125 40.73 7.08 -5.65
CA GLN A 125 41.36 7.48 -4.40
C GLN A 125 42.38 6.38 -4.01
N ALA A 126 42.21 5.13 -4.53
CA ALA A 126 43.18 4.04 -4.32
C ALA A 126 44.58 4.41 -4.85
N LEU A 127 44.67 5.25 -5.92
CA LEU A 127 45.91 5.76 -6.49
C LEU A 127 46.69 6.59 -5.42
N VAL A 128 45.95 7.35 -4.61
CA VAL A 128 46.55 8.15 -3.54
C VAL A 128 46.97 7.27 -2.41
N TRP A 129 46.12 6.31 -1.99
CA TRP A 129 46.43 5.39 -0.90
C TRP A 129 47.66 4.59 -1.19
N PHE A 130 47.78 4.08 -2.43
CA PHE A 130 48.90 3.28 -2.89
C PHE A 130 50.19 4.08 -2.76
N GLU A 131 50.20 5.33 -3.26
CA GLU A 131 51.34 6.25 -3.16
C GLU A 131 51.71 6.55 -1.70
N MET A 132 50.69 6.68 -0.84
CA MET A 132 50.77 6.90 0.60
C MET A 132 51.37 5.69 1.30
N MET A 133 51.05 4.49 0.82
CA MET A 133 51.57 3.22 1.34
C MET A 133 53.03 3.08 1.00
N ARG A 134 53.42 3.44 -0.24
CA ARG A 134 54.84 3.42 -0.69
C ARG A 134 55.65 4.40 0.13
N LEU A 135 55.12 5.60 0.36
CA LEU A 135 55.75 6.65 1.13
C LEU A 135 55.92 6.32 2.62
N PHE A 136 54.88 5.81 3.27
CA PHE A 136 54.98 5.55 4.72
C PHE A 136 55.40 4.11 5.07
N ASN A 137 55.65 3.30 4.04
CA ASN A 137 56.13 1.92 4.14
C ASN A 137 55.18 1.02 4.94
N TRP A 138 53.88 1.11 4.58
CA TRP A 138 52.79 0.30 5.11
C TRP A 138 52.66 -0.86 4.12
N ASN A 139 53.47 -1.90 4.36
CA ASN A 139 53.52 -3.07 3.49
C ASN A 139 52.39 -4.08 3.74
N HIS A 140 51.68 -3.92 4.85
CA HIS A 140 50.56 -4.79 5.19
C HIS A 140 49.38 -3.95 5.64
N VAL A 141 48.27 -4.05 4.89
CA VAL A 141 47.04 -3.31 5.15
C VAL A 141 45.81 -4.21 5.25
N ILE A 142 44.78 -3.74 5.95
CA ILE A 142 43.45 -4.36 6.03
C ILE A 142 42.54 -3.41 5.28
N LEU A 143 41.79 -3.94 4.31
CA LEU A 143 40.85 -3.13 3.54
C LEU A 143 39.41 -3.50 3.95
N ILE A 144 38.63 -2.51 4.39
CA ILE A 144 37.23 -2.69 4.78
C ILE A 144 36.41 -1.90 3.76
N VAL A 145 35.57 -2.58 2.99
CA VAL A 145 34.72 -1.95 2.00
C VAL A 145 33.27 -2.32 2.22
N SER A 146 32.36 -1.42 1.80
CA SER A 146 30.92 -1.72 1.82
C SER A 146 30.63 -2.68 0.64
N ASP A 147 29.68 -3.59 0.81
CA ASP A 147 29.35 -4.53 -0.25
C ASP A 147 28.30 -3.92 -1.18
N ASP A 148 28.71 -2.86 -1.89
CA ASP A 148 27.94 -2.13 -2.89
C ASP A 148 28.91 -1.90 -4.07
N HIS A 149 28.41 -1.34 -5.17
CA HIS A 149 29.20 -1.06 -6.35
C HIS A 149 30.43 -0.23 -5.99
N GLU A 150 30.22 0.88 -5.20
CA GLU A 150 31.26 1.81 -4.78
C GLU A 150 32.39 1.14 -4.01
N GLY A 151 32.03 0.39 -2.95
CA GLY A 151 32.98 -0.33 -2.10
C GLY A 151 33.82 -1.30 -2.90
N ARG A 152 33.17 -2.08 -3.78
CA ARG A 152 33.81 -3.07 -4.63
C ARG A 152 34.71 -2.45 -5.69
N ALA A 153 34.29 -1.28 -6.27
CA ALA A 153 35.08 -0.49 -7.24
C ALA A 153 36.41 -0.08 -6.61
N ALA A 154 36.40 0.31 -5.31
CA ALA A 154 37.62 0.73 -4.60
C ALA A 154 38.55 -0.44 -4.38
N GLN A 155 37.97 -1.57 -4.01
CA GLN A 155 38.71 -2.82 -3.79
C GLN A 155 39.38 -3.26 -5.10
N LYS A 156 38.58 -3.34 -6.21
CA LYS A 156 39.08 -3.68 -7.56
C LYS A 156 40.25 -2.76 -7.92
N LYS A 157 40.08 -1.43 -7.79
CA LYS A 157 41.13 -0.45 -8.07
C LYS A 157 42.41 -0.64 -7.19
N LEU A 158 42.27 -0.81 -5.86
CA LEU A 158 43.44 -0.99 -4.99
C LEU A 158 44.18 -2.32 -5.28
N GLU A 159 43.42 -3.42 -5.46
CA GLU A 159 43.96 -4.76 -5.77
C GLU A 159 44.76 -4.78 -7.07
N THR A 160 44.34 -3.99 -8.06
CA THR A 160 45.02 -3.86 -9.35
C THR A 160 46.41 -3.24 -9.12
N LEU A 161 46.48 -2.17 -8.31
CA LEU A 161 47.73 -1.47 -8.00
C LEU A 161 48.67 -2.35 -7.20
N LEU A 162 48.13 -3.12 -6.25
CA LEU A 162 48.91 -4.04 -5.42
C LEU A 162 49.45 -5.25 -6.20
N GLU A 163 48.78 -5.63 -7.32
CA GLU A 163 49.12 -6.73 -8.23
C GLU A 163 49.41 -6.19 -9.65
N GLY A 187 55.53 -5.94 -3.37
CA GLY A 187 55.74 -4.81 -2.47
C GLY A 187 54.71 -4.69 -1.37
N PRO A 188 53.86 -3.63 -1.40
CA PRO A 188 52.80 -3.51 -0.37
C PRO A 188 51.65 -4.46 -0.71
N LYS A 189 51.13 -5.17 0.31
CA LYS A 189 50.08 -6.17 0.15
C LYS A 189 48.89 -5.92 1.07
N ALA A 190 47.69 -6.37 0.64
CA ALA A 190 46.49 -6.28 1.46
C ALA A 190 46.29 -7.62 2.16
N ASP A 191 46.74 -7.71 3.42
CA ASP A 191 46.65 -8.92 4.24
C ASP A 191 45.25 -9.57 4.20
N LYS A 192 44.18 -8.75 4.24
CA LYS A 192 42.78 -9.20 4.12
C LYS A 192 41.85 -8.09 3.65
N VAL A 193 40.80 -8.49 2.96
CA VAL A 193 39.71 -7.61 2.54
C VAL A 193 38.48 -8.06 3.32
N LEU A 194 37.74 -7.11 3.90
CA LEU A 194 36.51 -7.41 4.64
C LEU A 194 35.40 -6.54 4.08
N GLN A 195 34.30 -7.17 3.67
CA GLN A 195 33.13 -6.46 3.13
C GLN A 195 32.01 -6.55 4.14
N PHE A 196 31.15 -5.53 4.17
CA PHE A 196 30.00 -5.50 5.09
C PHE A 196 28.73 -5.10 4.32
N GLU A 197 27.56 -5.45 4.86
CA GLU A 197 26.32 -5.07 4.19
C GLU A 197 26.03 -3.60 4.45
N PRO A 198 25.84 -2.78 3.38
CA PRO A 198 25.46 -1.37 3.60
C PRO A 198 24.24 -1.29 4.54
N GLY A 199 24.25 -0.32 5.44
CA GLY A 199 23.18 -0.13 6.41
C GLY A 199 23.33 -0.88 7.72
N THR A 200 24.30 -1.81 7.83
CA THR A 200 24.57 -2.59 9.05
C THR A 200 25.12 -1.65 10.13
N LYS A 201 24.49 -1.67 11.33
CA LYS A 201 24.87 -0.82 12.44
C LYS A 201 25.83 -1.51 13.40
N ASN A 202 25.68 -2.83 13.60
CA ASN A 202 26.57 -3.58 14.50
C ASN A 202 27.68 -4.25 13.70
N LEU A 203 28.80 -3.53 13.53
CA LEU A 203 29.95 -4.04 12.78
C LEU A 203 31.08 -4.65 13.65
N THR A 204 30.78 -4.96 14.93
CA THR A 204 31.79 -5.48 15.86
C THR A 204 32.25 -6.91 15.46
N ALA A 205 31.45 -7.66 14.69
CA ALA A 205 31.91 -8.98 14.23
C ALA A 205 33.03 -8.82 13.17
N LEU A 206 32.79 -7.93 12.17
CA LEU A 206 33.73 -7.61 11.10
C LEU A 206 35.04 -7.02 11.69
N LEU A 207 34.93 -6.01 12.57
CA LEU A 207 36.09 -5.36 13.16
C LEU A 207 36.89 -6.27 14.10
N LEU A 208 36.24 -7.27 14.73
CA LEU A 208 36.92 -8.25 15.59
C LEU A 208 37.82 -9.16 14.77
N GLU A 209 37.41 -9.44 13.50
CA GLU A 209 38.21 -10.22 12.54
C GLU A 209 39.50 -9.48 12.25
N ALA A 210 39.36 -8.18 11.91
CA ALA A 210 40.43 -7.22 11.61
C ALA A 210 41.40 -7.03 12.82
N LYS A 211 40.86 -7.04 14.05
CA LYS A 211 41.67 -6.83 15.25
C LYS A 211 42.65 -7.99 15.48
N GLU A 212 42.20 -9.24 15.19
CA GLU A 212 42.95 -10.49 15.33
C GLU A 212 44.21 -10.51 14.44
N LEU A 213 44.17 -9.85 13.27
CA LEU A 213 45.26 -9.78 12.29
C LEU A 213 46.48 -8.97 12.75
N GLU A 214 47.64 -9.30 12.17
CA GLU A 214 48.92 -8.66 12.47
C GLU A 214 48.98 -7.21 12.04
N ALA A 215 48.38 -6.92 10.87
CA ALA A 215 48.32 -5.58 10.26
C ALA A 215 47.46 -4.63 11.06
N ARG A 216 47.99 -3.41 11.23
CA ARG A 216 47.38 -2.34 11.99
C ARG A 216 47.05 -1.08 11.14
N VAL A 217 47.14 -1.19 9.78
CA VAL A 217 46.78 -0.13 8.84
C VAL A 217 45.44 -0.50 8.21
N ILE A 218 44.41 0.27 8.50
CA ILE A 218 43.05 0.02 8.03
C ILE A 218 42.64 1.06 6.97
N ILE A 219 42.28 0.57 5.78
CA ILE A 219 41.78 1.39 4.67
C ILE A 219 40.27 1.12 4.59
N LEU A 220 39.46 2.18 4.63
CA LEU A 220 38.01 2.08 4.58
C LEU A 220 37.42 2.74 3.34
N SER A 221 36.39 2.10 2.77
CA SER A 221 35.57 2.58 1.66
C SER A 221 34.13 2.33 2.05
N ALA A 222 33.38 3.40 2.28
CA ALA A 222 31.99 3.39 2.73
C ALA A 222 31.39 4.79 2.56
N SER A 223 30.06 4.88 2.56
CA SER A 223 29.33 6.14 2.45
C SER A 223 29.39 6.81 3.81
N GLU A 224 28.96 8.10 3.94
CA GLU A 224 28.95 8.82 5.23
C GLU A 224 28.32 8.01 6.36
N ASP A 225 27.10 7.46 6.11
CA ASP A 225 26.34 6.73 7.13
C ASP A 225 27.00 5.43 7.53
N ASP A 226 27.61 4.72 6.57
CA ASP A 226 28.30 3.47 6.84
C ASP A 226 29.66 3.68 7.53
N ALA A 227 30.36 4.77 7.19
CA ALA A 227 31.64 5.10 7.80
C ALA A 227 31.42 5.38 9.29
N THR A 228 30.28 6.06 9.63
CA THR A 228 29.85 6.39 10.99
C THR A 228 29.72 5.11 11.85
N ALA A 229 29.06 4.09 11.30
CA ALA A 229 28.88 2.82 11.98
C ALA A 229 30.23 2.09 12.25
N VAL A 230 31.18 2.20 11.30
CA VAL A 230 32.51 1.59 11.43
C VAL A 230 33.26 2.30 12.55
N TYR A 231 33.23 3.63 12.54
CA TYR A 231 33.90 4.46 13.55
C TYR A 231 33.39 4.16 14.95
N LYS A 232 32.05 4.13 15.14
CA LYS A 232 31.41 3.78 16.41
C LYS A 232 31.87 2.38 16.91
N SER A 233 31.79 1.35 16.06
CA SER A 233 32.21 -0.01 16.38
C SER A 233 33.71 -0.12 16.71
N ALA A 234 34.56 0.50 15.87
CA ALA A 234 36.02 0.50 16.03
C ALA A 234 36.45 1.13 17.33
N ALA A 235 35.76 2.22 17.76
CA ALA A 235 36.05 2.94 19.00
C ALA A 235 35.67 2.09 20.21
N MET A 236 34.60 1.29 20.07
CA MET A 236 34.15 0.39 21.11
C MET A 236 35.10 -0.77 21.30
N LEU A 237 35.75 -1.24 20.21
CA LEU A 237 36.73 -2.33 20.23
C LEU A 237 38.16 -1.81 20.47
N ASP A 238 38.29 -0.53 20.87
CA ASP A 238 39.54 0.17 21.17
C ASP A 238 40.58 -0.07 20.08
N MET A 239 40.20 0.32 18.85
CA MET A 239 40.95 0.14 17.60
C MET A 239 41.23 1.48 16.93
N THR A 240 40.93 2.59 17.63
CA THR A 240 41.09 3.94 17.08
C THR A 240 42.21 4.70 17.78
N GLY A 241 43.05 3.96 18.51
CA GLY A 241 44.17 4.51 19.28
C GLY A 241 45.55 4.16 18.76
N ALA A 242 46.57 4.32 19.61
CA ALA A 242 47.97 4.07 19.28
C ALA A 242 48.23 2.70 18.67
N GLY A 243 49.07 2.67 17.63
CA GLY A 243 49.41 1.47 16.88
C GLY A 243 48.59 1.30 15.62
N TYR A 244 47.35 1.88 15.59
CA TYR A 244 46.43 1.85 14.45
C TYR A 244 46.60 3.06 13.55
N VAL A 245 46.39 2.85 12.25
CA VAL A 245 46.41 3.88 11.21
C VAL A 245 45.12 3.71 10.41
N TRP A 246 44.35 4.82 10.21
CA TRP A 246 43.11 4.83 9.41
C TRP A 246 43.33 5.70 8.18
N LEU A 247 43.16 5.09 7.01
CA LEU A 247 43.33 5.71 5.70
C LEU A 247 41.99 5.59 5.01
N VAL A 248 41.42 6.73 4.69
CA VAL A 248 40.05 6.85 4.22
C VAL A 248 39.98 7.80 3.02
N GLY A 249 38.80 7.92 2.40
CA GLY A 249 38.56 8.82 1.28
C GLY A 249 37.80 10.08 1.66
N GLU A 250 37.03 10.65 0.72
CA GLU A 250 36.32 11.91 0.93
C GLU A 250 34.99 11.73 1.64
N ARG A 251 34.18 10.77 1.15
CA ARG A 251 32.88 10.45 1.69
C ARG A 251 32.94 10.11 3.20
N GLU A 252 34.04 9.48 3.67
CA GLU A 252 34.22 9.01 5.06
C GLU A 252 34.71 10.11 6.05
N ILE A 253 34.96 11.32 5.55
CA ILE A 253 35.38 12.47 6.35
C ILE A 253 34.43 13.64 6.05
N SER A 254 33.21 13.33 5.65
CA SER A 254 32.16 14.26 5.29
C SER A 254 30.95 14.08 6.15
N GLY A 255 30.18 15.16 6.33
CA GLY A 255 28.93 15.13 7.07
C GLY A 255 29.00 14.43 8.41
N SER A 256 28.06 13.48 8.65
CA SER A 256 27.98 12.71 9.90
C SER A 256 29.24 11.89 10.17
N ALA A 257 29.90 11.38 9.08
CA ALA A 257 31.10 10.54 9.18
C ALA A 257 32.22 11.26 9.96
N LEU A 258 32.27 12.59 9.83
CA LEU A 258 33.23 13.42 10.52
C LEU A 258 32.95 13.53 12.04
N ARG A 259 31.66 13.55 12.45
CA ARG A 259 31.25 13.66 13.87
C ARG A 259 31.79 12.55 14.76
N TYR A 260 31.88 11.33 14.23
CA TYR A 260 32.31 10.16 14.99
C TYR A 260 33.68 9.64 14.58
N ALA A 261 34.35 10.33 13.62
CA ALA A 261 35.64 9.93 13.08
C ALA A 261 36.72 9.92 14.16
N PRO A 262 37.61 8.88 14.21
CA PRO A 262 38.68 8.90 15.23
C PRO A 262 39.69 10.03 14.92
N ASP A 263 40.31 10.59 15.95
CA ASP A 263 41.33 11.59 15.71
C ASP A 263 42.54 10.84 15.16
N GLY A 264 43.28 11.48 14.29
CA GLY A 264 44.46 10.86 13.66
C GLY A 264 44.16 10.30 12.30
N ILE A 265 42.89 10.14 11.95
CA ILE A 265 42.46 9.67 10.64
C ILE A 265 43.08 10.49 9.51
N ILE A 266 43.35 9.83 8.38
CA ILE A 266 43.86 10.44 7.15
C ILE A 266 42.77 10.21 6.13
N GLY A 267 42.33 11.28 5.50
CA GLY A 267 41.29 11.26 4.49
C GLY A 267 41.69 12.12 3.32
N LEU A 268 40.86 12.16 2.28
CA LEU A 268 41.16 12.95 1.09
C LEU A 268 40.02 13.89 0.79
N GLN A 269 40.31 14.97 0.06
CA GLN A 269 39.35 15.93 -0.46
C GLN A 269 39.83 16.29 -1.87
N LEU A 270 38.99 16.03 -2.89
CA LEU A 270 39.36 16.32 -4.27
C LEU A 270 39.34 17.84 -4.45
N ILE A 271 40.50 18.44 -4.75
CA ILE A 271 40.62 19.91 -4.92
C ILE A 271 39.71 20.35 -6.08
N ASN A 272 38.80 21.30 -5.82
CA ASN A 272 37.77 21.85 -6.75
C ASN A 272 36.66 20.87 -7.10
N GLY A 273 36.65 19.71 -6.44
CA GLY A 273 35.73 18.62 -6.70
C GLY A 273 34.27 19.05 -6.79
N LYS A 274 33.95 20.05 -6.03
CA LYS A 274 32.60 20.59 -5.90
C LYS A 274 32.42 21.96 -6.59
N ASN A 275 33.49 22.55 -7.18
CA ASN A 275 33.37 23.83 -7.89
C ASN A 275 32.83 23.57 -9.29
N GLU A 276 31.51 23.68 -9.47
CA GLU A 276 30.80 23.50 -10.75
C GLU A 276 31.26 24.56 -11.78
N SER A 277 31.54 25.80 -11.33
CA SER A 277 32.03 26.89 -12.17
C SER A 277 33.39 26.55 -12.80
N ALA A 278 34.34 26.03 -12.02
CA ALA A 278 35.66 25.63 -12.51
C ALA A 278 35.54 24.50 -13.54
N HIS A 279 34.67 23.50 -13.26
CA HIS A 279 34.46 22.35 -14.15
C HIS A 279 33.72 22.73 -15.43
N ILE A 280 32.80 23.71 -15.38
CA ILE A 280 32.11 24.22 -16.59
C ILE A 280 33.20 24.79 -17.51
N SER A 281 34.06 25.66 -16.93
CA SER A 281 35.16 26.33 -17.62
C SER A 281 36.10 25.33 -18.31
N ASP A 282 36.51 24.27 -17.61
CA ASP A 282 37.44 23.28 -18.16
C ASP A 282 36.78 22.34 -19.18
N ALA A 283 35.57 21.81 -18.88
CA ALA A 283 34.81 20.98 -19.82
C ALA A 283 34.52 21.71 -21.15
N VAL A 284 34.18 23.02 -21.11
CA VAL A 284 33.95 23.82 -22.32
C VAL A 284 35.28 23.94 -23.10
N ALA A 285 36.39 24.18 -22.42
CA ALA A 285 37.69 24.28 -23.09
C ALA A 285 38.04 22.95 -23.82
N VAL A 286 37.84 21.82 -23.15
CA VAL A 286 38.08 20.48 -23.69
C VAL A 286 37.14 20.23 -24.90
N VAL A 287 35.83 20.49 -24.73
CA VAL A 287 34.84 20.27 -25.77
C VAL A 287 35.10 21.14 -27.00
N ALA A 288 35.41 22.43 -26.78
CA ALA A 288 35.68 23.38 -27.86
C ALA A 288 36.84 22.93 -28.73
N GLN A 289 37.93 22.51 -28.09
CA GLN A 289 39.12 21.98 -28.74
C GLN A 289 38.80 20.70 -29.52
N ALA A 290 37.99 19.81 -28.93
CA ALA A 290 37.57 18.54 -29.55
C ALA A 290 36.70 18.79 -30.79
N ILE A 291 35.78 19.79 -30.73
CA ILE A 291 34.90 20.15 -31.88
C ILE A 291 35.76 20.58 -33.05
N HIS A 292 36.70 21.50 -32.81
CA HIS A 292 37.59 22.02 -33.83
C HIS A 292 38.49 20.93 -34.41
N GLU A 293 38.98 20.00 -33.59
CA GLU A 293 39.80 18.86 -34.01
C GLU A 293 38.94 17.91 -34.87
N LEU A 294 37.64 17.70 -34.47
CA LEU A 294 36.70 16.88 -35.22
C LEU A 294 36.47 17.42 -36.64
N PHE A 295 36.16 18.74 -36.78
CA PHE A 295 35.88 19.38 -38.08
C PHE A 295 37.11 19.48 -38.98
N GLU A 296 38.29 18.97 -38.52
CA GLU A 296 39.50 18.88 -39.34
C GLU A 296 39.35 17.63 -40.21
N MET A 297 38.47 16.70 -39.80
CA MET A 297 38.18 15.43 -40.48
C MET A 297 37.02 15.58 -41.45
N GLU A 298 36.88 14.59 -42.33
CA GLU A 298 35.86 14.59 -43.35
C GLU A 298 34.65 13.74 -42.94
N ASN A 299 33.56 13.94 -43.69
CA ASN A 299 32.29 13.22 -43.56
C ASN A 299 31.73 13.28 -42.11
N ILE A 300 31.62 14.50 -41.58
CA ILE A 300 31.11 14.80 -40.26
C ILE A 300 29.62 15.09 -40.36
N THR A 301 28.80 14.21 -39.80
CA THR A 301 27.35 14.37 -39.81
C THR A 301 26.86 15.14 -38.60
N ASP A 302 25.68 15.74 -38.72
CA ASP A 302 25.04 16.47 -37.64
C ASP A 302 24.30 15.51 -36.71
N PRO A 303 24.18 15.82 -35.40
CA PRO A 303 23.40 14.97 -34.52
C PRO A 303 21.92 15.03 -34.95
N PRO A 304 21.06 14.10 -34.47
CA PRO A 304 19.64 14.17 -34.87
C PRO A 304 18.99 15.44 -34.35
N ARG A 305 18.01 16.01 -35.09
CA ARG A 305 17.31 17.21 -34.61
C ARG A 305 16.08 16.66 -33.93
N GLY A 306 16.08 16.71 -32.60
CA GLY A 306 15.00 16.17 -31.78
C GLY A 306 15.00 14.65 -31.66
N CYS A 307 14.21 14.14 -30.70
CA CYS A 307 14.10 12.69 -30.50
C CYS A 307 13.01 12.05 -31.34
N VAL A 308 11.83 12.69 -31.47
CA VAL A 308 10.68 12.10 -32.18
C VAL A 308 11.05 11.61 -33.58
N GLY A 309 10.73 10.34 -33.84
CA GLY A 309 11.01 9.66 -35.10
C GLY A 309 12.45 9.24 -35.33
N ASN A 310 13.39 9.59 -34.43
CA ASN A 310 14.81 9.27 -34.60
C ASN A 310 15.25 8.19 -33.67
N THR A 311 15.54 7.00 -34.25
CA THR A 311 15.92 5.82 -33.48
C THR A 311 17.33 5.28 -33.84
N ASN A 312 18.02 5.93 -34.77
CA ASN A 312 19.39 5.53 -35.12
C ASN A 312 20.33 6.40 -34.34
N ILE A 313 21.53 5.85 -34.05
CA ILE A 313 22.59 6.57 -33.36
C ILE A 313 23.15 7.66 -34.28
N TRP A 314 23.84 8.65 -33.71
CA TRP A 314 24.51 9.68 -34.48
C TRP A 314 25.79 9.03 -34.98
N LYS A 315 25.91 8.87 -36.30
CA LYS A 315 27.03 8.22 -36.99
C LYS A 315 28.41 8.82 -36.63
N THR A 316 28.48 10.12 -36.30
CA THR A 316 29.75 10.76 -35.91
C THR A 316 30.00 10.68 -34.37
N GLY A 317 29.02 10.18 -33.63
CA GLY A 317 29.11 10.02 -32.18
C GLY A 317 30.36 9.26 -31.77
N PRO A 318 30.56 8.02 -32.29
CA PRO A 318 31.77 7.25 -31.93
C PRO A 318 33.10 7.95 -32.26
N LEU A 319 33.20 8.66 -33.40
CA LEU A 319 34.41 9.38 -33.75
C LEU A 319 34.60 10.54 -32.77
N PHE A 320 33.51 11.31 -32.48
CA PHE A 320 33.56 12.39 -31.53
C PHE A 320 33.95 11.93 -30.12
N LYS A 321 33.47 10.73 -29.71
CA LYS A 321 33.83 10.12 -28.42
C LYS A 321 35.35 9.87 -28.38
N ARG A 322 35.93 9.22 -29.46
CA ARG A 322 37.36 8.94 -29.57
C ARG A 322 38.19 10.25 -29.49
N VAL A 323 37.79 11.31 -30.25
CA VAL A 323 38.43 12.62 -30.24
C VAL A 323 38.44 13.19 -28.79
N LEU A 324 37.32 13.10 -28.05
CA LEU A 324 37.21 13.55 -26.63
C LEU A 324 38.07 12.75 -25.66
N MET A 325 37.97 11.40 -25.72
CA MET A 325 38.72 10.46 -24.86
C MET A 325 40.22 10.71 -24.93
N SER A 326 40.69 11.33 -26.02
CA SER A 326 42.12 11.52 -26.28
C SER A 326 42.54 12.97 -26.29
N SER A 327 41.67 13.85 -25.80
CA SER A 327 41.94 15.28 -25.71
C SER A 327 42.80 15.49 -24.48
N LYS A 328 43.74 16.46 -24.58
CA LYS A 328 44.65 16.88 -23.50
C LYS A 328 44.53 18.39 -23.41
N TYR A 329 44.21 18.91 -22.23
CA TYR A 329 44.13 20.34 -21.95
C TYR A 329 45.02 20.55 -20.75
N PRO A 330 46.27 21.03 -20.94
CA PRO A 330 47.21 21.10 -19.81
C PRO A 330 46.96 22.22 -18.82
N ASP A 331 46.54 23.40 -19.33
CA ASP A 331 46.31 24.62 -18.57
C ASP A 331 44.85 24.77 -18.07
N GLY A 332 44.30 23.70 -17.53
CA GLY A 332 42.94 23.74 -16.99
C GLY A 332 42.91 24.36 -15.62
N VAL A 333 41.81 25.01 -15.27
CA VAL A 333 41.60 25.62 -13.96
C VAL A 333 41.71 24.59 -12.84
N THR A 334 41.29 23.34 -13.12
CA THR A 334 41.32 22.23 -12.15
C THR A 334 42.55 21.36 -12.40
N GLY A 335 43.46 21.84 -13.23
CA GLY A 335 44.69 21.12 -13.55
C GLY A 335 44.82 20.64 -14.98
N ARG A 336 45.64 19.57 -15.13
CA ARG A 336 45.97 18.86 -16.37
C ARG A 336 44.81 17.94 -16.69
N ILE A 337 44.09 18.20 -17.79
CA ILE A 337 42.96 17.38 -18.17
C ILE A 337 43.34 16.36 -19.20
N GLU A 338 43.18 15.10 -18.83
CA GLU A 338 43.32 13.94 -19.69
C GLU A 338 42.29 12.93 -19.17
N PHE A 339 41.90 11.96 -20.03
CA PHE A 339 40.93 10.93 -19.64
C PHE A 339 41.55 9.51 -19.82
N ASN A 340 41.12 8.56 -18.97
CA ASN A 340 41.55 7.20 -19.04
C ASN A 340 40.69 6.36 -19.98
N GLU A 341 40.94 5.04 -20.02
CA GLU A 341 40.26 4.07 -20.89
C GLU A 341 38.75 4.08 -20.69
N ASP A 342 38.29 4.57 -19.51
CA ASP A 342 36.87 4.67 -19.16
C ASP A 342 36.35 6.11 -19.30
N GLY A 343 37.21 7.00 -19.81
CA GLY A 343 36.93 8.43 -19.97
C GLY A 343 36.80 9.17 -18.65
N ASP A 344 37.44 8.64 -17.58
CA ASP A 344 37.49 9.27 -16.26
C ASP A 344 38.74 10.16 -16.20
N ARG A 345 38.64 11.28 -15.47
CA ARG A 345 39.72 12.23 -15.30
C ARG A 345 40.98 11.56 -14.71
N LYS A 346 42.13 11.85 -15.36
CA LYS A 346 43.45 11.49 -14.94
C LYS A 346 44.09 12.77 -14.37
N PHE A 347 45.12 12.61 -13.53
CA PHE A 347 45.91 13.72 -12.94
C PHE A 347 45.10 14.66 -12.05
N ALA A 348 44.11 14.08 -11.34
CA ALA A 348 43.28 14.79 -10.37
C ALA A 348 44.14 15.12 -9.14
N GLN A 349 43.85 16.23 -8.45
CA GLN A 349 44.59 16.66 -7.26
C GLN A 349 43.75 16.59 -6.01
N TYR A 350 44.35 16.05 -4.97
CA TYR A 350 43.68 15.83 -3.68
C TYR A 350 44.42 16.47 -2.53
N SER A 351 43.65 16.96 -1.53
CA SER A 351 44.18 17.46 -0.26
C SER A 351 44.29 16.26 0.65
N ILE A 352 45.47 16.05 1.25
CA ILE A 352 45.64 14.96 2.21
C ILE A 352 45.26 15.56 3.57
N MET A 353 44.10 15.14 4.11
CA MET A 353 43.53 15.65 5.35
C MET A 353 43.83 14.74 6.55
N ASN A 354 44.01 15.34 7.73
CA ASN A 354 44.33 14.66 8.97
C ASN A 354 43.48 15.32 10.09
N LEU A 355 42.76 14.48 10.87
CA LEU A 355 41.90 14.97 11.95
C LEU A 355 42.70 15.17 13.23
N GLN A 356 43.06 16.42 13.53
CA GLN A 356 43.89 16.75 14.70
C GLN A 356 43.05 17.62 15.62
N ASN A 357 42.88 17.16 16.90
CA ASN A 357 42.02 17.78 17.93
C ASN A 357 40.69 18.25 17.30
N ARG A 358 39.98 17.26 16.71
CA ARG A 358 38.67 17.29 16.05
C ARG A 358 38.58 18.32 14.90
N LYS A 359 39.75 18.88 14.44
CA LYS A 359 39.81 19.76 13.26
C LYS A 359 40.46 19.05 12.05
N LEU A 360 39.89 19.23 10.84
CA LEU A 360 40.50 18.70 9.62
C LEU A 360 41.63 19.65 9.18
N VAL A 361 42.87 19.13 9.23
CA VAL A 361 44.10 19.87 8.90
C VAL A 361 44.67 19.29 7.64
N GLN A 362 45.04 20.15 6.71
CA GLN A 362 45.68 19.67 5.49
C GLN A 362 47.16 19.39 5.80
N VAL A 363 47.58 18.14 5.56
CA VAL A 363 48.96 17.74 5.81
C VAL A 363 49.79 17.57 4.52
N GLY A 364 49.14 17.64 3.38
CA GLY A 364 49.82 17.48 2.10
C GLY A 364 48.85 17.53 0.95
N ILE A 365 49.40 17.32 -0.26
CA ILE A 365 48.65 17.24 -1.49
C ILE A 365 49.13 16.08 -2.38
N PHE A 366 48.20 15.46 -3.13
CA PHE A 366 48.55 14.51 -4.17
C PHE A 366 48.31 15.34 -5.42
N ASN A 367 49.40 15.81 -6.05
CA ASN A 367 49.39 16.78 -7.16
C ASN A 367 48.96 16.27 -8.52
N GLY A 368 48.68 14.99 -8.62
CA GLY A 368 48.27 14.35 -9.86
C GLY A 368 49.10 13.12 -10.12
N SER A 369 50.30 13.12 -9.58
CA SER A 369 51.27 12.04 -9.77
C SER A 369 52.19 11.83 -8.57
N TYR A 370 52.28 12.83 -7.67
CA TYR A 370 53.23 12.83 -6.55
C TYR A 370 52.60 13.35 -5.25
N ILE A 371 53.08 12.83 -4.11
CA ILE A 371 52.70 13.36 -2.79
C ILE A 371 53.71 14.49 -2.39
N ILE A 372 53.16 15.65 -1.99
CA ILE A 372 53.92 16.78 -1.49
C ILE A 372 53.45 17.01 -0.05
N GLN A 373 54.30 16.72 0.93
CA GLN A 373 53.95 16.93 2.32
C GLN A 373 54.23 18.40 2.68
N ASN A 374 53.30 19.08 3.35
CA ASN A 374 53.49 20.47 3.79
C ASN A 374 54.16 20.48 5.18
N ASP A 375 54.43 21.67 5.74
CA ASP A 375 55.09 21.83 7.03
C ASP A 375 54.21 21.50 8.26
N ARG A 376 52.92 21.15 8.05
CA ARG A 376 52.03 20.69 9.14
C ARG A 376 52.28 19.20 9.38
N LYS A 377 52.63 18.85 10.59
CA LYS A 377 52.99 17.50 11.03
C LYS A 377 51.75 16.62 11.18
N ILE A 378 51.81 15.35 10.74
CA ILE A 378 50.72 14.37 10.94
C ILE A 378 50.69 13.92 12.41
N ILE A 379 49.49 13.90 13.01
CA ILE A 379 49.25 13.34 14.32
C ILE A 379 48.50 12.04 14.04
N TRP A 380 49.09 10.91 14.40
CA TRP A 380 48.51 9.58 14.16
C TRP A 380 47.50 9.26 15.24
N PRO A 381 46.52 8.32 15.10
CA PRO A 381 45.64 8.01 16.26
C PRO A 381 46.50 7.80 17.54
N GLY A 382 46.48 8.80 18.46
CA GLY A 382 47.34 8.96 19.65
C GLY A 382 48.40 10.08 19.49
N GLY A 383 49.64 9.72 19.07
CA GLY A 383 50.77 10.65 18.88
C GLY A 383 51.55 10.53 17.54
N GLU A 384 52.61 9.65 17.47
CA GLU A 384 53.40 9.39 16.23
C GLU A 384 53.89 7.90 16.04
N THR A 385 52.92 6.94 15.95
CA THR A 385 53.04 5.48 15.69
C THR A 385 54.01 4.71 16.61
N PRO B 2 -17.73 -6.99 -10.42
CA PRO B 2 -16.32 -6.90 -10.00
C PRO B 2 -15.62 -5.60 -10.42
N PRO B 3 -14.64 -5.13 -9.60
CA PRO B 3 -13.89 -3.90 -9.94
C PRO B 3 -13.12 -3.98 -11.26
N SER B 4 -12.96 -2.82 -11.91
CA SER B 4 -12.30 -2.73 -13.21
C SER B 4 -10.90 -2.15 -13.17
N ILE B 5 -9.94 -2.86 -13.78
CA ILE B 5 -8.54 -2.43 -13.91
C ILE B 5 -8.27 -2.03 -15.35
N GLY B 6 -7.64 -0.89 -15.55
CA GLY B 6 -7.31 -0.46 -16.89
C GLY B 6 -5.97 -1.03 -17.32
N ILE B 7 -5.96 -1.71 -18.49
CA ILE B 7 -4.77 -2.27 -19.13
C ILE B 7 -4.58 -1.64 -20.52
N ALA B 8 -3.43 -1.02 -20.76
CA ALA B 8 -3.11 -0.44 -22.06
C ALA B 8 -2.30 -1.43 -22.87
N VAL B 9 -2.79 -1.79 -24.06
CA VAL B 9 -2.08 -2.67 -24.95
C VAL B 9 -1.52 -1.78 -26.04
N ILE B 10 -0.19 -1.51 -25.97
CA ILE B 10 0.51 -0.64 -26.93
C ILE B 10 1.08 -1.46 -28.07
N LEU B 11 0.59 -1.20 -29.28
CA LEU B 11 1.04 -1.86 -30.50
C LEU B 11 1.74 -0.89 -31.45
N VAL B 12 3.03 -1.17 -31.72
CA VAL B 12 3.87 -0.43 -32.65
C VAL B 12 3.97 -1.26 -33.91
N GLY B 13 3.59 -0.66 -35.03
CA GLY B 13 3.63 -1.33 -36.32
C GLY B 13 2.36 -2.04 -36.71
N THR B 14 2.32 -2.51 -37.97
CA THR B 14 1.17 -3.17 -38.62
C THR B 14 0.79 -4.47 -37.91
N SER B 15 -0.42 -4.47 -37.30
CA SER B 15 -0.96 -5.58 -36.52
C SER B 15 -2.48 -5.72 -36.67
N ASP B 16 -2.99 -6.96 -36.59
CA ASP B 16 -4.43 -7.23 -36.70
C ASP B 16 -5.04 -7.05 -35.35
N GLU B 17 -5.65 -5.87 -35.11
CA GLU B 17 -6.30 -5.54 -33.85
C GLU B 17 -7.52 -6.47 -33.64
N VAL B 18 -8.24 -6.83 -34.74
CA VAL B 18 -9.40 -7.74 -34.73
C VAL B 18 -9.01 -9.13 -34.22
N ALA B 19 -7.92 -9.72 -34.77
CA ALA B 19 -7.41 -11.03 -34.37
C ALA B 19 -6.96 -11.03 -32.90
N ILE B 20 -6.36 -9.89 -32.44
CA ILE B 20 -5.93 -9.63 -31.06
C ILE B 20 -7.19 -9.64 -30.16
N LYS B 21 -8.26 -8.95 -30.61
CA LYS B 21 -9.57 -8.92 -29.97
C LYS B 21 -10.28 -10.28 -30.23
N ASP B 22 -9.66 -11.37 -29.73
CA ASP B 22 -10.09 -12.77 -29.74
C ASP B 22 -9.08 -13.63 -28.95
N PHE B 29 -11.32 -15.27 -20.95
CA PHE B 29 -12.27 -15.15 -19.83
C PHE B 29 -11.60 -15.23 -18.46
N HIS B 30 -11.99 -14.32 -17.57
CA HIS B 30 -11.43 -14.24 -16.23
C HIS B 30 -12.51 -14.23 -15.16
N HIS B 31 -12.58 -15.29 -14.32
CA HIS B 31 -13.53 -15.31 -13.21
C HIS B 31 -12.75 -15.32 -11.89
N LEU B 32 -12.07 -14.17 -11.69
CA LEU B 32 -11.18 -13.64 -10.65
C LEU B 32 -11.87 -12.49 -9.87
N SER B 33 -11.19 -11.94 -8.83
CA SER B 33 -11.66 -10.85 -7.96
C SER B 33 -11.76 -9.49 -8.67
N VAL B 34 -11.03 -9.34 -9.80
CA VAL B 34 -10.97 -8.11 -10.58
C VAL B 34 -11.16 -8.37 -12.10
N VAL B 35 -11.60 -7.35 -12.85
CA VAL B 35 -11.85 -7.50 -14.28
C VAL B 35 -11.05 -6.48 -15.13
N PRO B 36 -10.52 -6.88 -16.31
CA PRO B 36 -9.74 -5.92 -17.13
C PRO B 36 -10.55 -5.04 -18.09
N ARG B 37 -10.17 -3.76 -18.23
CA ARG B 37 -10.73 -2.81 -19.20
C ARG B 37 -9.58 -2.51 -20.16
N VAL B 38 -9.50 -3.31 -21.22
CA VAL B 38 -8.44 -3.30 -22.24
C VAL B 38 -8.63 -2.19 -23.28
N GLU B 39 -7.57 -1.42 -23.55
CA GLU B 39 -7.60 -0.36 -24.56
C GLU B 39 -6.40 -0.57 -25.47
N LEU B 40 -6.65 -0.98 -26.73
CA LEU B 40 -5.60 -1.16 -27.74
C LEU B 40 -5.25 0.23 -28.26
N VAL B 41 -3.97 0.55 -28.17
CA VAL B 41 -3.39 1.84 -28.49
C VAL B 41 -2.34 1.66 -29.58
N ALA B 42 -2.39 2.51 -30.62
CA ALA B 42 -1.38 2.50 -31.67
C ALA B 42 -0.32 3.56 -31.37
N MET B 43 0.92 3.26 -31.78
CA MET B 43 2.08 4.13 -31.63
C MET B 43 2.95 3.98 -32.87
N ASN B 44 3.31 5.12 -33.48
CA ASN B 44 4.12 5.10 -34.70
C ASN B 44 5.61 5.18 -34.45
N GLU B 45 6.04 5.91 -33.42
CA GLU B 45 7.47 6.10 -33.16
C GLU B 45 7.98 5.37 -31.93
N THR B 46 9.27 4.94 -31.96
CA THR B 46 9.92 4.18 -30.88
C THR B 46 11.16 4.87 -30.22
N ASP B 47 11.31 6.21 -30.40
CA ASP B 47 12.36 7.00 -29.76
C ASP B 47 11.99 7.23 -28.23
N PRO B 48 12.97 7.61 -27.35
CA PRO B 48 12.62 7.83 -25.93
C PRO B 48 11.45 8.79 -25.69
N LYS B 49 11.43 9.97 -26.36
CA LYS B 49 10.37 10.97 -26.20
C LYS B 49 9.00 10.39 -26.47
N SER B 50 8.85 9.74 -27.63
CA SER B 50 7.60 9.15 -28.09
C SER B 50 7.07 8.13 -27.11
N ILE B 51 7.88 7.15 -26.71
CA ILE B 51 7.47 6.12 -25.75
C ILE B 51 7.10 6.74 -24.39
N ILE B 52 7.96 7.64 -23.84
CA ILE B 52 7.68 8.27 -22.53
C ILE B 52 6.37 9.01 -22.63
N THR B 53 6.22 9.91 -23.64
CA THR B 53 5.02 10.73 -23.87
C THR B 53 3.76 9.85 -24.01
N ARG B 54 3.78 8.82 -24.87
CA ARG B 54 2.62 7.95 -25.04
C ARG B 54 2.16 7.34 -23.75
N ILE B 55 3.06 6.68 -22.98
CA ILE B 55 2.71 6.01 -21.72
C ILE B 55 2.20 7.03 -20.70
N CYS B 56 2.91 8.15 -20.54
CA CYS B 56 2.57 9.21 -19.61
C CYS B 56 1.24 9.86 -19.92
N ASP B 57 0.90 10.02 -21.20
CA ASP B 57 -0.39 10.59 -21.62
C ASP B 57 -1.50 9.61 -21.28
N LEU B 58 -1.31 8.30 -21.57
CA LEU B 58 -2.27 7.24 -21.27
C LEU B 58 -2.57 7.15 -19.78
N MET B 59 -1.54 7.32 -18.93
CA MET B 59 -1.68 7.24 -17.48
C MET B 59 -2.50 8.40 -16.92
N SER B 60 -2.39 9.59 -17.54
CA SER B 60 -3.13 10.77 -17.10
C SER B 60 -4.61 10.69 -17.43
N ASP B 61 -4.93 10.09 -18.60
CA ASP B 61 -6.28 9.91 -19.11
C ASP B 61 -7.01 8.79 -18.40
N ARG B 62 -6.62 7.52 -18.61
CA ARG B 62 -7.28 6.41 -17.93
C ARG B 62 -6.52 6.06 -16.66
N LYS B 63 -7.08 5.16 -15.85
CA LYS B 63 -6.42 4.68 -14.64
C LYS B 63 -5.71 3.41 -15.08
N ILE B 64 -4.41 3.52 -15.43
CA ILE B 64 -3.62 2.41 -15.98
C ILE B 64 -2.96 1.59 -14.88
N GLN B 65 -3.39 0.34 -14.73
CA GLN B 65 -2.88 -0.63 -13.76
C GLN B 65 -1.60 -1.31 -14.27
N GLY B 66 -1.52 -1.54 -15.57
CA GLY B 66 -0.39 -2.17 -16.22
C GLY B 66 -0.43 -1.93 -17.72
N VAL B 67 0.72 -2.16 -18.40
CA VAL B 67 0.94 -1.96 -19.84
C VAL B 67 1.43 -3.27 -20.49
N VAL B 68 0.88 -3.60 -21.68
CA VAL B 68 1.28 -4.74 -22.50
C VAL B 68 1.86 -4.11 -23.76
N PHE B 69 3.14 -4.30 -24.02
CA PHE B 69 3.81 -3.64 -25.14
C PHE B 69 4.31 -4.63 -26.20
N ALA B 70 4.04 -4.31 -27.46
CA ALA B 70 4.48 -5.11 -28.60
C ALA B 70 4.97 -4.18 -29.71
N ASP B 71 6.12 -4.51 -30.33
CA ASP B 71 6.65 -3.71 -31.43
C ASP B 71 7.17 -4.57 -32.57
N ASP B 72 7.24 -4.01 -33.77
CA ASP B 72 7.71 -4.71 -34.98
C ASP B 72 9.21 -4.47 -35.29
N THR B 73 9.94 -3.82 -34.37
CA THR B 73 11.34 -3.44 -34.60
C THR B 73 12.41 -4.44 -34.11
N ASP B 74 13.67 -4.07 -34.33
CA ASP B 74 14.85 -4.81 -33.90
C ASP B 74 15.63 -3.94 -32.90
N GLN B 75 14.89 -3.02 -32.18
CA GLN B 75 15.48 -2.03 -31.28
C GLN B 75 15.45 -2.43 -29.83
N GLU B 76 16.54 -3.06 -29.36
CA GLU B 76 16.75 -3.51 -27.98
C GLU B 76 16.62 -2.36 -26.97
N ALA B 77 16.88 -1.10 -27.40
CA ALA B 77 16.79 0.08 -26.54
C ALA B 77 15.35 0.31 -26.07
N ILE B 78 14.37 -0.29 -26.80
CA ILE B 78 12.95 -0.23 -26.37
C ILE B 78 12.79 -0.87 -24.99
N ALA B 79 13.47 -2.01 -24.72
CA ALA B 79 13.39 -2.68 -23.41
C ALA B 79 13.91 -1.75 -22.31
N GLN B 80 15.00 -1.03 -22.63
CA GLN B 80 15.64 -0.10 -21.72
C GLN B 80 14.73 1.06 -21.40
N ILE B 81 14.15 1.73 -22.43
CA ILE B 81 13.20 2.83 -22.21
C ILE B 81 12.02 2.35 -21.34
N LEU B 82 11.44 1.15 -21.65
CA LEU B 82 10.34 0.55 -20.87
C LEU B 82 10.72 0.22 -19.43
N ASP B 83 11.93 -0.32 -19.19
CA ASP B 83 12.39 -0.63 -17.83
C ASP B 83 12.43 0.64 -17.01
N PHE B 84 13.05 1.71 -17.57
CA PHE B 84 13.14 3.03 -16.96
C PHE B 84 11.71 3.55 -16.57
N ILE B 85 10.75 3.60 -17.54
CA ILE B 85 9.39 4.04 -17.29
C ILE B 85 8.77 3.25 -16.15
N SER B 86 8.87 1.91 -16.23
CA SER B 86 8.34 0.96 -15.26
C SER B 86 8.87 1.22 -13.86
N ALA B 87 10.20 1.40 -13.72
CA ALA B 87 10.82 1.65 -12.41
C ALA B 87 10.46 3.04 -11.88
N GLN B 88 10.45 4.06 -12.76
CA GLN B 88 10.11 5.45 -12.41
C GLN B 88 8.67 5.65 -11.99
N THR B 89 7.74 4.98 -12.65
CA THR B 89 6.31 5.11 -12.35
C THR B 89 5.74 3.96 -11.53
N LEU B 90 6.54 2.94 -11.18
CA LEU B 90 6.09 1.74 -10.46
C LEU B 90 4.81 1.15 -11.09
N THR B 91 4.87 0.94 -12.41
CA THR B 91 3.81 0.40 -13.22
C THR B 91 4.32 -0.85 -13.95
N PRO B 92 3.62 -2.01 -13.83
CA PRO B 92 4.01 -3.19 -14.61
C PRO B 92 3.92 -2.92 -16.12
N ILE B 93 4.98 -3.26 -16.84
CA ILE B 93 5.05 -3.18 -18.29
C ILE B 93 5.53 -4.56 -18.71
N LEU B 94 4.81 -5.20 -19.66
CA LEU B 94 5.23 -6.48 -20.21
C LEU B 94 5.67 -6.28 -21.67
N GLY B 95 6.97 -6.54 -21.97
CA GLY B 95 7.55 -6.51 -23.32
C GLY B 95 7.32 -7.85 -24.01
N ILE B 96 6.23 -7.96 -24.79
CA ILE B 96 5.79 -9.25 -25.33
C ILE B 96 6.26 -9.57 -26.76
N HIS B 97 6.81 -8.61 -27.49
CA HIS B 97 7.23 -8.82 -28.89
C HIS B 97 8.10 -7.67 -29.34
N GLY B 98 9.02 -7.96 -30.25
CA GLY B 98 9.93 -6.98 -30.83
C GLY B 98 11.10 -6.68 -29.93
N GLY B 99 11.61 -5.44 -30.05
CA GLY B 99 12.71 -4.91 -29.25
C GLY B 99 12.36 -4.77 -27.79
N SER B 100 11.05 -4.77 -27.45
CA SER B 100 10.58 -4.70 -26.08
C SER B 100 10.85 -6.01 -25.34
N SER B 101 10.96 -7.11 -26.07
CA SER B 101 11.24 -8.45 -25.53
C SER B 101 12.72 -8.82 -25.62
N MET B 102 13.57 -7.93 -26.20
CA MET B 102 15.01 -8.16 -26.31
C MET B 102 15.70 -8.06 -24.94
N ILE B 103 16.64 -8.97 -24.63
CA ILE B 103 17.29 -9.04 -23.32
C ILE B 103 17.68 -7.67 -22.77
N MET B 104 17.24 -7.38 -21.50
CA MET B 104 17.51 -6.17 -20.76
C MET B 104 18.11 -6.64 -19.48
N ALA B 105 19.44 -6.77 -19.45
CA ALA B 105 20.22 -7.26 -18.32
C ALA B 105 20.20 -6.23 -17.25
N ASP B 106 20.29 -6.65 -15.98
CA ASP B 106 20.33 -5.74 -14.83
C ASP B 106 19.21 -4.71 -14.81
N LYS B 107 17.95 -5.20 -14.86
CA LYS B 107 16.80 -4.32 -14.78
C LYS B 107 16.89 -3.61 -13.42
N ASP B 108 16.30 -2.42 -13.33
CA ASP B 108 16.29 -1.63 -12.10
C ASP B 108 15.79 -2.43 -10.90
N GLU B 109 16.25 -2.07 -9.70
CA GLU B 109 15.84 -2.67 -8.44
C GLU B 109 14.32 -2.51 -8.29
N SER B 110 13.80 -1.31 -8.68
CA SER B 110 12.40 -0.90 -8.60
C SER B 110 11.59 -1.26 -9.84
N SER B 111 12.18 -2.00 -10.76
CA SER B 111 11.53 -2.37 -12.01
C SER B 111 10.35 -3.34 -11.80
N MET B 112 9.33 -3.18 -12.63
CA MET B 112 8.14 -4.03 -12.75
C MET B 112 8.00 -4.37 -14.25
N PHE B 113 9.16 -4.43 -14.95
CA PHE B 113 9.30 -4.75 -16.37
C PHE B 113 9.63 -6.21 -16.52
N PHE B 114 8.77 -6.93 -17.29
CA PHE B 114 8.87 -8.36 -17.56
C PHE B 114 8.80 -8.60 -19.05
N GLN B 115 9.55 -9.61 -19.56
CA GLN B 115 9.71 -9.87 -20.99
C GLN B 115 9.34 -11.28 -21.44
N PHE B 116 8.70 -11.37 -22.61
CA PHE B 116 8.36 -12.68 -23.17
C PHE B 116 9.57 -13.04 -24.01
N GLY B 117 10.50 -13.76 -23.40
CA GLY B 117 11.71 -14.14 -24.10
C GLY B 117 12.65 -14.90 -23.20
N PRO B 118 13.63 -15.62 -23.78
CA PRO B 118 14.58 -16.36 -22.94
C PRO B 118 15.65 -15.43 -22.35
N SER B 119 16.17 -15.81 -21.20
CA SER B 119 17.24 -15.10 -20.52
C SER B 119 18.57 -15.31 -21.26
N ILE B 120 19.60 -14.54 -20.85
CA ILE B 120 20.96 -14.64 -21.39
C ILE B 120 21.49 -16.04 -21.07
N GLU B 121 21.27 -16.51 -19.84
CA GLU B 121 21.72 -17.79 -19.31
C GLU B 121 21.11 -18.99 -20.05
N GLN B 122 19.79 -18.97 -20.32
CA GLN B 122 19.08 -20.06 -21.01
C GLN B 122 19.58 -20.24 -22.43
N GLN B 123 19.81 -19.10 -23.12
CA GLN B 123 20.30 -19.09 -24.48
C GLN B 123 21.73 -19.62 -24.57
N ALA B 124 22.60 -19.19 -23.63
CA ALA B 124 23.97 -19.69 -23.52
C ALA B 124 23.92 -21.21 -23.28
N SER B 125 22.95 -21.67 -22.45
CA SER B 125 22.76 -23.07 -22.15
C SER B 125 22.31 -23.83 -23.42
N VAL B 126 21.31 -23.30 -24.15
CA VAL B 126 20.81 -23.84 -25.42
C VAL B 126 21.94 -23.97 -26.43
N MET B 127 22.82 -22.94 -26.51
CA MET B 127 23.98 -22.92 -27.42
C MET B 127 24.91 -24.10 -27.18
N LEU B 128 25.23 -24.35 -25.90
CA LEU B 128 26.09 -25.48 -25.53
C LEU B 128 25.47 -26.84 -25.84
N ASN B 129 24.14 -26.95 -25.75
CA ASN B 129 23.39 -28.16 -26.06
C ASN B 129 23.52 -28.48 -27.55
N ILE B 130 23.45 -27.44 -28.42
CA ILE B 130 23.63 -27.55 -29.88
C ILE B 130 25.05 -28.11 -30.17
N MET B 131 26.07 -27.57 -29.49
CA MET B 131 27.47 -27.99 -29.62
C MET B 131 27.70 -29.45 -29.16
N GLU B 132 27.15 -29.86 -28.00
CA GLU B 132 27.26 -31.23 -27.49
C GLU B 132 26.61 -32.24 -28.47
N GLU B 133 25.55 -31.80 -29.16
CA GLU B 133 24.81 -32.60 -30.15
C GLU B 133 25.66 -32.98 -31.35
N TYR B 134 26.41 -32.03 -31.89
CA TYR B 134 27.24 -32.24 -33.06
C TYR B 134 28.71 -32.44 -32.73
N ASP B 135 29.03 -32.52 -31.42
CA ASP B 135 30.37 -32.71 -30.84
C ASP B 135 31.32 -31.60 -31.28
N TRP B 136 30.80 -30.37 -31.15
CA TRP B 136 31.47 -29.11 -31.45
C TRP B 136 32.03 -28.59 -30.11
N TYR B 137 33.12 -29.20 -29.64
CA TYR B 137 33.69 -28.89 -28.33
C TYR B 137 34.74 -27.79 -28.34
N ILE B 138 35.42 -27.55 -29.49
CA ILE B 138 36.42 -26.50 -29.60
C ILE B 138 35.75 -25.23 -30.15
N PHE B 139 35.78 -24.15 -29.33
CA PHE B 139 35.13 -22.90 -29.67
C PHE B 139 35.77 -21.65 -29.04
N SER B 140 35.31 -20.47 -29.48
CA SER B 140 35.71 -19.15 -28.98
C SER B 140 34.45 -18.32 -28.77
N ILE B 141 34.56 -17.28 -27.93
CA ILE B 141 33.48 -16.36 -27.61
C ILE B 141 33.89 -14.95 -28.04
N VAL B 142 32.93 -14.23 -28.64
CA VAL B 142 33.07 -12.84 -29.03
C VAL B 142 31.86 -12.09 -28.46
N THR B 143 32.11 -11.07 -27.63
CA THR B 143 31.02 -10.22 -27.14
C THR B 143 31.42 -8.75 -27.29
N THR B 144 30.40 -7.89 -27.18
CA THR B 144 30.59 -6.45 -27.16
C THR B 144 30.35 -6.10 -25.70
N TYR B 145 30.14 -4.82 -25.41
CA TYR B 145 29.86 -4.35 -24.05
C TYR B 145 28.35 -4.27 -23.83
N PHE B 146 27.58 -4.80 -24.77
CA PHE B 146 26.13 -4.87 -24.62
C PHE B 146 25.80 -5.53 -23.28
N PRO B 147 25.00 -4.85 -22.40
CA PRO B 147 24.75 -5.39 -21.07
C PRO B 147 24.27 -6.83 -21.11
N GLY B 148 24.92 -7.65 -20.30
CA GLY B 148 24.62 -9.07 -20.23
C GLY B 148 25.79 -9.90 -20.71
N TYR B 149 26.79 -9.26 -21.36
CA TYR B 149 27.97 -9.95 -21.89
C TYR B 149 28.68 -10.74 -20.80
N GLN B 150 28.85 -10.11 -19.61
CA GLN B 150 29.44 -10.74 -18.44
C GLN B 150 28.63 -11.97 -18.03
N ASP B 151 27.29 -11.88 -18.08
CA ASP B 151 26.39 -13.00 -17.74
C ASP B 151 26.49 -14.13 -18.77
N PHE B 152 26.66 -13.77 -20.03
CA PHE B 152 26.81 -14.71 -21.13
C PHE B 152 28.10 -15.51 -20.94
N VAL B 153 29.25 -14.83 -20.83
CA VAL B 153 30.57 -15.46 -20.63
C VAL B 153 30.62 -16.34 -19.36
N ASN B 154 30.12 -15.82 -18.23
CA ASN B 154 30.07 -16.55 -16.96
C ASN B 154 29.24 -17.83 -17.04
N LYS B 155 28.07 -17.81 -17.73
CA LYS B 155 27.25 -19.01 -17.84
C LYS B 155 27.99 -20.06 -18.61
N ILE B 156 28.60 -19.68 -19.76
CA ILE B 156 29.42 -20.59 -20.58
C ILE B 156 30.54 -21.17 -19.68
N ARG B 157 31.32 -20.28 -19.04
CA ARG B 157 32.45 -20.63 -18.20
C ARG B 157 32.12 -21.58 -17.06
N SER B 158 31.08 -21.27 -16.27
CA SER B 158 30.66 -22.10 -15.15
C SER B 158 30.26 -23.49 -15.60
N THR B 159 29.49 -23.58 -16.73
CA THR B 159 28.97 -24.83 -17.31
C THR B 159 30.12 -25.77 -17.69
N ILE B 160 31.02 -25.25 -18.56
CA ILE B 160 32.25 -25.82 -19.08
C ILE B 160 33.15 -26.32 -17.94
N GLU B 161 33.24 -25.57 -16.81
CA GLU B 161 34.07 -25.94 -15.66
C GLU B 161 33.57 -27.19 -14.95
N ASN B 162 32.24 -27.24 -14.70
CA ASN B 162 31.56 -28.33 -14.00
C ASN B 162 30.93 -29.37 -14.98
N SER B 163 31.75 -29.83 -15.95
CA SER B 163 31.38 -30.78 -17.01
C SER B 163 32.57 -31.69 -17.29
N PHE B 164 32.32 -33.02 -17.39
CA PHE B 164 33.38 -33.98 -17.68
C PHE B 164 33.49 -34.24 -19.20
N VAL B 165 33.30 -33.16 -19.95
CA VAL B 165 33.34 -33.13 -21.40
C VAL B 165 34.54 -32.28 -21.81
N GLY B 166 35.16 -32.69 -22.92
CA GLY B 166 36.36 -32.16 -23.54
C GLY B 166 36.19 -30.82 -24.21
N TRP B 167 35.54 -29.88 -23.51
CA TRP B 167 35.30 -28.52 -23.92
C TRP B 167 36.62 -27.76 -23.96
N GLU B 168 36.81 -26.93 -25.00
CA GLU B 168 38.02 -26.13 -25.14
C GLU B 168 37.67 -24.72 -25.63
N LEU B 169 37.65 -23.78 -24.68
CA LEU B 169 37.37 -22.37 -24.95
C LEU B 169 38.70 -21.69 -25.29
N GLU B 170 38.96 -21.52 -26.60
CA GLU B 170 40.21 -20.99 -27.13
C GLU B 170 40.44 -19.49 -26.86
N GLU B 171 39.47 -18.62 -27.19
CA GLU B 171 39.62 -17.18 -27.00
C GLU B 171 38.31 -16.52 -26.60
N VAL B 172 38.41 -15.46 -25.79
CA VAL B 172 37.26 -14.65 -25.40
C VAL B 172 37.59 -13.20 -25.75
N LEU B 173 36.95 -12.67 -26.81
CA LEU B 173 37.18 -11.30 -27.25
C LEU B 173 36.08 -10.36 -26.79
N LEU B 174 36.50 -9.13 -26.43
CA LEU B 174 35.61 -8.07 -26.00
C LEU B 174 35.81 -6.89 -26.94
N LEU B 175 34.77 -6.52 -27.70
CA LEU B 175 34.96 -5.47 -28.69
C LEU B 175 34.29 -4.12 -28.33
N ASP B 176 35.05 -3.00 -28.37
CA ASP B 176 34.49 -1.68 -28.08
C ASP B 176 33.84 -1.10 -29.34
N MET B 177 32.51 -1.02 -29.33
CA MET B 177 31.77 -0.51 -30.47
C MET B 177 31.51 0.97 -30.35
N SER B 178 31.82 1.56 -29.17
CA SER B 178 31.56 2.97 -28.86
C SER B 178 32.52 3.96 -29.51
N LEU B 179 33.61 3.48 -30.11
CA LEU B 179 34.62 4.31 -30.76
C LEU B 179 34.67 3.99 -32.24
N ASP B 180 35.22 4.92 -33.05
CA ASP B 180 35.35 4.69 -34.50
C ASP B 180 36.43 3.62 -34.75
N ASP B 181 36.30 2.86 -35.84
CA ASP B 181 37.30 1.84 -36.15
C ASP B 181 38.25 2.31 -37.25
N GLY B 182 38.81 3.51 -37.05
CA GLY B 182 39.78 4.10 -37.97
C GLY B 182 41.16 3.48 -37.84
N ASP B 183 41.42 2.84 -36.67
CA ASP B 183 42.66 2.16 -36.28
C ASP B 183 42.70 0.64 -36.60
N SER B 184 41.54 0.07 -37.03
CA SER B 184 41.33 -1.35 -37.35
C SER B 184 41.57 -2.27 -36.14
N LYS B 185 41.18 -1.81 -34.93
CA LYS B 185 41.34 -2.61 -33.71
C LYS B 185 40.51 -3.88 -33.73
N ILE B 186 39.19 -3.75 -34.09
CA ILE B 186 38.26 -4.87 -34.20
C ILE B 186 38.82 -5.92 -35.14
N GLN B 187 39.29 -5.49 -36.34
CA GLN B 187 39.90 -6.34 -37.34
C GLN B 187 41.08 -7.11 -36.73
N ASN B 188 41.97 -6.38 -36.03
CA ASN B 188 43.12 -6.98 -35.37
C ASN B 188 42.71 -8.00 -34.33
N GLN B 189 41.71 -7.68 -33.51
CA GLN B 189 41.16 -8.58 -32.49
C GLN B 189 40.57 -9.84 -33.16
N LEU B 190 39.71 -9.67 -34.16
CA LEU B 190 39.07 -10.76 -34.86
C LEU B 190 40.04 -11.71 -35.54
N LYS B 191 41.22 -11.20 -35.96
CA LYS B 191 42.28 -12.00 -36.62
C LYS B 191 42.85 -13.08 -35.71
N LYS B 192 42.71 -12.89 -34.38
CA LYS B 192 43.16 -13.84 -33.34
C LYS B 192 42.34 -15.15 -33.36
N LEU B 193 41.12 -15.12 -33.94
CA LEU B 193 40.21 -16.25 -34.00
C LEU B 193 40.65 -17.40 -34.89
N GLN B 194 40.72 -18.61 -34.29
CA GLN B 194 41.13 -19.85 -34.99
C GLN B 194 40.10 -21.00 -34.84
N SER B 195 39.14 -20.88 -33.89
CA SER B 195 38.12 -21.89 -33.60
C SER B 195 37.10 -22.15 -34.72
N PRO B 196 36.65 -23.44 -34.90
CA PRO B 196 35.63 -23.71 -35.93
C PRO B 196 34.26 -23.12 -35.59
N ILE B 197 33.96 -22.93 -34.28
CA ILE B 197 32.70 -22.39 -33.74
C ILE B 197 32.95 -21.07 -32.98
N ILE B 198 32.13 -20.07 -33.27
CA ILE B 198 32.23 -18.76 -32.62
C ILE B 198 30.88 -18.38 -32.05
N LEU B 199 30.83 -18.13 -30.72
CA LEU B 199 29.62 -17.69 -30.02
C LEU B 199 29.68 -16.17 -29.97
N LEU B 200 28.71 -15.52 -30.61
CA LEU B 200 28.69 -14.07 -30.65
C LEU B 200 27.54 -13.51 -29.81
N TYR B 201 27.88 -12.65 -28.84
CA TYR B 201 26.89 -11.97 -28.00
C TYR B 201 27.00 -10.44 -28.19
N CYS B 202 26.00 -9.85 -28.87
CA CYS B 202 25.95 -8.41 -29.16
C CYS B 202 24.53 -8.08 -29.63
N THR B 203 24.32 -6.84 -30.16
CA THR B 203 23.06 -6.42 -30.73
C THR B 203 23.07 -6.73 -32.25
N LYS B 204 21.90 -6.65 -32.88
CA LYS B 204 21.73 -6.85 -34.31
C LYS B 204 22.52 -5.78 -35.10
N GLU B 205 22.44 -4.50 -34.68
CA GLU B 205 23.18 -3.43 -35.35
C GLU B 205 24.70 -3.61 -35.18
N GLU B 206 25.16 -4.14 -34.03
CA GLU B 206 26.58 -4.44 -33.78
C GLU B 206 27.06 -5.65 -34.60
N ALA B 207 26.21 -6.69 -34.73
CA ALA B 207 26.55 -7.90 -35.48
C ALA B 207 26.80 -7.61 -36.97
N THR B 208 25.99 -6.70 -37.57
CA THR B 208 26.17 -6.30 -38.98
C THR B 208 27.59 -5.76 -39.21
N TYR B 209 28.14 -4.94 -38.25
CA TYR B 209 29.50 -4.42 -38.34
C TYR B 209 30.51 -5.54 -38.16
N ILE B 210 30.39 -6.29 -37.05
CA ILE B 210 31.25 -7.44 -36.70
C ILE B 210 31.42 -8.39 -37.87
N PHE B 211 30.30 -8.81 -38.49
CA PHE B 211 30.27 -9.75 -39.61
C PHE B 211 30.96 -9.23 -40.86
N GLU B 212 30.79 -7.92 -41.18
CA GLU B 212 31.43 -7.23 -42.32
C GLU B 212 32.95 -7.34 -42.17
N VAL B 213 33.46 -7.04 -40.97
CA VAL B 213 34.89 -7.14 -40.64
C VAL B 213 35.35 -8.61 -40.62
N ALA B 214 34.58 -9.52 -39.94
CA ALA B 214 34.87 -10.95 -39.87
C ALA B 214 35.03 -11.53 -41.29
N ASN B 215 34.17 -11.08 -42.25
CA ASN B 215 34.27 -11.50 -43.66
C ASN B 215 35.59 -11.07 -44.30
N SER B 216 35.99 -9.79 -44.12
CA SER B 216 37.24 -9.22 -44.64
C SER B 216 38.44 -10.10 -44.26
N VAL B 217 38.42 -10.62 -43.03
CA VAL B 217 39.44 -11.47 -42.39
C VAL B 217 39.21 -12.98 -42.74
N GLY B 218 38.20 -13.26 -43.57
CA GLY B 218 37.82 -14.59 -44.04
C GLY B 218 37.37 -15.55 -42.97
N LEU B 219 36.50 -15.07 -42.05
CA LEU B 219 36.03 -15.85 -40.90
C LEU B 219 34.55 -16.19 -40.92
N THR B 220 33.88 -15.99 -42.05
CA THR B 220 32.44 -16.20 -42.14
C THR B 220 32.06 -17.34 -43.07
N GLY B 221 33.04 -17.82 -43.85
CA GLY B 221 32.85 -18.89 -44.83
C GLY B 221 32.66 -20.27 -44.25
N TYR B 222 32.97 -21.31 -45.07
CA TYR B 222 32.87 -22.71 -44.63
C TYR B 222 34.07 -22.93 -43.70
N GLY B 223 33.86 -23.70 -42.64
CA GLY B 223 34.90 -23.93 -41.63
C GLY B 223 34.71 -23.07 -40.39
N TYR B 224 33.89 -22.01 -40.52
CA TYR B 224 33.53 -21.13 -39.43
C TYR B 224 32.03 -21.12 -39.26
N THR B 225 31.57 -21.51 -38.07
CA THR B 225 30.16 -21.54 -37.70
C THR B 225 29.89 -20.54 -36.58
N TRP B 226 29.00 -19.57 -36.83
CA TRP B 226 28.62 -18.55 -35.86
C TRP B 226 27.28 -18.86 -35.27
N ILE B 227 27.25 -18.93 -33.94
CA ILE B 227 26.04 -19.14 -33.15
C ILE B 227 25.79 -17.86 -32.39
N VAL B 228 24.57 -17.36 -32.51
CA VAL B 228 24.18 -16.06 -32.00
C VAL B 228 22.85 -16.08 -31.19
N PRO B 229 22.62 -15.14 -30.25
CA PRO B 229 21.35 -15.15 -29.51
C PRO B 229 20.18 -14.55 -30.30
N SER B 230 18.98 -14.78 -29.78
CA SER B 230 17.68 -14.30 -30.25
C SER B 230 17.69 -12.88 -30.82
N LEU B 231 18.26 -11.90 -30.07
CA LEU B 231 18.28 -10.48 -30.45
C LEU B 231 19.09 -10.16 -31.71
N VAL B 232 20.09 -10.99 -32.04
CA VAL B 232 20.89 -10.75 -33.25
C VAL B 232 20.06 -11.10 -34.47
N ALA B 233 19.29 -12.21 -34.42
CA ALA B 233 18.42 -12.60 -35.52
C ALA B 233 17.31 -11.55 -35.63
N GLY B 234 16.81 -11.12 -34.46
CA GLY B 234 15.73 -10.17 -34.31
C GLY B 234 14.54 -10.63 -35.09
N ASP B 235 14.04 -9.76 -35.97
CA ASP B 235 12.96 -9.99 -36.92
C ASP B 235 13.61 -10.78 -38.07
N THR B 236 13.15 -12.04 -38.26
CA THR B 236 13.69 -12.95 -39.26
C THR B 236 13.38 -12.52 -40.70
N ASP B 237 12.50 -11.53 -40.89
CA ASP B 237 12.17 -10.99 -42.22
C ASP B 237 13.14 -9.85 -42.61
N THR B 238 13.97 -9.38 -41.65
CA THR B 238 14.97 -8.35 -41.89
C THR B 238 16.32 -9.00 -41.77
N VAL B 239 16.84 -9.47 -42.90
CA VAL B 239 18.14 -10.12 -42.91
C VAL B 239 19.18 -9.17 -43.48
N PRO B 240 20.09 -8.66 -42.61
CA PRO B 240 21.13 -7.73 -43.10
C PRO B 240 22.07 -8.47 -44.03
N ALA B 241 22.40 -7.83 -45.17
CA ALA B 241 23.27 -8.38 -46.20
C ALA B 241 24.60 -8.98 -45.69
N GLU B 242 25.14 -8.39 -44.62
CA GLU B 242 26.41 -8.78 -44.02
C GLU B 242 26.30 -10.05 -43.18
N PHE B 243 25.07 -10.49 -42.83
CA PHE B 243 24.90 -11.73 -42.06
C PHE B 243 25.40 -12.91 -42.86
N PRO B 244 26.25 -13.78 -42.30
CA PRO B 244 26.77 -14.90 -43.11
C PRO B 244 25.79 -16.05 -43.25
N THR B 245 25.79 -16.67 -44.44
CA THR B 245 25.02 -17.89 -44.72
C THR B 245 25.59 -19.00 -43.80
N GLY B 246 24.68 -19.74 -43.16
CA GLY B 246 25.05 -20.81 -42.24
C GLY B 246 25.03 -20.33 -40.82
N LEU B 247 24.54 -19.10 -40.60
CA LEU B 247 24.43 -18.50 -39.26
C LEU B 247 23.35 -19.25 -38.49
N ILE B 248 23.67 -19.70 -37.26
CA ILE B 248 22.73 -20.38 -36.36
C ILE B 248 22.28 -19.39 -35.28
N SER B 249 20.98 -19.39 -34.98
CA SER B 249 20.42 -18.55 -33.91
C SER B 249 19.33 -19.26 -33.14
N VAL B 250 19.12 -18.80 -31.91
CA VAL B 250 18.05 -19.24 -31.02
C VAL B 250 16.91 -18.23 -31.28
N SER B 251 15.67 -18.67 -31.34
CA SER B 251 14.58 -17.71 -31.56
C SER B 251 13.40 -18.04 -30.70
N TYR B 252 12.64 -17.01 -30.34
CA TYR B 252 11.41 -17.23 -29.59
C TYR B 252 10.35 -17.67 -30.61
N ASP B 253 9.52 -18.69 -30.28
CA ASP B 253 8.48 -19.24 -31.19
C ASP B 253 7.50 -18.17 -31.73
N GLU B 254 7.84 -17.55 -32.90
CA GLU B 254 6.98 -16.53 -33.53
C GLU B 254 5.90 -17.27 -34.32
N TRP B 255 6.16 -18.57 -34.58
CA TRP B 255 5.29 -19.47 -35.33
C TRP B 255 4.02 -19.79 -34.53
N ASP B 256 4.13 -20.60 -33.43
CA ASP B 256 2.99 -21.04 -32.62
C ASP B 256 2.54 -20.04 -31.55
N TYR B 257 3.48 -19.25 -30.98
CA TYR B 257 3.13 -18.25 -29.98
C TYR B 257 2.95 -16.91 -30.66
N GLY B 258 1.79 -16.71 -31.24
CA GLY B 258 1.46 -15.51 -31.99
C GLY B 258 1.09 -14.33 -31.13
N LEU B 259 1.00 -13.16 -31.77
CA LEU B 259 0.70 -11.90 -31.11
C LEU B 259 -0.66 -11.91 -30.38
N PRO B 260 -1.78 -12.39 -30.94
CA PRO B 260 -3.04 -12.39 -30.15
C PRO B 260 -2.99 -13.24 -28.87
N ALA B 261 -2.23 -14.35 -28.90
CA ALA B 261 -2.01 -15.24 -27.78
C ALA B 261 -1.22 -14.51 -26.68
N ARG B 262 -0.12 -13.83 -27.07
CA ARG B 262 0.76 -13.08 -26.18
C ARG B 262 0.04 -11.93 -25.51
N VAL B 263 -0.86 -11.24 -26.27
CA VAL B 263 -1.65 -10.14 -25.72
C VAL B 263 -2.61 -10.76 -24.68
N ARG B 264 -3.29 -11.88 -25.03
CA ARG B 264 -4.22 -12.57 -24.12
C ARG B 264 -3.48 -12.89 -22.82
N ASP B 265 -2.26 -13.48 -22.93
CA ASP B 265 -1.44 -13.90 -21.79
C ASP B 265 -0.97 -12.70 -20.96
N GLY B 266 -0.63 -11.60 -21.63
CA GLY B 266 -0.24 -10.36 -20.99
C GLY B 266 -1.35 -9.83 -20.10
N ILE B 267 -2.58 -9.75 -20.65
CA ILE B 267 -3.78 -9.29 -19.94
C ILE B 267 -4.08 -10.20 -18.76
N ALA B 268 -3.97 -11.52 -18.97
CA ALA B 268 -4.20 -12.53 -17.93
C ALA B 268 -3.23 -12.36 -16.75
N ILE B 269 -1.93 -12.09 -17.01
CA ILE B 269 -0.91 -11.91 -15.97
C ILE B 269 -1.23 -10.70 -15.10
N ILE B 270 -1.50 -9.53 -15.74
CA ILE B 270 -1.80 -8.28 -15.02
C ILE B 270 -3.09 -8.43 -14.22
N THR B 271 -4.13 -9.01 -14.82
CA THR B 271 -5.42 -9.23 -14.15
C THR B 271 -5.30 -10.22 -12.98
N THR B 272 -4.66 -11.38 -13.18
CA THR B 272 -4.49 -12.38 -12.12
C THR B 272 -3.68 -11.79 -10.96
N ALA B 273 -2.52 -11.18 -11.27
CA ALA B 273 -1.67 -10.57 -10.26
C ALA B 273 -2.47 -9.58 -9.44
N ALA B 274 -3.24 -8.66 -10.08
CA ALA B 274 -4.12 -7.71 -9.38
C ALA B 274 -5.18 -8.42 -8.50
N SER B 275 -5.92 -9.39 -9.06
CA SER B 275 -6.93 -10.19 -8.35
C SER B 275 -6.35 -10.80 -7.06
N ASP B 276 -5.19 -11.49 -7.18
CA ASP B 276 -4.47 -12.14 -6.09
C ASP B 276 -4.03 -11.18 -5.01
N MET B 277 -3.51 -9.98 -5.37
CA MET B 277 -3.09 -8.98 -4.38
C MET B 277 -4.29 -8.42 -3.60
N LEU B 278 -5.42 -8.17 -4.29
CA LEU B 278 -6.67 -7.65 -3.75
C LEU B 278 -7.30 -8.68 -2.83
N SER B 279 -7.25 -9.96 -3.25
CA SER B 279 -7.77 -11.10 -2.49
C SER B 279 -7.02 -11.26 -1.16
N GLU B 280 -5.71 -10.95 -1.15
CA GLU B 280 -4.87 -11.10 0.03
C GLU B 280 -4.74 -9.87 0.90
N HIS B 281 -4.65 -8.67 0.30
CA HIS B 281 -4.39 -7.44 1.03
C HIS B 281 -5.55 -6.43 1.10
N SER B 282 -6.66 -6.71 0.38
CA SER B 282 -7.87 -5.85 0.35
C SER B 282 -7.61 -4.48 -0.31
N PHE B 283 -6.59 -4.49 -1.20
CA PHE B 283 -6.15 -3.35 -1.99
C PHE B 283 -5.23 -3.78 -3.14
N ILE B 284 -5.10 -2.88 -4.14
CA ILE B 284 -4.24 -2.97 -5.32
C ILE B 284 -3.59 -1.59 -5.45
N PRO B 285 -2.50 -1.42 -6.21
CA PRO B 285 -1.88 -0.09 -6.27
C PRO B 285 -2.72 0.91 -7.06
N GLU B 286 -2.83 2.13 -6.53
CA GLU B 286 -3.55 3.19 -7.20
C GLU B 286 -2.76 3.64 -8.47
N PRO B 287 -3.38 3.46 -9.69
CA PRO B 287 -2.73 3.90 -10.93
C PRO B 287 -2.37 5.38 -10.89
N LYS B 288 -1.11 5.64 -11.19
CA LYS B 288 -0.46 6.94 -11.18
C LYS B 288 -1.14 7.90 -12.13
N SER B 289 -1.59 9.01 -11.58
CA SER B 289 -2.30 10.07 -12.29
C SER B 289 -1.35 10.83 -13.21
N SER B 290 -0.06 10.91 -12.83
CA SER B 290 0.99 11.62 -13.56
C SER B 290 2.37 10.95 -13.47
N CYS B 291 3.26 11.36 -14.41
CA CYS B 291 4.68 10.98 -14.53
C CYS B 291 5.51 12.08 -13.92
N TYR B 292 4.90 13.23 -13.68
CA TYR B 292 5.59 14.45 -13.27
C TYR B 292 5.48 14.76 -11.76
N ASN B 293 5.08 13.76 -10.96
CA ASN B 293 4.95 13.89 -9.50
C ASN B 293 5.58 12.67 -8.80
N THR B 294 6.29 11.81 -9.58
CA THR B 294 6.94 10.55 -9.11
C THR B 294 7.82 10.75 -7.88
N HIS B 295 8.49 11.93 -7.78
CA HIS B 295 9.35 12.34 -6.67
C HIS B 295 8.59 12.51 -5.34
N GLU B 296 7.48 13.28 -5.34
CA GLU B 296 6.63 13.54 -4.17
C GLU B 296 6.01 12.22 -3.65
N LYS B 297 5.22 11.63 -4.55
CA LYS B 297 4.43 10.44 -4.37
C LYS B 297 5.18 9.12 -4.11
N ARG B 298 6.52 9.05 -4.18
CA ARG B 298 7.16 7.74 -4.09
C ARG B 298 7.09 7.03 -2.70
N ILE B 299 6.94 7.75 -1.57
CA ILE B 299 6.78 7.08 -0.25
C ILE B 299 5.42 6.40 -0.10
N TYR B 300 4.54 6.57 -1.08
CA TYR B 300 3.19 6.04 -1.10
C TYR B 300 3.07 4.94 -2.13
N GLN B 301 4.20 4.54 -2.72
CA GLN B 301 4.28 3.57 -3.81
C GLN B 301 5.38 2.53 -3.58
N SER B 302 5.20 1.37 -4.21
CA SER B 302 6.15 0.26 -4.13
C SER B 302 5.93 -0.69 -5.31
N ASN B 303 6.78 -1.70 -5.43
CA ASN B 303 6.67 -2.68 -6.50
C ASN B 303 5.99 -3.96 -5.97
N MET B 304 5.18 -3.85 -4.89
CA MET B 304 4.48 -4.95 -4.21
C MET B 304 3.81 -5.94 -5.18
N LEU B 305 3.21 -5.46 -6.29
CA LEU B 305 2.58 -6.33 -7.27
C LEU B 305 3.51 -7.36 -7.91
N ASN B 306 4.85 -7.14 -7.87
CA ASN B 306 5.85 -8.04 -8.48
C ASN B 306 5.78 -9.43 -7.92
N ARG B 307 5.54 -9.55 -6.60
CA ARG B 307 5.43 -10.85 -5.96
C ARG B 307 4.29 -11.68 -6.54
N TYR B 308 3.31 -11.00 -7.15
CA TYR B 308 2.14 -11.60 -7.79
C TYR B 308 2.34 -11.79 -9.30
N LEU B 309 2.84 -10.78 -10.04
CA LEU B 309 3.10 -10.85 -11.50
C LEU B 309 4.11 -11.92 -11.93
N ILE B 310 5.01 -12.30 -11.03
CA ILE B 310 6.08 -13.25 -11.25
C ILE B 310 5.59 -14.70 -11.24
N ASN B 311 4.39 -14.96 -10.71
CA ASN B 311 3.87 -16.31 -10.44
C ASN B 311 2.40 -16.57 -10.90
N VAL B 312 1.98 -16.07 -12.08
CA VAL B 312 0.61 -16.22 -12.59
C VAL B 312 0.45 -17.52 -13.39
N THR B 313 -0.63 -18.25 -13.12
CA THR B 313 -0.99 -19.47 -13.84
C THR B 313 -2.40 -19.24 -14.46
N PHE B 314 -2.54 -19.56 -15.76
CA PHE B 314 -3.76 -19.33 -16.55
C PHE B 314 -4.00 -20.45 -17.58
N GLU B 315 -5.26 -20.97 -17.62
CA GLU B 315 -5.73 -22.11 -18.46
C GLU B 315 -4.76 -23.29 -18.28
N GLY B 316 -4.28 -23.48 -17.04
CA GLY B 316 -3.31 -24.51 -16.68
C GLY B 316 -1.96 -24.34 -17.34
N ARG B 317 -1.57 -23.09 -17.63
CA ARG B 317 -0.28 -22.81 -18.23
C ARG B 317 0.55 -21.94 -17.28
N ASP B 318 1.76 -22.41 -16.93
CA ASP B 318 2.71 -21.74 -16.02
C ASP B 318 3.35 -20.51 -16.70
N LEU B 319 2.65 -19.37 -16.59
CA LEU B 319 3.04 -18.09 -17.16
C LEU B 319 4.11 -17.36 -16.31
N SER B 320 4.64 -18.02 -15.25
CA SER B 320 5.60 -17.45 -14.30
C SER B 320 6.88 -16.81 -14.94
N PHE B 321 7.55 -15.92 -14.18
CA PHE B 321 8.76 -15.20 -14.58
C PHE B 321 9.97 -15.48 -13.65
N SER B 322 11.19 -15.28 -14.16
CA SER B 322 12.43 -15.44 -13.41
C SER B 322 12.70 -14.20 -12.58
N GLU B 323 13.68 -14.23 -11.68
CA GLU B 323 14.00 -13.06 -10.86
C GLU B 323 14.59 -11.90 -11.71
N ASP B 324 14.90 -12.19 -12.98
CA ASP B 324 15.43 -11.21 -13.92
C ASP B 324 14.36 -10.71 -14.91
N GLY B 325 13.12 -11.12 -14.67
CA GLY B 325 11.95 -10.74 -15.44
C GLY B 325 11.87 -11.29 -16.84
N TYR B 326 12.21 -12.58 -17.03
CA TYR B 326 12.10 -13.29 -18.33
C TYR B 326 11.20 -14.47 -18.13
N GLN B 327 10.54 -14.96 -19.20
CA GLN B 327 9.67 -16.13 -19.14
C GLN B 327 10.44 -17.32 -18.59
N MET B 328 9.79 -18.07 -17.68
CA MET B 328 10.36 -19.22 -17.02
C MET B 328 10.55 -20.39 -17.95
N HIS B 329 9.47 -20.80 -18.63
CA HIS B 329 9.57 -21.97 -19.49
C HIS B 329 9.17 -21.70 -20.92
N PRO B 330 10.03 -21.01 -21.71
CA PRO B 330 9.71 -20.81 -23.13
C PRO B 330 10.05 -22.02 -24.03
N LYS B 331 9.33 -22.15 -25.17
CA LYS B 331 9.62 -23.11 -26.22
C LYS B 331 10.48 -22.26 -27.18
N LEU B 332 11.75 -22.65 -27.35
CA LEU B 332 12.67 -21.94 -28.21
C LEU B 332 12.80 -22.71 -29.51
N VAL B 333 13.13 -22.00 -30.58
CA VAL B 333 13.25 -22.56 -31.92
C VAL B 333 14.69 -22.32 -32.37
N ILE B 334 15.31 -23.28 -33.09
CA ILE B 334 16.69 -23.13 -33.55
C ILE B 334 16.64 -22.83 -35.02
N ILE B 335 17.14 -21.69 -35.42
CA ILE B 335 17.04 -21.26 -36.81
C ILE B 335 18.42 -21.20 -37.51
N LEU B 336 18.41 -21.41 -38.83
CA LEU B 336 19.58 -21.41 -39.70
C LEU B 336 19.33 -20.55 -40.93
N LEU B 337 20.21 -19.58 -41.16
CA LEU B 337 20.13 -18.68 -42.29
C LEU B 337 20.64 -19.44 -43.51
N ASN B 338 19.69 -19.86 -44.41
CA ASN B 338 19.99 -20.69 -45.58
C ASN B 338 20.65 -19.93 -46.76
N LYS B 339 20.92 -20.66 -47.87
CA LYS B 339 21.55 -20.12 -49.09
C LYS B 339 20.67 -19.08 -49.82
N GLU B 340 19.34 -19.15 -49.61
CA GLU B 340 18.36 -18.22 -50.17
C GLU B 340 18.25 -16.96 -49.28
N ARG B 341 19.03 -16.91 -48.19
CA ARG B 341 19.09 -15.81 -47.22
C ARG B 341 17.76 -15.62 -46.48
N LYS B 342 17.15 -16.77 -46.14
CA LYS B 342 15.91 -16.88 -45.41
C LYS B 342 16.17 -17.79 -44.22
N TRP B 343 15.66 -17.41 -43.03
CA TRP B 343 15.83 -18.17 -41.80
C TRP B 343 14.95 -19.40 -41.83
N GLU B 344 15.55 -20.54 -41.49
CA GLU B 344 14.94 -21.86 -41.54
C GLU B 344 14.96 -22.55 -40.17
N ARG B 345 13.82 -23.19 -39.78
CA ARG B 345 13.71 -23.93 -38.51
C ARG B 345 14.48 -25.26 -38.64
N VAL B 346 15.44 -25.49 -37.74
CA VAL B 346 16.32 -26.67 -37.72
C VAL B 346 16.32 -27.40 -36.35
N GLY B 347 15.49 -26.94 -35.43
CA GLY B 347 15.40 -27.51 -34.08
C GLY B 347 14.46 -26.81 -33.11
N LYS B 348 14.10 -27.55 -32.04
CA LYS B 348 13.19 -27.08 -30.98
C LYS B 348 13.87 -27.32 -29.63
N TRP B 349 13.66 -26.39 -28.69
CA TRP B 349 14.16 -26.49 -27.32
C TRP B 349 12.94 -26.47 -26.41
N LYS B 350 12.56 -27.64 -25.88
CA LYS B 350 11.34 -27.83 -25.10
C LYS B 350 11.53 -27.88 -23.59
N ASP B 351 11.46 -29.12 -23.02
CA ASP B 351 11.54 -29.45 -21.61
C ASP B 351 12.99 -29.78 -21.24
N LYS B 352 13.85 -28.72 -21.25
CA LYS B 352 15.31 -28.70 -21.05
C LYS B 352 16.01 -29.72 -22.01
N SER B 353 15.22 -30.17 -23.00
CA SER B 353 15.53 -31.15 -24.03
C SER B 353 15.59 -30.45 -25.40
N LEU B 354 16.68 -30.70 -26.16
CA LEU B 354 16.93 -30.15 -27.51
C LEU B 354 16.57 -31.21 -28.56
N GLN B 355 15.76 -30.85 -29.54
CA GLN B 355 15.34 -31.79 -30.57
C GLN B 355 15.69 -31.20 -31.92
N MET B 356 16.79 -31.70 -32.53
CA MET B 356 17.28 -31.20 -33.80
C MET B 356 16.67 -31.92 -35.00
N LYS B 357 16.65 -31.21 -36.12
CA LYS B 357 16.12 -31.72 -37.37
C LYS B 357 17.13 -32.70 -37.98
N TYR B 358 18.42 -32.31 -38.02
CA TYR B 358 19.49 -33.08 -38.64
C TYR B 358 20.40 -33.82 -37.67
N TYR B 359 20.87 -35.02 -38.07
CA TYR B 359 21.86 -35.71 -37.28
C TYR B 359 23.23 -35.25 -37.80
N VAL B 360 23.37 -35.25 -39.13
CA VAL B 360 24.53 -34.72 -39.84
C VAL B 360 24.14 -33.30 -40.25
N TRP B 361 24.80 -32.32 -39.64
CA TRP B 361 24.60 -30.89 -39.91
C TRP B 361 24.92 -30.60 -41.41
N PRO B 362 24.00 -30.04 -42.21
CA PRO B 362 24.30 -29.87 -43.65
C PRO B 362 24.99 -28.54 -44.01
N ARG B 363 25.44 -28.44 -45.29
CA ARG B 363 26.14 -27.27 -45.86
C ARG B 363 25.14 -26.42 -46.61
N ASP C 1 -53.26 29.96 12.97
CA ASP C 1 -51.86 29.67 12.66
C ASP C 1 -51.31 28.44 13.45
N PRO C 2 -51.09 27.29 12.77
CA PRO C 2 -50.62 26.12 13.52
C PRO C 2 -49.10 26.08 13.72
N LYS C 3 -48.66 25.15 14.58
CA LYS C 3 -47.26 24.88 14.86
C LYS C 3 -46.78 23.89 13.80
N ILE C 4 -45.76 24.27 13.03
CA ILE C 4 -45.28 23.37 11.99
C ILE C 4 -44.28 22.36 12.58
N VAL C 5 -44.56 21.08 12.35
CA VAL C 5 -43.79 19.90 12.80
C VAL C 5 -43.21 19.20 11.57
N ASN C 6 -41.87 19.22 11.43
CA ASN C 6 -41.21 18.59 10.29
C ASN C 6 -40.96 17.11 10.49
N ILE C 7 -41.11 16.38 9.38
CA ILE C 7 -40.82 14.96 9.26
C ILE C 7 -39.76 14.89 8.17
N GLY C 8 -38.67 14.20 8.47
CA GLY C 8 -37.58 14.02 7.53
C GLY C 8 -37.61 12.69 6.80
N ALA C 9 -36.88 12.61 5.67
CA ALA C 9 -36.77 11.37 4.91
C ALA C 9 -35.51 11.32 4.04
N VAL C 10 -34.89 10.13 4.02
CA VAL C 10 -33.76 9.80 3.16
C VAL C 10 -34.34 8.73 2.24
N LEU C 11 -34.70 9.14 1.01
CA LEU C 11 -35.35 8.24 0.07
C LEU C 11 -34.49 7.97 -1.17
N SER C 12 -34.87 6.99 -2.00
CA SER C 12 -34.11 6.55 -3.16
C SER C 12 -34.07 7.50 -4.34
N THR C 13 -35.25 7.93 -4.81
CA THR C 13 -35.37 8.76 -6.01
C THR C 13 -36.21 9.99 -5.74
N LYS C 14 -36.14 10.97 -6.65
CA LYS C 14 -36.93 12.20 -6.62
C LYS C 14 -38.42 11.82 -6.62
N LYS C 15 -38.79 10.76 -7.37
CA LYS C 15 -40.15 10.22 -7.47
C LYS C 15 -40.64 9.72 -6.10
N HIS C 16 -39.74 9.06 -5.32
CA HIS C 16 -40.04 8.58 -3.97
C HIS C 16 -40.24 9.73 -3.01
N GLU C 17 -39.50 10.85 -3.18
CA GLU C 17 -39.67 12.07 -2.40
C GLU C 17 -41.05 12.71 -2.72
N GLN C 18 -41.53 12.55 -3.98
CA GLN C 18 -42.83 13.06 -4.43
C GLN C 18 -43.93 12.34 -3.65
N ILE C 19 -43.81 11.01 -3.55
CA ILE C 19 -44.71 10.14 -2.78
C ILE C 19 -44.67 10.49 -1.27
N PHE C 20 -43.51 10.89 -0.74
CA PHE C 20 -43.34 11.30 0.66
C PHE C 20 -44.12 12.57 0.96
N ARG C 21 -43.92 13.62 0.13
CA ARG C 21 -44.59 14.92 0.17
C ARG C 21 -46.14 14.73 0.14
N GLU C 22 -46.63 13.82 -0.74
CA GLU C 22 -48.05 13.50 -0.89
C GLU C 22 -48.61 12.75 0.34
N ALA C 23 -47.84 11.81 0.90
CA ALA C 23 -48.28 11.05 2.08
C ALA C 23 -48.42 11.99 3.29
N VAL C 24 -47.54 13.00 3.37
CA VAL C 24 -47.51 14.01 4.44
C VAL C 24 -48.74 14.90 4.28
N ASN C 25 -49.08 15.21 3.03
CA ASN C 25 -50.26 16.03 2.74
C ASN C 25 -51.53 15.25 3.14
N GLN C 26 -51.61 13.96 2.75
CA GLN C 26 -52.71 13.05 3.09
C GLN C 26 -52.98 13.04 4.62
N ALA C 27 -51.87 13.03 5.40
CA ALA C 27 -51.87 13.06 6.86
C ALA C 27 -52.53 14.35 7.39
N ASN C 28 -52.25 15.51 6.78
CA ASN C 28 -52.87 16.78 7.20
C ASN C 28 -54.34 16.83 6.76
N LYS C 29 -54.65 16.15 5.64
CA LYS C 29 -56.00 16.06 5.08
C LYS C 29 -56.91 15.27 6.02
N ARG C 30 -56.37 14.20 6.64
CA ARG C 30 -57.13 13.29 7.51
C ARG C 30 -57.03 13.63 9.02
N HIS C 31 -55.88 14.10 9.51
CA HIS C 31 -55.70 14.40 10.93
C HIS C 31 -56.33 15.67 11.43
N PHE C 32 -56.34 16.72 10.58
CA PHE C 32 -56.83 18.09 10.84
C PHE C 32 -55.60 18.95 11.07
N THR C 33 -55.64 20.19 10.57
CA THR C 33 -54.57 21.16 10.74
C THR C 33 -54.88 21.84 12.11
N ARG C 34 -54.87 23.20 12.18
CA ARG C 34 -55.17 24.01 13.37
C ARG C 34 -54.31 23.64 14.60
N LYS C 35 -53.45 24.58 15.01
CA LYS C 35 -52.51 24.50 16.16
C LYS C 35 -51.37 23.44 15.95
N ILE C 36 -51.50 22.52 14.95
CA ILE C 36 -50.50 21.49 14.61
C ILE C 36 -50.57 21.12 13.11
N GLN C 37 -49.42 21.11 12.40
CA GLN C 37 -49.38 20.81 10.97
C GLN C 37 -48.02 20.27 10.51
N LEU C 38 -48.03 19.10 9.85
CA LEU C 38 -46.81 18.45 9.36
C LEU C 38 -46.21 19.12 8.13
N GLN C 39 -44.88 19.01 8.00
CA GLN C 39 -44.12 19.48 6.84
C GLN C 39 -43.10 18.43 6.42
N ALA C 40 -43.11 18.05 5.14
CA ALA C 40 -42.19 17.09 4.56
C ALA C 40 -40.82 17.73 4.30
N THR C 41 -39.75 17.08 4.75
CA THR C 41 -38.37 17.50 4.49
C THR C 41 -37.68 16.24 4.04
N SER C 42 -37.04 16.27 2.87
CA SER C 42 -36.36 15.06 2.39
C SER C 42 -35.16 15.33 1.52
N VAL C 43 -34.33 14.28 1.37
CA VAL C 43 -33.14 14.19 0.54
C VAL C 43 -33.08 12.78 0.01
N THR C 44 -32.24 12.56 -1.02
CA THR C 44 -31.94 11.23 -1.56
C THR C 44 -30.61 10.81 -0.91
N HIS C 45 -30.25 9.54 -1.02
CA HIS C 45 -29.01 9.00 -0.47
C HIS C 45 -27.78 9.66 -1.07
N ARG C 46 -26.76 9.94 -0.23
CA ARG C 46 -25.50 10.53 -0.67
C ARG C 46 -24.51 9.43 -1.15
N PRO C 47 -23.48 9.76 -1.96
CA PRO C 47 -22.58 8.72 -2.49
C PRO C 47 -21.82 7.89 -1.46
N ASN C 48 -21.54 8.44 -0.26
CA ASN C 48 -20.85 7.73 0.81
C ASN C 48 -21.44 8.02 2.22
N ALA C 49 -20.98 7.27 3.24
CA ALA C 49 -21.44 7.36 4.64
C ALA C 49 -21.15 8.71 5.32
N ILE C 50 -19.95 9.28 5.14
CA ILE C 50 -19.62 10.59 5.71
C ILE C 50 -20.55 11.67 5.13
N GLN C 51 -20.74 11.65 3.79
CA GLN C 51 -21.61 12.60 3.09
C GLN C 51 -23.05 12.47 3.59
N MET C 52 -23.52 11.22 3.79
CA MET C 52 -24.83 10.96 4.32
C MET C 52 -25.00 11.49 5.75
N ALA C 53 -24.05 11.19 6.67
CA ALA C 53 -24.08 11.70 8.05
C ALA C 53 -24.19 13.23 8.03
N LEU C 54 -23.36 13.88 7.20
CA LEU C 54 -23.38 15.33 7.01
C LEU C 54 -24.73 15.86 6.55
N SER C 55 -25.34 15.18 5.57
CA SER C 55 -26.64 15.53 4.99
C SER C 55 -27.75 15.47 6.03
N VAL C 56 -27.72 14.47 6.92
CA VAL C 56 -28.68 14.35 8.03
C VAL C 56 -28.65 15.63 8.89
N CYS C 57 -27.46 16.16 9.17
CA CYS C 57 -27.28 17.39 9.93
C CYS C 57 -27.72 18.61 9.15
N GLU C 58 -27.11 18.80 7.99
CA GLU C 58 -27.30 19.96 7.13
C GLU C 58 -28.68 20.10 6.55
N ASP C 59 -29.26 19.02 6.06
CA ASP C 59 -30.56 19.08 5.39
C ASP C 59 -31.75 18.71 6.26
N LEU C 60 -31.59 17.78 7.22
CA LEU C 60 -32.72 17.33 8.02
C LEU C 60 -32.78 17.89 9.45
N ILE C 61 -31.75 17.68 10.28
CA ILE C 61 -31.75 18.16 11.67
C ILE C 61 -31.79 19.71 11.70
N SER C 62 -31.33 20.35 10.63
CA SER C 62 -31.37 21.82 10.48
C SER C 62 -32.82 22.34 10.42
N SER C 63 -33.74 21.49 9.95
CA SER C 63 -35.16 21.79 9.80
C SER C 63 -36.00 21.35 11.01
N GLN C 64 -35.36 20.86 12.10
CA GLN C 64 -36.00 20.36 13.33
C GLN C 64 -37.01 19.25 13.05
N VAL C 65 -36.53 18.18 12.41
CA VAL C 65 -37.33 17.00 12.13
C VAL C 65 -37.65 16.26 13.44
N TYR C 66 -38.86 15.72 13.57
CA TYR C 66 -39.26 14.94 14.75
C TYR C 66 -38.91 13.43 14.57
N ALA C 67 -38.74 13.00 13.30
CA ALA C 67 -38.41 11.62 12.90
C ALA C 67 -37.87 11.62 11.46
N ILE C 68 -37.07 10.59 11.12
CA ILE C 68 -36.53 10.45 9.78
C ILE C 68 -36.88 9.08 9.20
N LEU C 69 -37.60 9.06 8.09
CA LEU C 69 -37.91 7.84 7.34
C LEU C 69 -36.66 7.51 6.50
N VAL C 70 -36.30 6.22 6.38
CA VAL C 70 -35.13 5.80 5.62
C VAL C 70 -35.40 4.59 4.77
N SER C 71 -35.13 4.69 3.47
CA SER C 71 -35.26 3.55 2.58
C SER C 71 -33.86 2.97 2.34
N HIS C 72 -33.77 1.69 1.96
CA HIS C 72 -32.49 1.07 1.59
C HIS C 72 -32.22 1.59 0.17
N PRO C 73 -31.01 2.13 -0.11
CA PRO C 73 -30.75 2.80 -1.42
C PRO C 73 -30.85 1.93 -2.69
N LEU C 80 -23.74 0.93 0.83
CA LEU C 80 -24.57 2.08 1.21
C LEU C 80 -25.80 1.61 2.00
N THR C 81 -25.88 1.98 3.32
CA THR C 81 -26.94 1.53 4.24
C THR C 81 -27.60 2.65 5.09
N PRO C 82 -28.67 2.31 5.88
CA PRO C 82 -29.27 3.33 6.76
C PRO C 82 -28.42 3.72 7.98
N THR C 83 -27.37 2.93 8.31
CA THR C 83 -26.49 3.10 9.48
C THR C 83 -26.08 4.57 9.75
N PRO C 84 -25.41 5.33 8.81
CA PRO C 84 -25.03 6.72 9.13
C PRO C 84 -26.21 7.60 9.52
N ILE C 85 -27.40 7.36 8.94
CA ILE C 85 -28.61 8.11 9.30
C ILE C 85 -29.02 7.72 10.72
N SER C 86 -29.01 6.41 11.03
CA SER C 86 -29.40 5.89 12.35
C SER C 86 -28.48 6.45 13.44
N TYR C 87 -27.17 6.41 13.20
CA TYR C 87 -26.14 6.87 14.08
C TYR C 87 -26.23 8.37 14.36
N THR C 88 -26.35 9.22 13.31
CA THR C 88 -26.41 10.69 13.43
C THR C 88 -27.70 11.14 14.15
N ALA C 89 -28.86 10.61 13.72
CA ALA C 89 -30.14 10.94 14.35
C ALA C 89 -30.22 10.40 15.79
N GLY C 90 -29.65 9.20 15.99
CA GLY C 90 -29.60 8.50 17.29
C GLY C 90 -28.82 9.27 18.33
N PHE C 91 -27.83 10.07 17.88
CA PHE C 91 -27.03 10.93 18.74
C PHE C 91 -27.97 11.86 19.53
N TYR C 92 -29.03 12.32 18.87
CA TYR C 92 -30.01 13.25 19.42
C TYR C 92 -31.25 12.58 19.91
N ARG C 93 -31.35 11.27 19.69
CA ARG C 93 -32.51 10.44 20.03
C ARG C 93 -33.73 10.83 19.16
N ILE C 94 -33.45 11.20 17.90
CA ILE C 94 -34.47 11.48 16.89
C ILE C 94 -34.79 10.09 16.29
N PRO C 95 -36.04 9.60 16.48
CA PRO C 95 -36.41 8.28 15.94
C PRO C 95 -36.19 8.17 14.45
N VAL C 96 -35.71 7.00 14.02
CA VAL C 96 -35.51 6.69 12.61
C VAL C 96 -36.45 5.54 12.25
N ILE C 97 -37.12 5.64 11.06
CA ILE C 97 -38.03 4.62 10.55
C ILE C 97 -37.47 3.97 9.28
N GLY C 98 -36.91 2.76 9.41
CA GLY C 98 -36.43 1.94 8.31
C GLY C 98 -37.63 1.41 7.52
N LEU C 99 -37.68 1.73 6.23
CA LEU C 99 -38.79 1.33 5.37
C LEU C 99 -38.54 0.00 4.69
N THR C 100 -37.29 -0.33 4.30
CA THR C 100 -37.05 -1.57 3.51
C THR C 100 -35.83 -2.42 3.95
N THR C 101 -35.08 -1.95 4.95
CA THR C 101 -33.91 -2.61 5.55
C THR C 101 -34.33 -3.84 6.35
N ARG C 102 -33.75 -5.00 6.02
CA ARG C 102 -34.10 -6.26 6.67
C ARG C 102 -32.99 -6.84 7.51
N MET C 103 -31.84 -6.17 7.58
CA MET C 103 -30.72 -6.68 8.36
C MET C 103 -31.05 -6.63 9.84
N SER C 104 -30.80 -7.74 10.52
CA SER C 104 -31.09 -7.97 11.93
C SER C 104 -30.30 -7.08 12.90
N ILE C 105 -29.13 -6.54 12.50
CA ILE C 105 -28.35 -5.66 13.38
C ILE C 105 -29.14 -4.39 13.76
N TYR C 106 -30.09 -3.96 12.90
CA TYR C 106 -30.92 -2.79 13.14
C TYR C 106 -31.93 -3.02 14.26
N SER C 107 -31.97 -4.23 14.85
CA SER C 107 -32.84 -4.54 16.01
C SER C 107 -32.03 -4.41 17.34
N ASP C 108 -30.70 -4.23 17.22
CA ASP C 108 -29.76 -4.07 18.34
C ASP C 108 -29.84 -2.63 18.88
N LYS C 109 -30.73 -2.43 19.87
CA LYS C 109 -31.14 -1.27 20.68
C LYS C 109 -29.95 -0.47 21.24
N SER C 110 -28.86 -1.20 21.47
CA SER C 110 -27.59 -0.78 22.04
C SER C 110 -26.86 0.13 21.04
N ILE C 111 -26.87 -0.23 19.75
CA ILE C 111 -26.17 0.49 18.71
C ILE C 111 -27.15 1.25 17.76
N HIS C 112 -28.41 0.79 17.65
CA HIS C 112 -29.46 1.48 16.89
C HIS C 112 -30.46 1.91 17.92
N LEU C 113 -30.17 3.09 18.48
CA LEU C 113 -30.82 3.72 19.63
C LEU C 113 -32.33 3.99 19.46
N SER C 114 -32.75 4.91 18.58
CA SER C 114 -34.18 5.17 18.36
C SER C 114 -34.46 4.74 16.93
N PHE C 115 -34.60 3.40 16.72
CA PHE C 115 -34.83 2.85 15.40
C PHE C 115 -36.02 1.92 15.37
N LEU C 116 -36.94 2.17 14.42
CA LEU C 116 -38.15 1.37 14.19
C LEU C 116 -38.24 1.08 12.70
N ARG C 117 -38.92 0.00 12.32
CA ARG C 117 -39.04 -0.32 10.89
C ARG C 117 -40.37 -0.98 10.52
N THR C 118 -40.85 -0.69 9.28
CA THR C 118 -42.14 -1.19 8.79
C THR C 118 -42.02 -2.57 8.10
N VAL C 119 -40.78 -3.07 7.94
CA VAL C 119 -40.45 -4.41 7.41
C VAL C 119 -39.78 -5.21 8.56
N PRO C 120 -40.00 -6.54 8.71
CA PRO C 120 -39.31 -7.29 9.79
C PRO C 120 -37.87 -7.65 9.43
N PRO C 121 -36.99 -8.02 10.40
CA PRO C 121 -35.64 -8.46 10.00
C PRO C 121 -35.68 -9.87 9.41
N TYR C 122 -34.66 -10.24 8.61
CA TYR C 122 -34.60 -11.59 8.03
C TYR C 122 -34.76 -12.70 9.10
N SER C 123 -34.36 -12.45 10.36
CA SER C 123 -34.45 -13.45 11.42
C SER C 123 -35.87 -13.84 11.75
N HIS C 124 -36.85 -12.95 11.46
CA HIS C 124 -38.27 -13.19 11.75
C HIS C 124 -38.91 -14.22 10.81
N GLN C 125 -38.17 -14.65 9.77
CA GLN C 125 -38.54 -15.71 8.83
C GLN C 125 -38.62 -17.05 9.58
N ALA C 126 -37.96 -17.17 10.76
CA ALA C 126 -38.04 -18.35 11.62
C ALA C 126 -39.48 -18.62 12.09
N LEU C 127 -40.31 -17.54 12.24
CA LEU C 127 -41.74 -17.61 12.58
C LEU C 127 -42.50 -18.41 11.52
N VAL C 128 -42.12 -18.22 10.26
CA VAL C 128 -42.75 -18.90 9.13
C VAL C 128 -42.29 -20.33 9.08
N TRP C 129 -40.98 -20.59 9.24
CA TRP C 129 -40.40 -21.93 9.22
C TRP C 129 -41.02 -22.80 10.29
N PHE C 130 -41.15 -22.25 11.52
CA PHE C 130 -41.73 -22.93 12.66
C PHE C 130 -43.15 -23.37 12.36
N GLU C 131 -43.98 -22.43 11.82
CA GLU C 131 -45.37 -22.71 11.41
C GLU C 131 -45.43 -23.80 10.32
N MET C 132 -44.46 -23.76 9.39
CA MET C 132 -44.27 -24.69 8.28
C MET C 132 -43.90 -26.07 8.80
N MET C 133 -43.10 -26.12 9.88
CA MET C 133 -42.67 -27.36 10.52
C MET C 133 -43.85 -28.01 11.23
N ARG C 134 -44.70 -27.20 11.91
CA ARG C 134 -45.92 -27.68 12.58
C ARG C 134 -46.89 -28.24 11.56
N LEU C 135 -47.06 -27.53 10.44
CA LEU C 135 -47.94 -27.93 9.34
C LEU C 135 -47.50 -29.20 8.63
N PHE C 136 -46.21 -29.31 8.25
CA PHE C 136 -45.76 -30.49 7.48
C PHE C 136 -45.20 -31.63 8.34
N ASN C 137 -45.24 -31.46 9.68
CA ASN C 137 -44.81 -32.42 10.71
C ASN C 137 -43.37 -32.87 10.53
N TRP C 138 -42.49 -31.85 10.37
CA TRP C 138 -41.05 -31.99 10.29
C TRP C 138 -40.56 -31.77 11.73
N ASN C 139 -40.56 -32.86 12.50
CA ASN C 139 -40.19 -32.83 13.91
C ASN C 139 -38.68 -32.84 14.14
N HIS C 140 -37.91 -33.13 13.09
CA HIS C 140 -36.46 -33.15 13.15
C HIS C 140 -35.88 -32.40 11.96
N VAL C 141 -35.15 -31.31 12.26
CA VAL C 141 -34.54 -30.45 11.26
C VAL C 141 -33.03 -30.24 11.51
N ILE C 142 -32.30 -29.93 10.44
CA ILE C 142 -30.88 -29.55 10.49
C ILE C 142 -30.89 -28.08 10.12
N LEU C 143 -30.28 -27.24 10.97
CA LEU C 143 -30.19 -25.81 10.72
C LEU C 143 -28.75 -25.46 10.35
N ILE C 144 -28.55 -24.88 9.16
CA ILE C 144 -27.24 -24.43 8.68
C ILE C 144 -27.31 -22.92 8.61
N VAL C 145 -26.46 -22.26 9.39
CA VAL C 145 -26.41 -20.79 9.42
C VAL C 145 -24.99 -20.32 9.17
N SER C 146 -24.86 -19.12 8.60
CA SER C 146 -23.56 -18.49 8.42
C SER C 146 -23.12 -17.96 9.81
N ASP C 147 -21.82 -17.97 10.10
CA ASP C 147 -21.33 -17.49 11.38
C ASP C 147 -21.08 -16.00 11.31
N ASP C 148 -22.18 -15.24 11.14
CA ASP C 148 -22.25 -13.78 11.11
C ASP C 148 -23.46 -13.39 11.96
N HIS C 149 -23.67 -12.08 12.17
CA HIS C 149 -24.77 -11.58 12.97
C HIS C 149 -26.09 -12.12 12.44
N GLU C 150 -26.32 -12.03 11.11
CA GLU C 150 -27.54 -12.47 10.43
C GLU C 150 -27.85 -13.94 10.67
N GLY C 151 -26.89 -14.82 10.40
CA GLY C 151 -27.01 -16.27 10.59
C GLY C 151 -27.35 -16.64 12.01
N ARG C 152 -26.66 -16.02 12.97
CA ARG C 152 -26.87 -16.24 14.40
C ARG C 152 -28.21 -15.72 14.89
N ALA C 153 -28.71 -14.62 14.31
CA ALA C 153 -29.98 -13.99 14.67
C ALA C 153 -31.15 -14.92 14.36
N ALA C 154 -31.08 -15.60 13.17
CA ALA C 154 -32.05 -16.58 12.68
C ALA C 154 -32.04 -17.76 13.63
N GLN C 155 -30.83 -18.27 13.97
CA GLN C 155 -30.67 -19.39 14.89
C GLN C 155 -31.30 -19.07 16.24
N LYS C 156 -30.92 -17.94 16.88
CA LYS C 156 -31.47 -17.58 18.19
C LYS C 156 -33.00 -17.47 18.14
N LYS C 157 -33.56 -16.91 17.03
CA LYS C 157 -35.00 -16.78 16.87
C LYS C 157 -35.70 -18.15 16.76
N LEU C 158 -35.22 -19.03 15.85
CA LEU C 158 -35.80 -20.36 15.69
C LEU C 158 -35.67 -21.15 17.00
N GLU C 159 -34.48 -21.11 17.64
CA GLU C 159 -34.24 -21.81 18.91
C GLU C 159 -35.21 -21.38 20.01
N THR C 160 -35.57 -20.09 20.04
CA THR C 160 -36.54 -19.53 20.99
C THR C 160 -37.91 -20.18 20.75
N LEU C 161 -38.34 -20.29 19.48
CA LEU C 161 -39.62 -20.90 19.10
C LEU C 161 -39.65 -22.38 19.41
N LEU C 162 -38.54 -23.08 19.16
CA LEU C 162 -38.41 -24.52 19.43
C LEU C 162 -38.36 -24.85 20.93
N GLU C 163 -37.95 -23.86 21.78
CA GLU C 163 -37.84 -23.94 23.25
C GLU C 163 -38.76 -22.90 23.91
N GLY C 187 -42.04 -30.69 21.03
CA GLY C 187 -42.61 -30.82 19.69
C GLY C 187 -41.55 -30.90 18.61
N PRO C 188 -41.47 -29.90 17.69
CA PRO C 188 -40.42 -29.96 16.64
C PRO C 188 -39.08 -29.52 17.23
N LYS C 189 -38.01 -30.26 16.88
CA LYS C 189 -36.68 -30.03 17.40
C LYS C 189 -35.63 -29.88 16.30
N ALA C 190 -34.57 -29.13 16.60
CA ALA C 190 -33.45 -28.99 15.68
C ALA C 190 -32.37 -30.00 16.10
N ASP C 191 -32.33 -31.15 15.40
CA ASP C 191 -31.37 -32.22 15.65
C ASP C 191 -29.93 -31.71 15.81
N LYS C 192 -29.52 -30.76 14.93
CA LYS C 192 -28.22 -30.12 14.99
C LYS C 192 -28.23 -28.76 14.31
N VAL C 193 -27.38 -27.86 14.82
CA VAL C 193 -27.12 -26.56 14.23
C VAL C 193 -25.68 -26.62 13.71
N LEU C 194 -25.45 -26.17 12.48
CA LEU C 194 -24.14 -26.15 11.88
C LEU C 194 -23.88 -24.74 11.39
N GLN C 195 -22.76 -24.16 11.80
CA GLN C 195 -22.38 -22.81 11.40
C GLN C 195 -21.17 -22.93 10.48
N PHE C 196 -21.03 -22.01 9.53
CA PHE C 196 -19.90 -21.99 8.61
C PHE C 196 -19.29 -20.59 8.53
N GLU C 197 -18.02 -20.49 8.10
CA GLU C 197 -17.42 -19.17 8.00
C GLU C 197 -17.93 -18.48 6.72
N PRO C 198 -18.51 -17.24 6.84
CA PRO C 198 -18.92 -16.52 5.62
C PRO C 198 -17.73 -16.44 4.64
N GLY C 199 -18.02 -16.57 3.35
CA GLY C 199 -17.01 -16.53 2.31
C GLY C 199 -16.33 -17.86 1.99
N THR C 200 -16.59 -18.93 2.77
CA THR C 200 -16.03 -20.26 2.53
C THR C 200 -16.65 -20.83 1.26
N LYS C 201 -15.81 -21.29 0.32
CA LYS C 201 -16.30 -21.85 -0.95
C LYS C 201 -16.37 -23.39 -0.92
N ASN C 202 -15.42 -24.03 -0.21
CA ASN C 202 -15.39 -25.48 -0.08
C ASN C 202 -16.10 -25.88 1.22
N LEU C 203 -17.43 -25.88 1.14
CA LEU C 203 -18.34 -26.18 2.24
C LEU C 203 -18.69 -27.67 2.30
N THR C 204 -17.76 -28.51 1.82
CA THR C 204 -17.88 -29.95 1.76
C THR C 204 -17.91 -30.58 3.16
N ALA C 205 -17.02 -30.11 4.07
CA ALA C 205 -16.88 -30.61 5.44
C ALA C 205 -18.20 -30.51 6.23
N LEU C 206 -18.83 -29.32 6.16
CA LEU C 206 -20.07 -29.01 6.83
C LEU C 206 -21.22 -29.91 6.37
N LEU C 207 -21.43 -30.02 5.04
CA LEU C 207 -22.51 -30.83 4.51
C LEU C 207 -22.32 -32.33 4.68
N LEU C 208 -21.06 -32.79 4.76
CA LEU C 208 -20.75 -34.20 5.02
C LEU C 208 -21.17 -34.59 6.46
N GLU C 209 -21.24 -33.58 7.40
CA GLU C 209 -21.70 -33.74 8.79
C GLU C 209 -23.21 -33.96 8.77
N ALA C 210 -23.93 -33.02 8.09
CA ALA C 210 -25.38 -32.98 7.89
C ALA C 210 -25.90 -34.21 7.16
N LYS C 211 -25.13 -34.76 6.20
CA LYS C 211 -25.54 -35.92 5.42
C LYS C 211 -25.65 -37.18 6.28
N GLU C 212 -24.69 -37.33 7.24
CA GLU C 212 -24.59 -38.46 8.17
C GLU C 212 -25.83 -38.59 9.07
N LEU C 213 -26.46 -37.43 9.43
CA LEU C 213 -27.62 -37.34 10.32
C LEU C 213 -28.90 -37.95 9.74
N GLU C 214 -29.80 -38.40 10.65
CA GLU C 214 -31.08 -39.03 10.35
C GLU C 214 -32.06 -38.07 9.68
N ALA C 215 -32.07 -36.79 10.13
CA ALA C 215 -32.92 -35.73 9.63
C ALA C 215 -32.55 -35.36 8.19
N ARG C 216 -33.58 -35.21 7.33
CA ARG C 216 -33.41 -34.82 5.93
C ARG C 216 -33.96 -33.41 5.62
N VAL C 217 -34.52 -32.71 6.65
CA VAL C 217 -35.06 -31.36 6.48
C VAL C 217 -33.97 -30.37 6.84
N ILE C 218 -33.50 -29.62 5.84
CA ILE C 218 -32.42 -28.65 6.00
C ILE C 218 -32.95 -27.22 5.90
N ILE C 219 -32.73 -26.43 6.96
CA ILE C 219 -33.10 -25.02 7.03
C ILE C 219 -31.78 -24.23 6.90
N LEU C 220 -31.71 -23.33 5.91
CA LEU C 220 -30.51 -22.52 5.66
C LEU C 220 -30.75 -21.03 5.88
N SER C 221 -29.73 -20.36 6.48
CA SER C 221 -29.65 -18.93 6.68
C SER C 221 -28.26 -18.50 6.26
N ALA C 222 -28.19 -17.76 5.15
CA ALA C 222 -26.96 -17.30 4.51
C ALA C 222 -27.30 -16.21 3.48
N SER C 223 -26.28 -15.43 3.08
CA SER C 223 -26.36 -14.40 2.06
C SER C 223 -26.47 -15.10 0.68
N GLU C 224 -26.78 -14.32 -0.40
CA GLU C 224 -26.83 -14.86 -1.76
C GLU C 224 -25.56 -15.66 -2.09
N ASP C 225 -24.37 -15.06 -1.84
CA ASP C 225 -23.10 -15.67 -2.18
C ASP C 225 -22.79 -16.92 -1.40
N ASP C 226 -23.15 -16.93 -0.09
CA ASP C 226 -22.94 -18.08 0.79
C ASP C 226 -23.95 -19.21 0.52
N ALA C 227 -25.19 -18.86 0.16
CA ALA C 227 -26.22 -19.84 -0.17
C ALA C 227 -25.80 -20.62 -1.42
N THR C 228 -25.17 -19.91 -2.39
CA THR C 228 -24.64 -20.46 -3.65
C THR C 228 -23.61 -21.56 -3.37
N ALA C 229 -22.66 -21.30 -2.46
CA ALA C 229 -21.63 -22.25 -2.07
C ALA C 229 -22.23 -23.51 -1.41
N VAL C 230 -23.31 -23.34 -0.61
CA VAL C 230 -24.00 -24.46 0.07
C VAL C 230 -24.66 -25.31 -0.99
N TYR C 231 -25.38 -24.68 -1.93
CA TYR C 231 -26.09 -25.37 -3.00
C TYR C 231 -25.13 -26.18 -3.87
N LYS C 232 -24.00 -25.57 -4.31
CA LYS C 232 -22.97 -26.22 -5.12
C LYS C 232 -22.40 -27.45 -4.39
N SER C 233 -21.90 -27.27 -3.15
CA SER C 233 -21.36 -28.38 -2.38
C SER C 233 -22.39 -29.49 -2.18
N ALA C 234 -23.66 -29.13 -1.87
CA ALA C 234 -24.76 -30.07 -1.65
C ALA C 234 -25.03 -30.90 -2.88
N ALA C 235 -25.05 -30.26 -4.07
CA ALA C 235 -25.25 -30.93 -5.36
C ALA C 235 -24.17 -31.98 -5.56
N MET C 236 -22.89 -31.62 -5.28
CA MET C 236 -21.73 -32.48 -5.40
C MET C 236 -21.84 -33.72 -4.52
N LEU C 237 -22.37 -33.53 -3.28
CA LEU C 237 -22.60 -34.58 -2.28
C LEU C 237 -23.97 -35.29 -2.46
N ASP C 238 -24.68 -34.98 -3.57
CA ASP C 238 -26.00 -35.54 -3.95
C ASP C 238 -26.98 -35.49 -2.77
N MET C 239 -27.24 -34.25 -2.32
CA MET C 239 -28.07 -33.87 -1.18
C MET C 239 -29.15 -32.87 -1.59
N THR C 240 -29.52 -32.88 -2.87
CA THR C 240 -30.53 -31.99 -3.38
C THR C 240 -31.64 -32.75 -4.10
N GLY C 241 -31.68 -34.08 -3.89
CA GLY C 241 -32.65 -34.99 -4.48
C GLY C 241 -33.70 -35.55 -3.53
N ALA C 242 -34.32 -36.68 -3.94
CA ALA C 242 -35.38 -37.37 -3.20
C ALA C 242 -35.00 -37.67 -1.76
N GLY C 243 -35.94 -37.44 -0.84
CA GLY C 243 -35.76 -37.64 0.58
C GLY C 243 -35.39 -36.38 1.35
N TYR C 244 -34.74 -35.41 0.65
CA TYR C 244 -34.33 -34.11 1.19
C TYR C 244 -35.38 -33.03 0.99
N VAL C 245 -35.47 -32.13 1.97
CA VAL C 245 -36.34 -30.95 1.99
C VAL C 245 -35.44 -29.75 2.34
N TRP C 246 -35.49 -28.67 1.52
CA TRP C 246 -34.75 -27.43 1.74
C TRP C 246 -35.74 -26.30 2.02
N LEU C 247 -35.58 -25.69 3.20
CA LEU C 247 -36.40 -24.61 3.72
C LEU C 247 -35.46 -23.43 3.92
N VAL C 248 -35.72 -22.36 3.21
CA VAL C 248 -34.84 -21.23 3.10
C VAL C 248 -35.65 -19.91 3.23
N GLY C 249 -34.95 -18.78 3.26
CA GLY C 249 -35.53 -17.45 3.33
C GLY C 249 -35.54 -16.73 1.99
N GLU C 250 -35.51 -15.39 2.03
CA GLU C 250 -35.57 -14.56 0.82
C GLU C 250 -34.23 -14.38 0.15
N ARG C 251 -33.18 -14.07 0.94
CA ARG C 251 -31.82 -13.86 0.46
C ARG C 251 -31.26 -15.08 -0.29
N GLU C 252 -31.65 -16.30 0.14
CA GLU C 252 -31.16 -17.57 -0.42
C GLU C 252 -31.87 -18.01 -1.72
N ILE C 253 -32.88 -17.26 -2.17
CA ILE C 253 -33.62 -17.52 -3.42
C ILE C 253 -33.58 -16.26 -4.28
N SER C 254 -32.54 -15.45 -4.09
CA SER C 254 -32.31 -14.18 -4.76
C SER C 254 -31.01 -14.21 -5.52
N GLY C 255 -30.92 -13.40 -6.58
CA GLY C 255 -29.72 -13.25 -7.40
C GLY C 255 -29.04 -14.54 -7.78
N SER C 256 -27.72 -14.63 -7.54
CA SER C 256 -26.91 -15.80 -7.85
C SER C 256 -27.38 -17.07 -7.11
N ALA C 257 -27.91 -16.91 -5.87
CA ALA C 257 -28.39 -18.02 -5.04
C ALA C 257 -29.46 -18.84 -5.77
N LEU C 258 -30.26 -18.17 -6.60
CA LEU C 258 -31.31 -18.81 -7.38
C LEU C 258 -30.76 -19.67 -8.53
N ARG C 259 -29.65 -19.23 -9.20
CA ARG C 259 -29.04 -19.96 -10.33
C ARG C 259 -28.61 -21.37 -10.00
N TYR C 260 -28.13 -21.60 -8.75
CA TYR C 260 -27.60 -22.88 -8.32
C TYR C 260 -28.51 -23.60 -7.33
N ALA C 261 -29.64 -22.98 -6.99
CA ALA C 261 -30.62 -23.51 -6.04
C ALA C 261 -31.20 -24.84 -6.50
N PRO C 262 -31.37 -25.82 -5.59
CA PRO C 262 -31.96 -27.10 -6.01
C PRO C 262 -33.43 -26.97 -6.34
N ASP C 263 -33.92 -27.81 -7.26
CA ASP C 263 -35.34 -27.79 -7.59
C ASP C 263 -36.07 -28.35 -6.39
N GLY C 264 -37.26 -27.83 -6.12
CA GLY C 264 -38.07 -28.27 -5.00
C GLY C 264 -37.89 -27.44 -3.76
N ILE C 265 -36.88 -26.56 -3.74
CA ILE C 265 -36.62 -25.68 -2.61
C ILE C 265 -37.86 -24.85 -2.24
N ILE C 266 -38.02 -24.56 -0.94
CA ILE C 266 -39.07 -23.70 -0.40
C ILE C 266 -38.34 -22.49 0.17
N GLY C 267 -38.73 -21.32 -0.29
CA GLY C 267 -38.18 -20.06 0.15
C GLY C 267 -39.30 -19.09 0.47
N LEU C 268 -38.94 -17.89 0.94
CA LEU C 268 -39.94 -16.90 1.27
C LEU C 268 -39.67 -15.63 0.52
N GLN C 269 -40.71 -14.79 0.36
CA GLN C 269 -40.63 -13.46 -0.19
C GLN C 269 -41.58 -12.60 0.62
N LEU C 270 -41.04 -11.55 1.26
CA LEU C 270 -41.86 -10.66 2.10
C LEU C 270 -42.76 -9.83 1.15
N ILE C 271 -44.09 -9.98 1.26
CA ILE C 271 -45.05 -9.27 0.41
C ILE C 271 -44.87 -7.75 0.61
N ASN C 272 -44.61 -7.01 -0.49
CA ASN C 272 -44.36 -5.56 -0.53
C ASN C 272 -43.02 -5.15 0.09
N GLY C 273 -42.21 -6.14 0.46
CA GLY C 273 -40.90 -5.94 1.09
C GLY C 273 -40.03 -4.90 0.43
N LYS C 274 -40.15 -4.81 -0.89
CA LYS C 274 -39.38 -3.91 -1.71
C LYS C 274 -40.20 -2.71 -2.25
N ASN C 275 -41.51 -2.58 -1.88
CA ASN C 275 -42.34 -1.42 -2.30
C ASN C 275 -42.01 -0.25 -1.41
N GLU C 276 -41.02 0.60 -1.81
CA GLU C 276 -40.63 1.80 -1.08
C GLU C 276 -41.84 2.78 -0.99
N SER C 277 -42.64 2.86 -2.08
CA SER C 277 -43.82 3.71 -2.14
C SER C 277 -44.86 3.31 -1.09
N ALA C 278 -45.16 1.99 -0.98
CA ALA C 278 -46.13 1.47 -0.01
C ALA C 278 -45.65 1.75 1.43
N HIS C 279 -44.34 1.54 1.70
CA HIS C 279 -43.75 1.75 3.01
C HIS C 279 -43.66 3.23 3.40
N ILE C 280 -43.46 4.15 2.40
CA ILE C 280 -43.48 5.59 2.67
C ILE C 280 -44.87 5.94 3.19
N SER C 281 -45.89 5.49 2.45
CA SER C 281 -47.30 5.71 2.74
C SER C 281 -47.68 5.24 4.16
N ASP C 282 -47.26 4.03 4.55
CA ASP C 282 -47.58 3.47 5.86
C ASP C 282 -46.78 4.10 7.00
N ALA C 283 -45.45 4.30 6.82
CA ALA C 283 -44.61 4.98 7.82
C ALA C 283 -45.09 6.40 8.12
N VAL C 284 -45.53 7.16 7.09
CA VAL C 284 -46.07 8.52 7.26
C VAL C 284 -47.35 8.45 8.08
N ALA C 285 -48.24 7.50 7.76
CA ALA C 285 -49.49 7.32 8.49
C ALA C 285 -49.23 7.03 10.00
N VAL C 286 -48.25 6.13 10.29
CA VAL C 286 -47.86 5.78 11.64
C VAL C 286 -47.25 7.01 12.35
N VAL C 287 -46.29 7.69 11.70
CA VAL C 287 -45.63 8.86 12.28
C VAL C 287 -46.61 10.00 12.56
N ALA C 288 -47.51 10.30 11.59
CA ALA C 288 -48.53 11.36 11.72
C ALA C 288 -49.40 11.14 12.93
N GLN C 289 -49.89 9.91 13.10
CA GLN C 289 -50.71 9.49 14.23
C GLN C 289 -49.95 9.64 15.54
N ALA C 290 -48.67 9.23 15.56
CA ALA C 290 -47.80 9.32 16.72
C ALA C 290 -47.55 10.77 17.14
N ILE C 291 -47.35 11.69 16.14
CA ILE C 291 -47.12 13.12 16.41
C ILE C 291 -48.33 13.71 17.11
N HIS C 292 -49.53 13.45 16.56
CA HIS C 292 -50.77 13.94 17.12
C HIS C 292 -51.07 13.38 18.51
N GLU C 293 -50.73 12.10 18.76
CA GLU C 293 -50.85 11.45 20.06
C GLU C 293 -49.86 12.11 21.06
N LEU C 294 -48.63 12.43 20.59
CA LEU C 294 -47.58 13.09 21.39
C LEU C 294 -48.02 14.49 21.86
N PHE C 295 -48.57 15.31 20.95
CA PHE C 295 -49.00 16.67 21.27
C PHE C 295 -50.26 16.72 22.14
N GLU C 296 -50.80 15.54 22.52
CA GLU C 296 -51.93 15.45 23.46
C GLU C 296 -51.33 15.55 24.87
N MET C 297 -50.00 15.31 25.00
CA MET C 297 -49.26 15.35 26.25
C MET C 297 -48.63 16.73 26.48
N GLU C 298 -48.17 16.96 27.70
CA GLU C 298 -47.57 18.22 28.12
C GLU C 298 -46.06 18.17 28.10
N ASN C 299 -45.45 19.36 28.17
CA ASN C 299 -44.01 19.60 28.21
C ASN C 299 -43.27 18.93 27.03
N ILE C 300 -43.76 19.20 25.81
CA ILE C 300 -43.19 18.65 24.58
C ILE C 300 -42.19 19.65 24.01
N THR C 301 -40.90 19.28 24.01
CA THR C 301 -39.84 20.14 23.49
C THR C 301 -39.59 19.88 22.02
N ASP C 302 -39.02 20.88 21.35
CA ASP C 302 -38.66 20.78 19.94
C ASP C 302 -37.32 20.07 19.78
N PRO C 303 -37.10 19.35 18.65
CA PRO C 303 -35.78 18.76 18.44
C PRO C 303 -34.75 19.86 18.24
N PRO C 304 -33.44 19.56 18.34
CA PRO C 304 -32.44 20.64 18.13
C PRO C 304 -32.51 21.19 16.72
N ARG C 305 -32.24 22.48 16.53
CA ARG C 305 -32.21 23.08 15.19
C ARG C 305 -30.76 22.99 14.77
N GLY C 306 -30.46 22.06 13.87
CA GLY C 306 -29.10 21.82 13.40
C GLY C 306 -28.23 21.05 14.39
N CYS C 307 -27.09 20.55 13.90
CA CYS C 307 -26.14 19.81 14.75
C CYS C 307 -25.14 20.72 15.44
N VAL C 308 -24.57 21.71 14.74
CA VAL C 308 -23.53 22.60 15.27
C VAL C 308 -23.92 23.18 16.64
N GLY C 309 -23.04 22.98 17.62
CA GLY C 309 -23.19 23.43 19.00
C GLY C 309 -24.16 22.63 19.87
N ASN C 310 -24.88 21.66 19.28
CA ASN C 310 -25.86 20.85 20.02
C ASN C 310 -25.36 19.45 20.29
N THR C 311 -25.04 19.15 21.56
CA THR C 311 -24.48 17.88 21.96
C THR C 311 -25.39 17.13 22.98
N ASN C 312 -26.53 17.72 23.38
CA ASN C 312 -27.47 17.07 24.27
C ASN C 312 -28.52 16.39 23.44
N ILE C 313 -29.10 15.30 23.97
CA ILE C 313 -30.17 14.56 23.31
C ILE C 313 -31.44 15.42 23.32
N TRP C 314 -32.42 15.07 22.47
CA TRP C 314 -33.70 15.73 22.43
C TRP C 314 -34.48 15.10 23.57
N LYS C 315 -34.80 15.92 24.60
CA LYS C 315 -35.49 15.51 25.82
C LYS C 315 -36.84 14.78 25.57
N THR C 316 -37.55 15.10 24.47
CA THR C 316 -38.82 14.45 24.12
C THR C 316 -38.61 13.18 23.26
N GLY C 317 -37.37 12.94 22.83
CA GLY C 317 -37.01 11.78 22.02
C GLY C 317 -37.48 10.47 22.63
N PRO C 318 -37.08 10.17 23.91
CA PRO C 318 -37.56 8.93 24.55
C PRO C 318 -39.08 8.78 24.66
N LEU C 319 -39.82 9.87 24.94
CA LEU C 319 -41.27 9.80 25.01
C LEU C 319 -41.83 9.53 23.62
N PHE C 320 -41.30 10.24 22.59
CA PHE C 320 -41.71 10.03 21.21
C PHE C 320 -41.42 8.60 20.71
N LYS C 321 -40.29 8.01 21.16
CA LYS C 321 -39.93 6.61 20.86
C LYS C 321 -41.00 5.67 21.43
N ARG C 322 -41.38 5.85 22.73
CA ARG C 322 -42.41 5.03 23.40
C ARG C 322 -43.77 5.14 22.66
N VAL C 323 -44.19 6.39 22.30
CA VAL C 323 -45.43 6.65 21.55
C VAL C 323 -45.41 5.85 20.21
N LEU C 324 -44.26 5.86 19.48
CA LEU C 324 -44.07 5.14 18.21
C LEU C 324 -44.09 3.62 18.37
N MET C 325 -43.30 3.09 19.32
CA MET C 325 -43.18 1.66 19.61
C MET C 325 -44.54 1.01 19.88
N SER C 326 -45.51 1.82 20.31
CA SER C 326 -46.82 1.34 20.72
C SER C 326 -47.96 1.81 19.83
N SER C 327 -47.61 2.34 18.65
CA SER C 327 -48.59 2.77 17.67
C SER C 327 -49.10 1.56 16.92
N LYS C 328 -50.39 1.58 16.57
CA LYS C 328 -51.09 0.54 15.82
C LYS C 328 -51.81 1.23 14.67
N TYR C 329 -51.57 0.77 13.44
CA TYR C 329 -52.24 1.28 12.25
C TYR C 329 -52.79 0.05 11.55
N PRO C 330 -54.09 -0.24 11.70
CA PRO C 330 -54.62 -1.50 11.17
C PRO C 330 -54.81 -1.55 9.66
N ASP C 331 -55.24 -0.41 9.07
CA ASP C 331 -55.54 -0.24 7.65
C ASP C 331 -54.34 0.24 6.80
N GLY C 332 -53.19 -0.38 7.02
CA GLY C 332 -51.99 -0.03 6.26
C GLY C 332 -51.99 -0.71 4.91
N VAL C 333 -51.37 -0.07 3.93
CA VAL C 333 -51.24 -0.60 2.57
C VAL C 333 -50.50 -1.96 2.58
N THR C 334 -49.54 -2.11 3.51
CA THR C 334 -48.74 -3.33 3.66
C THR C 334 -49.30 -4.22 4.77
N GLY C 335 -50.50 -3.88 5.25
CA GLY C 335 -51.20 -4.63 6.28
C GLY C 335 -51.35 -3.91 7.61
N ARG C 336 -51.44 -4.74 8.68
CA ARG C 336 -51.60 -4.37 10.09
C ARG C 336 -50.24 -3.96 10.62
N ILE C 337 -50.06 -2.67 10.94
CA ILE C 337 -48.79 -2.18 11.46
C ILE C 337 -48.77 -2.12 12.96
N GLU C 338 -47.86 -2.87 13.55
CA GLU C 338 -47.55 -2.88 14.96
C GLU C 338 -46.05 -3.16 15.06
N PHE C 339 -45.42 -2.80 16.19
CA PHE C 339 -44.00 -3.03 16.40
C PHE C 339 -43.76 -3.86 17.66
N ASN C 340 -42.78 -4.74 17.62
CA ASN C 340 -42.44 -5.56 18.77
C ASN C 340 -41.53 -4.77 19.78
N GLU C 341 -40.91 -5.49 20.74
CA GLU C 341 -40.01 -4.94 21.78
C GLU C 341 -38.72 -4.33 21.21
N ASP C 342 -38.34 -4.75 19.98
CA ASP C 342 -37.15 -4.30 19.25
C ASP C 342 -37.42 -3.15 18.27
N GLY C 343 -38.70 -2.84 18.05
CA GLY C 343 -39.17 -1.81 17.13
C GLY C 343 -39.37 -2.33 15.71
N ASP C 344 -39.35 -3.67 15.57
CA ASP C 344 -39.49 -4.39 14.31
C ASP C 344 -40.93 -4.71 14.04
N ARG C 345 -41.34 -4.62 12.77
CA ARG C 345 -42.69 -4.91 12.29
C ARG C 345 -43.19 -6.30 12.71
N LYS C 346 -44.42 -6.31 13.24
CA LYS C 346 -45.19 -7.47 13.58
C LYS C 346 -46.26 -7.63 12.49
N PHE C 347 -46.79 -8.86 12.35
CA PHE C 347 -47.87 -9.22 11.40
C PHE C 347 -47.51 -9.00 9.92
N ALA C 348 -46.22 -9.22 9.59
CA ALA C 348 -45.69 -9.17 8.23
C ALA C 348 -46.20 -10.40 7.46
N GLN C 349 -46.43 -10.22 6.14
CA GLN C 349 -46.95 -11.28 5.27
C GLN C 349 -45.93 -11.73 4.26
N TYR C 350 -45.82 -13.05 4.09
CA TYR C 350 -44.84 -13.68 3.21
C TYR C 350 -45.48 -14.59 2.19
N SER C 351 -44.88 -14.64 0.98
CA SER C 351 -45.25 -15.57 -0.08
C SER C 351 -44.41 -16.82 0.15
N ILE C 352 -45.07 -17.99 0.22
CA ILE C 352 -44.34 -19.24 0.36
C ILE C 352 -44.02 -19.68 -1.07
N MET C 353 -42.75 -19.49 -1.46
CA MET C 353 -42.19 -19.75 -2.80
C MET C 353 -41.59 -21.14 -2.96
N ASN C 354 -41.78 -21.76 -4.14
CA ASN C 354 -41.30 -23.11 -4.43
C ASN C 354 -40.77 -23.24 -5.88
N LEU C 355 -39.51 -23.75 -6.05
CA LEU C 355 -38.92 -23.92 -7.37
C LEU C 355 -39.52 -25.08 -8.17
N GLN C 356 -40.48 -24.73 -9.06
CA GLN C 356 -41.18 -25.67 -9.95
C GLN C 356 -40.56 -25.69 -11.37
N ASN C 357 -39.71 -26.74 -11.57
CA ASN C 357 -38.86 -27.03 -12.74
C ASN C 357 -37.91 -25.85 -12.98
N ARG C 358 -38.39 -24.77 -13.68
CA ARG C 358 -37.52 -23.62 -13.89
C ARG C 358 -38.14 -22.28 -13.45
N LYS C 359 -39.11 -22.31 -12.54
CA LYS C 359 -39.80 -21.10 -12.07
C LYS C 359 -40.06 -21.09 -10.59
N LEU C 360 -39.99 -19.89 -9.97
CA LEU C 360 -40.36 -19.69 -8.57
C LEU C 360 -41.91 -19.57 -8.51
N VAL C 361 -42.58 -20.59 -7.98
CA VAL C 361 -44.03 -20.69 -7.96
C VAL C 361 -44.62 -20.61 -6.54
N GLN C 362 -45.56 -19.66 -6.33
CA GLN C 362 -46.21 -19.44 -5.03
C GLN C 362 -47.16 -20.55 -4.67
N VAL C 363 -46.93 -21.20 -3.53
CA VAL C 363 -47.73 -22.34 -3.07
C VAL C 363 -48.60 -21.98 -1.86
N GLY C 364 -48.32 -20.81 -1.29
CA GLY C 364 -49.08 -20.35 -0.15
C GLY C 364 -48.66 -18.98 0.34
N ILE C 365 -49.25 -18.54 1.44
CA ILE C 365 -48.96 -17.28 2.11
C ILE C 365 -48.93 -17.46 3.63
N PHE C 366 -48.06 -16.70 4.30
CA PHE C 366 -48.06 -16.60 5.75
C PHE C 366 -48.67 -15.22 5.96
N ASN C 367 -49.95 -15.19 6.38
CA ASN C 367 -50.76 -13.97 6.48
C ASN C 367 -50.46 -13.00 7.64
N GLY C 368 -49.52 -13.35 8.50
CA GLY C 368 -49.14 -12.54 9.64
C GLY C 368 -49.17 -13.36 10.90
N SER C 369 -49.96 -14.46 10.88
CA SER C 369 -50.13 -15.37 12.01
C SER C 369 -50.44 -16.81 11.60
N TYR C 370 -50.84 -17.04 10.33
CA TYR C 370 -51.27 -18.35 9.83
C TYR C 370 -50.80 -18.66 8.42
N ILE C 371 -50.61 -19.96 8.10
CA ILE C 371 -50.29 -20.41 6.74
C ILE C 371 -51.58 -20.73 5.98
N ILE C 372 -51.71 -20.18 4.77
CA ILE C 372 -52.84 -20.44 3.87
C ILE C 372 -52.26 -21.05 2.60
N GLN C 373 -52.52 -22.32 2.36
CA GLN C 373 -52.03 -23.00 1.17
C GLN C 373 -52.97 -22.71 0.00
N ASN C 374 -52.42 -22.36 -1.17
CA ASN C 374 -53.23 -22.11 -2.36
C ASN C 374 -53.44 -23.44 -3.13
N ASP C 375 -54.15 -23.39 -4.28
CA ASP C 375 -54.45 -24.58 -5.08
C ASP C 375 -53.25 -25.15 -5.88
N ARG C 376 -52.08 -24.45 -5.86
CA ARG C 376 -50.87 -24.94 -6.52
C ARG C 376 -50.17 -25.94 -5.60
N LYS C 377 -49.95 -27.15 -6.13
CA LYS C 377 -49.33 -28.27 -5.41
C LYS C 377 -47.82 -28.12 -5.34
N ILE C 378 -47.22 -28.42 -4.17
CA ILE C 378 -45.77 -28.37 -3.97
C ILE C 378 -45.09 -29.55 -4.66
N ILE C 379 -43.99 -29.30 -5.37
CA ILE C 379 -43.11 -30.32 -5.93
C ILE C 379 -41.84 -30.25 -5.04
N TRP C 380 -41.58 -31.36 -4.35
CA TRP C 380 -40.47 -31.50 -3.43
C TRP C 380 -39.19 -31.82 -4.19
N PRO C 381 -37.96 -31.59 -3.61
CA PRO C 381 -36.71 -31.95 -4.31
C PRO C 381 -36.68 -33.43 -4.67
N GLY C 382 -36.49 -33.71 -5.95
CA GLY C 382 -36.52 -35.07 -6.46
C GLY C 382 -37.59 -35.21 -7.53
N GLY C 383 -38.64 -34.37 -7.42
CA GLY C 383 -39.73 -34.29 -8.39
C GLY C 383 -41.01 -35.02 -8.04
N GLU C 384 -41.43 -34.96 -6.75
CA GLU C 384 -42.67 -35.64 -6.32
C GLU C 384 -43.59 -34.75 -5.48
N THR C 385 -44.90 -35.11 -5.42
CA THR C 385 -45.89 -34.38 -4.63
C THR C 385 -46.44 -35.25 -3.48
N PRO D 2 14.16 11.71 7.36
CA PRO D 2 13.97 12.80 6.39
C PRO D 2 12.52 12.99 5.90
N PRO D 3 11.74 12.01 5.34
CA PRO D 3 10.37 12.34 4.88
C PRO D 3 9.46 12.80 6.02
N SER D 4 8.54 13.71 5.69
CA SER D 4 7.64 14.33 6.65
C SER D 4 6.20 13.81 6.59
N ILE D 5 5.66 13.41 7.76
CA ILE D 5 4.28 12.95 7.91
C ILE D 5 3.50 14.01 8.66
N GLY D 6 2.32 14.34 8.15
CA GLY D 6 1.49 15.33 8.82
C GLY D 6 0.62 14.68 9.89
N ILE D 7 0.70 15.21 11.12
CA ILE D 7 -0.10 14.75 12.27
C ILE D 7 -0.93 15.94 12.80
N ALA D 8 -2.26 15.79 12.85
CA ALA D 8 -3.15 16.82 13.39
C ALA D 8 -3.45 16.51 14.84
N VAL D 9 -3.15 17.46 15.73
CA VAL D 9 -3.44 17.31 17.14
C VAL D 9 -4.66 18.20 17.40
N ILE D 10 -5.84 17.58 17.54
CA ILE D 10 -7.10 18.29 17.77
C ILE D 10 -7.39 18.42 19.25
N LEU D 11 -7.44 19.67 19.72
CA LEU D 11 -7.72 20.01 21.11
C LEU D 11 -9.03 20.77 21.25
N VAL D 12 -9.95 20.15 22.00
CA VAL D 12 -11.26 20.73 22.33
C VAL D 12 -11.20 21.21 23.76
N GLY D 13 -11.50 22.49 23.95
CA GLY D 13 -11.50 23.11 25.27
C GLY D 13 -10.19 23.73 25.66
N THR D 14 -10.20 24.41 26.83
CA THR D 14 -9.07 25.12 27.45
C THR D 14 -7.88 24.20 27.74
N SER D 15 -6.77 24.41 26.99
CA SER D 15 -5.54 23.63 27.07
C SER D 15 -4.30 24.50 26.83
N ASP D 16 -3.17 24.14 27.48
CA ASP D 16 -1.90 24.84 27.35
C ASP D 16 -1.21 24.29 26.11
N GLU D 17 -1.29 25.05 25.00
CA GLU D 17 -0.67 24.66 23.73
C GLU D 17 0.87 24.73 23.85
N VAL D 18 1.38 25.67 24.70
CA VAL D 18 2.81 25.85 24.97
C VAL D 18 3.38 24.63 25.69
N ALA D 19 2.69 24.17 26.77
CA ALA D 19 3.11 23.00 27.54
C ALA D 19 3.08 21.69 26.72
N ILE D 20 2.12 21.57 25.75
CA ILE D 20 1.95 20.41 24.87
C ILE D 20 3.13 20.23 23.87
N LYS D 21 3.55 21.33 23.18
CA LYS D 21 4.67 21.34 22.20
C LYS D 21 6.01 20.79 22.77
N ASP D 22 6.15 20.80 24.11
CA ASP D 22 7.27 20.34 24.89
C ASP D 22 7.10 18.84 25.20
N PHE D 29 12.41 12.90 20.50
CA PHE D 29 12.92 13.17 19.15
C PHE D 29 13.00 11.92 18.26
N HIS D 30 13.25 12.10 16.95
CA HIS D 30 13.35 11.02 15.96
C HIS D 30 14.79 10.61 15.57
N HIS D 31 14.92 9.31 15.28
CA HIS D 31 16.09 8.55 14.82
C HIS D 31 15.54 7.68 13.69
N LEU D 32 14.18 7.56 13.67
CA LEU D 32 13.31 6.79 12.79
C LEU D 32 13.44 7.16 11.30
N SER D 33 12.82 6.32 10.43
CA SER D 33 12.81 6.46 8.97
C SER D 33 11.96 7.65 8.48
N VAL D 34 11.05 8.15 9.33
CA VAL D 34 10.14 9.25 9.01
C VAL D 34 10.07 10.28 10.14
N VAL D 35 9.68 11.54 9.82
CA VAL D 35 9.61 12.61 10.81
C VAL D 35 8.21 13.28 10.86
N PRO D 36 7.71 13.64 12.06
CA PRO D 36 6.37 14.27 12.14
C PRO D 36 6.32 15.79 11.93
N ARG D 37 5.27 16.28 11.22
CA ARG D 37 4.98 17.72 11.03
C ARG D 37 3.65 17.93 11.76
N VAL D 38 3.77 18.27 13.06
CA VAL D 38 2.67 18.44 14.01
C VAL D 38 1.95 19.80 13.87
N GLU D 39 0.62 19.78 13.79
CA GLU D 39 -0.19 20.99 13.71
C GLU D 39 -1.27 20.93 14.79
N LEU D 40 -1.13 21.77 15.81
CA LEU D 40 -2.12 21.87 16.90
C LEU D 40 -3.28 22.67 16.38
N VAL D 41 -4.47 22.08 16.49
CA VAL D 41 -5.73 22.60 15.96
C VAL D 41 -6.73 22.74 17.09
N ALA D 42 -7.39 23.91 17.17
CA ALA D 42 -8.44 24.14 18.16
C ALA D 42 -9.81 23.84 17.53
N MET D 43 -10.74 23.38 18.36
CA MET D 43 -12.10 23.06 17.98
C MET D 43 -13.01 23.42 19.14
N ASN D 44 -14.09 24.17 18.85
CA ASN D 44 -15.01 24.61 19.89
C ASN D 44 -16.18 23.66 20.12
N GLU D 45 -16.70 23.02 19.06
CA GLU D 45 -17.87 22.17 19.17
C GLU D 45 -17.57 20.68 19.01
N THR D 46 -18.36 19.82 19.70
CA THR D 46 -18.20 18.37 19.69
C THR D 46 -19.40 17.57 19.13
N ASP D 47 -20.30 18.22 18.35
CA ASP D 47 -21.44 17.57 17.70
C ASP D 47 -20.93 16.78 16.44
N PRO D 48 -21.70 15.80 15.88
CA PRO D 48 -21.21 15.07 14.70
C PRO D 48 -20.75 15.94 13.52
N LYS D 49 -21.56 16.97 13.14
CA LYS D 49 -21.22 17.87 12.04
C LYS D 49 -19.88 18.53 12.23
N SER D 50 -19.68 19.16 13.38
CA SER D 50 -18.45 19.88 13.74
C SER D 50 -17.22 18.99 13.65
N ILE D 51 -17.25 17.82 14.31
CA ILE D 51 -16.13 16.89 14.28
C ILE D 51 -15.84 16.40 12.85
N ILE D 52 -16.88 15.96 12.10
CA ILE D 52 -16.71 15.46 10.74
C ILE D 52 -16.09 16.59 9.90
N THR D 53 -16.72 17.78 9.89
CA THR D 53 -16.26 18.94 9.14
C THR D 53 -14.80 19.33 9.47
N ARG D 54 -14.45 19.46 10.76
CA ARG D 54 -13.09 19.80 11.14
C ARG D 54 -12.06 18.84 10.60
N ILE D 55 -12.24 17.51 10.82
CA ILE D 55 -11.30 16.49 10.36
C ILE D 55 -11.22 16.47 8.84
N CYS D 56 -12.37 16.50 8.16
CA CYS D 56 -12.45 16.48 6.71
C CYS D 56 -11.82 17.69 6.05
N ASP D 57 -11.94 18.87 6.68
CA ASP D 57 -11.32 20.10 6.19
C ASP D 57 -9.81 20.01 6.34
N LEU D 58 -9.32 19.52 7.50
CA LEU D 58 -7.89 19.34 7.77
C LEU D 58 -7.24 18.38 6.77
N MET D 59 -7.96 17.30 6.39
CA MET D 59 -7.45 16.30 5.46
C MET D 59 -7.30 16.84 4.05
N SER D 60 -8.19 17.77 3.64
CA SER D 60 -8.14 18.38 2.33
C SER D 60 -6.98 19.37 2.19
N ASP D 61 -6.68 20.10 3.29
CA ASP D 61 -5.62 21.09 3.36
C ASP D 61 -4.24 20.46 3.46
N ARG D 62 -3.91 19.83 4.59
CA ARG D 62 -2.60 19.19 4.71
C ARG D 62 -2.72 17.71 4.35
N LYS D 63 -1.59 17.00 4.29
CA LYS D 63 -1.54 15.58 4.01
C LYS D 63 -1.49 14.96 5.41
N ILE D 64 -2.67 14.57 5.94
CA ILE D 64 -2.84 14.03 7.31
C ILE D 64 -2.65 12.51 7.35
N GLN D 65 -1.54 12.07 7.96
CA GLN D 65 -1.20 10.67 8.14
C GLN D 65 -2.00 10.04 9.31
N GLY D 66 -2.25 10.83 10.34
CA GLY D 66 -2.98 10.41 11.52
C GLY D 66 -3.45 11.60 12.32
N VAL D 67 -4.41 11.37 13.25
CA VAL D 67 -5.02 12.38 14.13
C VAL D 67 -4.85 11.99 15.62
N VAL D 68 -4.51 12.98 16.46
CA VAL D 68 -4.40 12.83 17.91
C VAL D 68 -5.51 13.72 18.47
N PHE D 69 -6.50 13.13 19.16
CA PHE D 69 -7.66 13.88 19.62
C PHE D 69 -7.77 13.92 21.15
N ALA D 70 -8.02 15.12 21.69
CA ALA D 70 -8.21 15.33 23.13
C ALA D 70 -9.36 16.31 23.35
N ASP D 71 -10.23 16.01 24.32
CA ASP D 71 -11.36 16.89 24.64
C ASP D 71 -11.55 17.04 26.13
N ASP D 72 -12.20 18.13 26.55
CA ASP D 72 -12.46 18.44 27.95
C ASP D 72 -13.83 17.96 28.46
N THR D 73 -14.62 17.32 27.59
CA THR D 73 -16.01 16.88 27.83
C THR D 73 -16.12 15.47 28.47
N ASP D 74 -17.37 15.06 28.82
CA ASP D 74 -17.73 13.75 29.38
C ASP D 74 -18.63 13.04 28.34
N GLN D 75 -18.48 13.38 27.04
CA GLN D 75 -19.31 12.86 25.93
C GLN D 75 -18.70 11.67 25.20
N GLU D 76 -19.06 10.46 25.65
CA GLU D 76 -18.64 9.16 25.10
C GLU D 76 -18.93 9.04 23.60
N ALA D 77 -19.99 9.75 23.10
CA ALA D 77 -20.37 9.75 21.68
C ALA D 77 -19.25 10.32 20.79
N ILE D 78 -18.38 11.21 21.32
CA ILE D 78 -17.20 11.70 20.59
C ILE D 78 -16.39 10.49 20.08
N ALA D 79 -16.14 9.46 20.95
CA ALA D 79 -15.40 8.24 20.57
C ALA D 79 -16.02 7.58 19.34
N GLN D 80 -17.38 7.41 19.37
CA GLN D 80 -18.19 6.82 18.31
C GLN D 80 -18.06 7.60 17.00
N ILE D 81 -18.18 8.95 17.05
CA ILE D 81 -18.00 9.81 15.87
C ILE D 81 -16.60 9.60 15.29
N LEU D 82 -15.55 9.55 16.16
CA LEU D 82 -14.15 9.31 15.75
C LEU D 82 -13.93 7.92 15.13
N ASP D 83 -14.55 6.86 15.71
CA ASP D 83 -14.42 5.51 15.16
C ASP D 83 -14.96 5.49 13.73
N PHE D 84 -16.16 6.06 13.54
CA PHE D 84 -16.82 6.20 12.24
C PHE D 84 -15.88 6.90 11.21
N ILE D 85 -15.38 8.12 11.55
CA ILE D 85 -14.48 8.87 10.67
C ILE D 85 -13.28 8.01 10.28
N SER D 86 -12.62 7.40 11.31
CA SER D 86 -11.45 6.54 11.18
C SER D 86 -11.70 5.37 10.23
N ALA D 87 -12.82 4.67 10.39
CA ALA D 87 -13.15 3.53 9.53
C ALA D 87 -13.51 3.96 8.11
N GLN D 88 -14.28 5.08 7.98
CA GLN D 88 -14.69 5.63 6.68
C GLN D 88 -13.54 6.18 5.86
N THR D 89 -12.56 6.83 6.49
CA THR D 89 -11.42 7.43 5.80
C THR D 89 -10.13 6.60 5.90
N LEU D 90 -10.13 5.47 6.61
CA LEU D 90 -8.94 4.64 6.83
C LEU D 90 -7.74 5.49 7.29
N THR D 91 -7.99 6.32 8.32
CA THR D 91 -7.03 7.22 8.94
C THR D 91 -6.92 6.90 10.44
N PRO D 92 -5.69 6.66 10.96
CA PRO D 92 -5.55 6.47 12.42
C PRO D 92 -5.99 7.71 13.20
N ILE D 93 -6.82 7.51 14.21
CA ILE D 93 -7.27 8.55 15.13
C ILE D 93 -7.01 7.97 16.51
N LEU D 94 -6.31 8.74 17.37
CA LEU D 94 -6.06 8.32 18.76
C LEU D 94 -6.86 9.22 19.70
N GLY D 95 -7.80 8.65 20.44
CA GLY D 95 -8.59 9.36 21.45
C GLY D 95 -7.84 9.28 22.78
N ILE D 96 -7.14 10.34 23.14
CA ILE D 96 -6.20 10.35 24.27
C ILE D 96 -6.75 10.95 25.56
N HIS D 97 -7.88 11.70 25.51
CA HIS D 97 -8.43 12.37 26.68
C HIS D 97 -9.88 12.78 26.43
N GLY D 98 -10.67 12.83 27.51
CA GLY D 98 -12.07 13.23 27.48
C GLY D 98 -12.97 12.13 27.00
N GLY D 99 -14.07 12.54 26.39
CA GLY D 99 -15.08 11.66 25.81
C GLY D 99 -14.60 10.83 24.65
N SER D 100 -13.42 11.20 24.06
CA SER D 100 -12.81 10.46 22.96
C SER D 100 -12.10 9.22 23.48
N SER D 101 -11.69 9.24 24.77
CA SER D 101 -10.98 8.14 25.43
C SER D 101 -11.94 7.19 26.17
N MET D 102 -13.26 7.53 26.18
CA MET D 102 -14.35 6.76 26.78
C MET D 102 -14.72 5.53 25.92
N ILE D 103 -14.76 4.35 26.54
CA ILE D 103 -14.95 3.05 25.90
C ILE D 103 -15.90 3.03 24.70
N MET D 104 -15.30 2.66 23.55
CA MET D 104 -15.99 2.40 22.30
C MET D 104 -15.97 0.89 22.12
N ALA D 105 -17.07 0.18 22.49
CA ALA D 105 -17.15 -1.26 22.33
C ALA D 105 -17.46 -1.57 20.89
N ASP D 106 -16.99 -2.71 20.39
CA ASP D 106 -17.24 -3.17 19.03
C ASP D 106 -16.92 -2.11 17.94
N LYS D 107 -15.66 -1.61 17.97
CA LYS D 107 -15.18 -0.68 16.96
C LYS D 107 -15.32 -1.37 15.61
N ASP D 108 -15.47 -0.58 14.55
CA ASP D 108 -15.63 -1.08 13.18
C ASP D 108 -14.52 -2.03 12.80
N GLU D 109 -14.84 -2.97 11.88
CA GLU D 109 -13.87 -3.93 11.35
C GLU D 109 -12.70 -3.17 10.70
N SER D 110 -13.03 -2.07 9.99
CA SER D 110 -12.12 -1.20 9.25
C SER D 110 -11.57 -0.06 10.08
N SER D 111 -11.83 -0.06 11.38
CA SER D 111 -11.40 1.00 12.28
C SER D 111 -9.90 1.02 12.48
N MET D 112 -9.36 2.24 12.63
CA MET D 112 -7.97 2.57 12.96
C MET D 112 -8.01 3.55 14.14
N PHE D 113 -9.07 3.42 14.97
CA PHE D 113 -9.33 4.22 16.17
C PHE D 113 -8.83 3.49 17.40
N PHE D 114 -7.94 4.16 18.14
CA PHE D 114 -7.29 3.65 19.33
C PHE D 114 -7.47 4.64 20.47
N GLN D 115 -7.71 4.12 21.72
CA GLN D 115 -7.98 4.96 22.89
C GLN D 115 -6.99 4.80 24.06
N PHE D 116 -6.70 5.90 24.72
CA PHE D 116 -5.82 5.89 25.89
C PHE D 116 -6.78 5.66 27.07
N GLY D 117 -7.01 4.41 27.40
CA GLY D 117 -7.89 4.05 28.48
C GLY D 117 -7.97 2.56 28.68
N PRO D 118 -8.51 2.12 29.84
CA PRO D 118 -8.66 0.68 30.06
C PRO D 118 -9.90 0.13 29.33
N SER D 119 -9.81 -1.15 28.97
CA SER D 119 -10.90 -1.87 28.34
C SER D 119 -12.03 -2.14 29.36
N ILE D 120 -13.17 -2.62 28.85
CA ILE D 120 -14.33 -3.00 29.65
C ILE D 120 -13.90 -4.16 30.58
N GLU D 121 -13.18 -5.14 30.02
CA GLU D 121 -12.70 -6.35 30.70
C GLU D 121 -11.72 -6.05 31.82
N GLN D 122 -10.73 -5.15 31.60
CA GLN D 122 -9.72 -4.77 32.61
C GLN D 122 -10.35 -4.11 33.82
N GLN D 123 -11.33 -3.23 33.58
CA GLN D 123 -12.04 -2.51 34.61
C GLN D 123 -12.89 -3.46 35.44
N ALA D 124 -13.60 -4.39 34.78
CA ALA D 124 -14.40 -5.41 35.44
C ALA D 124 -13.45 -6.27 36.32
N SER D 125 -12.24 -6.56 35.80
CA SER D 125 -11.23 -7.33 36.51
C SER D 125 -10.75 -6.55 37.75
N VAL D 126 -10.41 -5.25 37.58
CA VAL D 126 -10.00 -4.34 38.66
C VAL D 126 -11.07 -4.30 39.74
N MET D 127 -12.36 -4.21 39.36
CA MET D 127 -13.50 -4.17 40.27
C MET D 127 -13.53 -5.39 41.16
N LEU D 128 -13.35 -6.59 40.59
CA LEU D 128 -13.34 -7.84 41.36
C LEU D 128 -12.15 -7.94 42.32
N ASN D 129 -11.02 -7.34 41.95
CA ASN D 129 -9.82 -7.29 42.79
C ASN D 129 -10.09 -6.46 44.05
N ILE D 130 -10.82 -5.32 43.89
CA ILE D 130 -11.24 -4.45 44.99
C ILE D 130 -12.14 -5.26 45.95
N MET D 131 -13.10 -6.02 45.41
CA MET D 131 -14.00 -6.86 46.19
C MET D 131 -13.30 -7.99 46.96
N GLU D 132 -12.36 -8.71 46.31
CA GLU D 132 -11.59 -9.79 46.96
C GLU D 132 -10.76 -9.23 48.12
N GLU D 133 -10.29 -7.98 47.98
CA GLU D 133 -9.47 -7.27 48.97
C GLU D 133 -10.22 -7.07 50.28
N TYR D 134 -11.47 -6.62 50.20
CA TYR D 134 -12.29 -6.32 51.37
C TYR D 134 -13.28 -7.41 51.69
N ASP D 135 -13.20 -8.55 50.95
CA ASP D 135 -14.04 -9.73 51.10
C ASP D 135 -15.53 -9.39 50.88
N TRP D 136 -15.75 -8.65 49.80
CA TRP D 136 -17.04 -8.19 49.32
C TRP D 136 -17.47 -9.18 48.25
N TYR D 137 -17.91 -10.37 48.67
CA TYR D 137 -18.24 -11.46 47.75
C TYR D 137 -19.69 -11.49 47.32
N ILE D 138 -20.60 -10.91 48.10
CA ILE D 138 -22.03 -10.87 47.74
C ILE D 138 -22.32 -9.54 47.03
N PHE D 139 -22.75 -9.63 45.77
CA PHE D 139 -23.00 -8.45 44.93
C PHE D 139 -24.06 -8.65 43.85
N SER D 140 -24.45 -7.54 43.20
CA SER D 140 -25.38 -7.48 42.08
C SER D 140 -24.77 -6.58 40.99
N ILE D 141 -25.24 -6.74 39.74
CA ILE D 141 -24.83 -5.98 38.58
C ILE D 141 -26.02 -5.22 38.03
N VAL D 142 -25.77 -3.95 37.62
CA VAL D 142 -26.75 -3.11 36.96
C VAL D 142 -26.07 -2.52 35.73
N THR D 143 -26.64 -2.76 34.54
CA THR D 143 -26.14 -2.15 33.32
C THR D 143 -27.30 -1.55 32.52
N THR D 144 -26.95 -0.68 31.57
CA THR D 144 -27.89 -0.12 30.61
C THR D 144 -27.57 -0.87 29.34
N TYR D 145 -28.06 -0.38 28.19
CA TYR D 145 -27.78 -1.00 26.90
C TYR D 145 -26.58 -0.34 26.26
N PHE D 146 -25.86 0.50 27.02
CA PHE D 146 -24.65 1.15 26.55
C PHE D 146 -23.70 0.06 26.02
N PRO D 147 -23.26 0.16 24.73
CA PRO D 147 -22.44 -0.90 24.16
C PRO D 147 -21.26 -1.28 25.06
N GLY D 148 -21.11 -2.58 25.26
CA GLY D 148 -20.07 -3.14 26.11
C GLY D 148 -20.65 -3.78 27.33
N TYR D 149 -21.96 -3.54 27.61
CA TYR D 149 -22.64 -4.12 28.79
C TYR D 149 -22.53 -5.62 28.82
N GLN D 150 -22.73 -6.27 27.65
CA GLN D 150 -22.58 -7.71 27.49
C GLN D 150 -21.16 -8.15 27.83
N ASP D 151 -20.16 -7.37 27.41
CA ASP D 151 -18.74 -7.67 27.71
C ASP D 151 -18.42 -7.52 29.18
N PHE D 152 -19.05 -6.53 29.83
CA PHE D 152 -18.91 -6.27 31.25
C PHE D 152 -19.44 -7.44 32.07
N VAL D 153 -20.71 -7.81 31.86
CA VAL D 153 -21.38 -8.94 32.53
C VAL D 153 -20.67 -10.27 32.30
N ASN D 154 -20.29 -10.58 31.05
CA ASN D 154 -19.56 -11.80 30.70
C ASN D 154 -18.20 -11.93 31.39
N LYS D 155 -17.44 -10.81 31.50
CA LYS D 155 -16.14 -10.87 32.17
C LYS D 155 -16.34 -11.21 33.63
N ILE D 156 -17.30 -10.54 34.29
CA ILE D 156 -17.64 -10.80 35.70
C ILE D 156 -18.03 -12.29 35.83
N ARG D 157 -19.01 -12.73 35.00
CA ARG D 157 -19.53 -14.09 35.00
C ARG D 157 -18.50 -15.17 34.81
N SER D 158 -17.65 -15.05 33.76
CA SER D 158 -16.60 -16.02 33.48
C SER D 158 -15.62 -16.17 34.63
N THR D 159 -15.21 -15.01 35.24
CA THR D 159 -14.26 -14.91 36.35
C THR D 159 -14.74 -15.71 37.54
N ILE D 160 -16.00 -15.50 37.98
CA ILE D 160 -16.64 -16.24 39.08
C ILE D 160 -16.65 -17.79 38.84
N GLU D 161 -17.12 -18.25 37.66
CA GLU D 161 -17.21 -19.66 37.26
C GLU D 161 -15.82 -20.32 37.36
N ASN D 162 -14.83 -19.70 36.69
CA ASN D 162 -13.43 -20.09 36.65
C ASN D 162 -12.77 -19.61 37.94
N SER D 163 -13.34 -20.07 39.08
CA SER D 163 -12.98 -19.78 40.48
C SER D 163 -14.07 -20.31 41.43
N PHE D 164 -13.87 -20.04 42.73
CA PHE D 164 -14.76 -20.23 43.86
C PHE D 164 -14.05 -19.76 45.12
N VAL D 165 -14.23 -18.45 45.35
CA VAL D 165 -13.70 -17.63 46.44
C VAL D 165 -14.87 -17.49 47.47
N GLY D 166 -16.05 -17.83 46.98
CA GLY D 166 -17.36 -17.75 47.64
C GLY D 166 -18.19 -16.61 47.08
N TRP D 167 -18.02 -16.32 45.77
CA TRP D 167 -18.71 -15.25 45.04
C TRP D 167 -20.19 -15.57 44.94
N GLU D 168 -21.04 -14.55 45.10
CA GLU D 168 -22.48 -14.71 44.97
C GLU D 168 -23.10 -13.52 44.23
N LEU D 169 -23.40 -13.74 42.93
CA LEU D 169 -24.01 -12.73 42.09
C LEU D 169 -25.52 -12.88 42.23
N GLU D 170 -26.12 -11.99 43.03
CA GLU D 170 -27.55 -12.02 43.39
C GLU D 170 -28.49 -11.64 42.24
N GLU D 171 -28.27 -10.47 41.60
CA GLU D 171 -29.14 -10.00 40.50
C GLU D 171 -28.37 -9.31 39.42
N VAL D 172 -28.85 -9.44 38.16
CA VAL D 172 -28.28 -8.72 37.02
C VAL D 172 -29.43 -7.98 36.36
N LEU D 173 -29.45 -6.65 36.49
CA LEU D 173 -30.50 -5.80 35.91
C LEU D 173 -30.03 -5.12 34.62
N LEU D 174 -30.93 -5.04 33.63
CA LEU D 174 -30.69 -4.40 32.33
C LEU D 174 -31.72 -3.27 32.22
N LEU D 175 -31.26 -2.01 32.13
CA LEU D 175 -32.19 -0.89 32.15
C LEU D 175 -32.30 -0.19 30.82
N ASP D 176 -33.55 -0.03 30.31
CA ASP D 176 -33.82 0.66 29.04
C ASP D 176 -33.93 2.17 29.29
N MET D 177 -32.93 2.91 28.84
CA MET D 177 -32.87 4.35 29.01
C MET D 177 -33.44 5.06 27.79
N SER D 178 -33.74 4.30 26.72
CA SER D 178 -34.25 4.84 25.46
C SER D 178 -35.73 5.28 25.50
N LEU D 179 -36.46 4.94 26.58
CA LEU D 179 -37.87 5.28 26.74
C LEU D 179 -38.06 6.18 27.95
N ASP D 180 -39.20 6.89 28.00
CA ASP D 180 -39.53 7.74 29.15
C ASP D 180 -39.86 6.85 30.37
N ASP D 181 -39.58 7.34 31.57
CA ASP D 181 -39.88 6.58 32.78
C ASP D 181 -41.17 7.08 33.46
N GLY D 182 -42.24 7.19 32.67
CA GLY D 182 -43.55 7.60 33.14
C GLY D 182 -44.28 6.49 33.90
N ASP D 183 -43.84 5.24 33.68
CA ASP D 183 -44.38 3.98 34.23
C ASP D 183 -43.62 3.50 35.48
N SER D 184 -42.50 4.17 35.84
CA SER D 184 -41.60 3.86 36.96
C SER D 184 -41.00 2.44 36.87
N LYS D 185 -40.67 1.99 35.63
CA LYS D 185 -40.08 0.66 35.41
C LYS D 185 -38.71 0.54 36.06
N ILE D 186 -37.83 1.53 35.83
CA ILE D 186 -36.47 1.57 36.40
C ILE D 186 -36.55 1.47 37.92
N GLN D 187 -37.43 2.27 38.55
CA GLN D 187 -37.67 2.27 39.99
C GLN D 187 -38.06 0.86 40.45
N ASN D 188 -39.01 0.24 39.73
CA ASN D 188 -39.46 -1.11 40.05
C ASN D 188 -38.33 -2.12 39.95
N GLN D 189 -37.52 -2.04 38.88
CA GLN D 189 -36.37 -2.89 38.66
C GLN D 189 -35.35 -2.71 39.80
N LEU D 190 -34.97 -1.45 40.09
CA LEU D 190 -34.00 -1.13 41.14
C LEU D 190 -34.41 -1.61 42.53
N LYS D 191 -35.74 -1.68 42.80
CA LYS D 191 -36.30 -2.15 44.08
C LYS D 191 -35.97 -3.62 44.37
N LYS D 192 -35.64 -4.40 43.30
CA LYS D 192 -35.24 -5.81 43.39
C LYS D 192 -33.87 -5.98 44.06
N LEU D 193 -33.05 -4.92 44.10
CA LEU D 193 -31.70 -4.92 44.66
C LEU D 193 -31.64 -5.06 46.19
N GLN D 194 -30.88 -6.09 46.65
CA GLN D 194 -30.69 -6.40 48.07
C GLN D 194 -29.21 -6.50 48.48
N SER D 195 -28.29 -6.62 47.51
CA SER D 195 -26.85 -6.77 47.73
C SER D 195 -26.13 -5.57 48.37
N PRO D 196 -25.10 -5.81 49.22
CA PRO D 196 -24.36 -4.67 49.80
C PRO D 196 -23.51 -3.90 48.78
N ILE D 197 -23.09 -4.59 47.68
CA ILE D 197 -22.27 -4.05 46.59
C ILE D 197 -23.02 -4.10 45.27
N ILE D 198 -22.98 -2.99 44.52
CA ILE D 198 -23.64 -2.89 43.21
C ILE D 198 -22.63 -2.41 42.18
N LEU D 199 -22.42 -3.21 41.11
CA LEU D 199 -21.54 -2.86 39.99
C LEU D 199 -22.42 -2.21 38.93
N LEU D 200 -22.14 -0.94 38.62
CA LEU D 200 -22.95 -0.21 37.65
C LEU D 200 -22.16 0.08 36.38
N TYR D 201 -22.68 -0.38 35.23
CA TYR D 201 -22.07 -0.14 33.92
C TYR D 201 -23.05 0.65 33.02
N CYS D 202 -22.73 1.92 32.76
CA CYS D 202 -23.54 2.84 31.95
C CYS D 202 -22.71 4.08 31.62
N THR D 203 -23.36 5.13 31.07
CA THR D 203 -22.69 6.42 30.79
C THR D 203 -22.88 7.33 32.00
N LYS D 204 -22.13 8.45 32.05
CA LYS D 204 -22.22 9.46 33.10
C LYS D 204 -23.62 10.11 33.11
N GLU D 205 -24.18 10.43 31.92
CA GLU D 205 -25.53 11.02 31.85
C GLU D 205 -26.59 10.01 32.30
N GLU D 206 -26.39 8.70 32.03
CA GLU D 206 -27.31 7.63 32.46
C GLU D 206 -27.21 7.39 33.97
N ALA D 207 -25.98 7.45 34.54
CA ALA D 207 -25.75 7.23 35.99
C ALA D 207 -26.45 8.28 36.84
N THR D 208 -26.46 9.56 36.39
CA THR D 208 -27.15 10.65 37.11
C THR D 208 -28.63 10.31 37.30
N TYR D 209 -29.29 9.72 36.26
CA TYR D 209 -30.68 9.30 36.34
C TYR D 209 -30.83 8.12 37.28
N ILE D 210 -30.06 7.04 37.01
CA ILE D 210 -30.05 5.81 37.82
C ILE D 210 -29.89 6.10 39.32
N PHE D 211 -28.90 6.94 39.68
CA PHE D 211 -28.62 7.32 41.07
C PHE D 211 -29.76 8.09 41.74
N GLU D 212 -30.42 9.02 41.01
CA GLU D 212 -31.58 9.79 41.48
C GLU D 212 -32.70 8.82 41.90
N VAL D 213 -32.94 7.80 41.05
CA VAL D 213 -33.92 6.75 41.25
C VAL D 213 -33.47 5.88 42.41
N ALA D 214 -32.17 5.42 42.40
CA ALA D 214 -31.56 4.59 43.47
C ALA D 214 -31.72 5.23 44.87
N ASN D 215 -31.60 6.57 44.94
CA ASN D 215 -31.74 7.40 46.13
C ASN D 215 -33.16 7.41 46.68
N SER D 216 -34.16 7.47 45.79
CA SER D 216 -35.61 7.47 46.11
C SER D 216 -36.02 6.16 46.78
N VAL D 217 -35.41 5.05 46.32
CA VAL D 217 -35.61 3.67 46.77
C VAL D 217 -34.67 3.31 48.00
N GLY D 218 -33.89 4.30 48.43
CA GLY D 218 -32.99 4.21 49.58
C GLY D 218 -31.85 3.23 49.43
N LEU D 219 -31.21 3.21 48.24
CA LEU D 219 -30.09 2.32 47.94
C LEU D 219 -28.75 3.02 47.85
N THR D 220 -28.62 4.28 48.28
CA THR D 220 -27.32 4.93 48.10
C THR D 220 -26.60 5.29 49.43
N GLY D 221 -27.25 5.07 50.57
CA GLY D 221 -26.69 5.36 51.89
C GLY D 221 -25.65 4.36 52.38
N TYR D 222 -25.52 4.25 53.74
CA TYR D 222 -24.61 3.28 54.35
C TYR D 222 -25.23 1.90 54.09
N GLY D 223 -24.37 0.92 53.82
CA GLY D 223 -24.85 -0.44 53.56
C GLY D 223 -24.95 -0.76 52.09
N TYR D 224 -24.92 0.27 51.25
CA TYR D 224 -24.89 0.13 49.80
C TYR D 224 -23.67 0.81 49.23
N THR D 225 -22.83 0.03 48.56
CA THR D 225 -21.59 0.48 47.91
C THR D 225 -21.69 0.31 46.40
N TRP D 226 -21.57 1.43 45.66
CA TRP D 226 -21.61 1.42 44.21
C TRP D 226 -20.23 1.56 43.62
N ILE D 227 -19.87 0.60 42.77
CA ILE D 227 -18.62 0.57 42.04
C ILE D 227 -18.95 0.78 40.58
N VAL D 228 -18.26 1.74 39.97
CA VAL D 228 -18.55 2.21 38.61
C VAL D 228 -17.30 2.31 37.71
N PRO D 229 -17.42 2.21 36.37
CA PRO D 229 -16.23 2.35 35.52
C PRO D 229 -15.81 3.81 35.28
N SER D 230 -14.60 3.97 34.75
CA SER D 230 -13.92 5.20 34.38
C SER D 230 -14.85 6.28 33.78
N LEU D 231 -15.68 5.91 32.77
CA LEU D 231 -16.57 6.81 32.03
C LEU D 231 -17.67 7.43 32.87
N VAL D 232 -18.10 6.76 33.96
CA VAL D 232 -19.15 7.32 34.82
C VAL D 232 -18.57 8.46 35.63
N ALA D 233 -17.34 8.30 36.15
CA ALA D 233 -16.68 9.36 36.91
C ALA D 233 -16.39 10.51 35.96
N GLY D 234 -15.95 10.14 34.74
CA GLY D 234 -15.56 11.04 33.66
C GLY D 234 -14.53 12.02 34.19
N ASP D 235 -14.82 13.32 34.02
CA ASP D 235 -14.06 14.45 34.51
C ASP D 235 -14.41 14.56 35.99
N THR D 236 -13.41 14.35 36.86
CA THR D 236 -13.58 14.36 38.32
C THR D 236 -13.90 15.75 38.88
N ASP D 237 -13.79 16.80 38.06
CA ASP D 237 -14.12 18.18 38.46
C ASP D 237 -15.62 18.47 38.20
N THR D 238 -16.31 17.57 37.50
CA THR D 238 -17.75 17.68 37.24
C THR D 238 -18.42 16.58 38.00
N VAL D 239 -18.83 16.89 39.23
CA VAL D 239 -19.50 15.91 40.07
C VAL D 239 -20.99 16.18 40.10
N PRO D 240 -21.80 15.33 39.43
CA PRO D 240 -23.26 15.54 39.43
C PRO D 240 -23.82 15.37 40.84
N ALA D 241 -24.68 16.30 41.26
CA ALA D 241 -25.31 16.32 42.59
C ALA D 241 -25.91 14.97 43.01
N GLU D 242 -26.45 14.22 42.05
CA GLU D 242 -27.11 12.93 42.28
C GLU D 242 -26.11 11.79 42.55
N PHE D 243 -24.81 11.99 42.26
CA PHE D 243 -23.80 10.95 42.54
C PHE D 243 -23.76 10.70 44.04
N PRO D 244 -23.82 9.44 44.50
CA PRO D 244 -23.80 9.22 45.96
C PRO D 244 -22.42 9.29 46.58
N THR D 245 -22.36 9.83 47.80
CA THR D 245 -21.14 9.86 48.62
C THR D 245 -20.77 8.39 48.92
N GLY D 246 -19.49 8.07 48.74
CA GLY D 246 -18.98 6.72 48.96
C GLY D 246 -18.91 5.96 47.66
N LEU D 247 -19.14 6.65 46.53
CA LEU D 247 -19.06 6.06 45.21
C LEU D 247 -17.60 5.72 44.89
N ILE D 248 -17.34 4.48 44.47
CA ILE D 248 -16.01 4.01 44.07
C ILE D 248 -15.95 3.95 42.54
N SER D 249 -14.86 4.44 41.97
CA SER D 249 -14.63 4.38 40.52
C SER D 249 -13.18 4.06 40.19
N VAL D 250 -12.99 3.52 38.99
CA VAL D 250 -11.67 3.25 38.41
C VAL D 250 -11.40 4.51 37.56
N SER D 251 -10.18 5.05 37.57
CA SER D 251 -9.92 6.22 36.74
C SER D 251 -8.62 6.11 36.00
N TYR D 252 -8.57 6.78 34.85
CA TYR D 252 -7.35 6.82 34.08
C TYR D 252 -6.52 7.92 34.72
N ASP D 253 -5.31 7.55 35.20
CA ASP D 253 -4.39 8.44 35.91
C ASP D 253 -4.19 9.78 35.17
N GLU D 254 -4.96 10.80 35.60
CA GLU D 254 -4.95 12.17 35.08
C GLU D 254 -3.87 12.94 35.81
N TRP D 255 -3.40 12.37 36.94
CA TRP D 255 -2.38 12.91 37.82
C TRP D 255 -1.00 12.89 37.13
N ASP D 256 -0.40 11.69 36.96
CA ASP D 256 0.94 11.53 36.39
C ASP D 256 0.97 11.50 34.85
N TYR D 257 -0.07 10.96 34.21
CA TYR D 257 -0.16 10.91 32.75
C TYR D 257 -0.95 12.12 32.24
N GLY D 258 -0.27 13.25 32.17
CA GLY D 258 -0.88 14.49 31.73
C GLY D 258 -1.06 14.62 30.24
N LEU D 259 -1.79 15.66 29.82
CA LEU D 259 -2.08 15.93 28.42
C LEU D 259 -0.83 16.13 27.56
N PRO D 260 0.22 16.91 27.96
CA PRO D 260 1.41 17.03 27.09
C PRO D 260 2.15 15.71 26.84
N ALA D 261 2.14 14.80 27.85
CA ALA D 261 2.73 13.47 27.80
C ALA D 261 1.97 12.62 26.78
N ARG D 262 0.63 12.62 26.89
CA ARG D 262 -0.28 11.86 26.01
C ARG D 262 -0.16 12.31 24.56
N VAL D 263 -0.02 13.64 24.33
CA VAL D 263 0.15 14.17 22.98
C VAL D 263 1.50 13.67 22.46
N ARG D 264 2.57 13.78 23.28
CA ARG D 264 3.91 13.30 22.89
C ARG D 264 3.83 11.83 22.48
N ASP D 265 3.17 10.99 23.31
CA ASP D 265 3.00 9.56 23.08
C ASP D 265 2.16 9.25 21.83
N GLY D 266 1.11 10.06 21.61
CA GLY D 266 0.27 9.96 20.43
C GLY D 266 1.08 10.16 19.15
N ILE D 267 1.88 11.25 19.12
CA ILE D 267 2.75 11.58 17.99
C ILE D 267 3.77 10.48 17.76
N ALA D 268 4.37 9.97 18.85
CA ALA D 268 5.37 8.89 18.81
C ALA D 268 4.79 7.62 18.22
N ILE D 269 3.52 7.28 18.58
CA ILE D 269 2.83 6.09 18.09
C ILE D 269 2.64 6.15 16.57
N ILE D 270 2.08 7.25 16.04
CA ILE D 270 1.81 7.47 14.61
C ILE D 270 3.10 7.49 13.84
N THR D 271 4.12 8.21 14.35
CA THR D 271 5.44 8.31 13.69
C THR D 271 6.17 6.96 13.66
N THR D 272 6.24 6.23 14.81
CA THR D 272 6.90 4.93 14.86
C THR D 272 6.24 3.94 13.89
N ALA D 273 4.90 3.85 13.90
CA ALA D 273 4.12 2.98 13.03
C ALA D 273 4.46 3.24 11.55
N ALA D 274 4.39 4.55 11.13
CA ALA D 274 4.70 5.03 9.77
C ALA D 274 6.16 4.68 9.40
N SER D 275 7.12 4.92 10.32
CA SER D 275 8.55 4.58 10.13
C SER D 275 8.70 3.06 9.90
N ASP D 276 8.11 2.20 10.80
CA ASP D 276 8.18 0.76 10.75
C ASP D 276 7.56 0.19 9.50
N MET D 277 6.39 0.74 9.08
CA MET D 277 5.76 0.26 7.86
C MET D 277 6.67 0.53 6.65
N LEU D 278 7.15 1.80 6.51
CA LEU D 278 8.01 2.29 5.44
C LEU D 278 9.31 1.51 5.39
N SER D 279 9.87 1.19 6.58
CA SER D 279 11.10 0.41 6.73
C SER D 279 10.93 -1.00 6.19
N GLU D 280 9.71 -1.58 6.34
CA GLU D 280 9.42 -2.92 5.90
C GLU D 280 8.86 -3.06 4.50
N HIS D 281 7.99 -2.14 4.07
CA HIS D 281 7.29 -2.24 2.79
C HIS D 281 7.69 -1.21 1.73
N SER D 282 8.54 -0.23 2.08
CA SER D 282 9.06 0.80 1.17
C SER D 282 7.95 1.74 0.70
N PHE D 283 6.91 1.87 1.54
CA PHE D 283 5.75 2.73 1.35
C PHE D 283 4.96 2.90 2.64
N ILE D 284 4.15 3.96 2.67
CA ILE D 284 3.20 4.33 3.75
C ILE D 284 1.88 4.68 3.05
N PRO D 285 0.72 4.70 3.74
CA PRO D 285 -0.52 5.01 3.05
C PRO D 285 -0.61 6.46 2.67
N GLU D 286 -1.10 6.71 1.46
CA GLU D 286 -1.27 8.07 0.98
C GLU D 286 -2.43 8.78 1.74
N PRO D 287 -2.13 9.87 2.50
CA PRO D 287 -3.18 10.61 3.20
C PRO D 287 -4.28 11.08 2.23
N LYS D 288 -5.50 10.73 2.58
CA LYS D 288 -6.74 10.98 1.84
C LYS D 288 -6.93 12.47 1.62
N SER D 289 -7.06 12.84 0.35
CA SER D 289 -7.26 14.21 -0.10
C SER D 289 -8.66 14.69 0.25
N SER D 290 -9.64 13.75 0.31
CA SER D 290 -11.04 14.05 0.61
C SER D 290 -11.75 12.96 1.42
N CYS D 291 -12.91 13.32 2.01
CA CYS D 291 -13.84 12.48 2.76
C CYS D 291 -14.97 12.07 1.80
N TYR D 292 -15.06 12.75 0.68
CA TYR D 292 -16.18 12.63 -0.24
C TYR D 292 -15.89 11.77 -1.49
N ASN D 293 -14.80 10.99 -1.46
CA ASN D 293 -14.39 10.10 -2.55
C ASN D 293 -14.02 8.71 -2.01
N THR D 294 -14.31 8.47 -0.69
CA THR D 294 -14.02 7.22 0.05
C THR D 294 -14.49 5.95 -0.69
N HIS D 295 -15.64 6.05 -1.38
CA HIS D 295 -16.26 4.98 -2.16
C HIS D 295 -15.41 4.54 -3.37
N GLU D 296 -15.00 5.51 -4.22
CA GLU D 296 -14.24 5.23 -5.44
C GLU D 296 -12.71 5.09 -5.22
N LYS D 297 -12.26 4.89 -3.96
CA LYS D 297 -10.86 4.72 -3.61
C LYS D 297 -10.62 3.54 -2.66
N ARG D 298 -11.67 2.88 -2.19
CA ARG D 298 -11.55 1.77 -1.22
C ARG D 298 -10.71 0.58 -1.72
N ILE D 299 -10.63 0.36 -3.05
CA ILE D 299 -9.79 -0.74 -3.55
C ILE D 299 -8.32 -0.39 -3.51
N TYR D 300 -8.00 0.85 -3.21
CA TYR D 300 -6.64 1.38 -3.17
C TYR D 300 -6.21 1.66 -1.75
N GLN D 301 -7.05 1.30 -0.78
CA GLN D 301 -6.84 1.59 0.63
C GLN D 301 -7.13 0.38 1.51
N SER D 302 -6.51 0.37 2.70
CA SER D 302 -6.66 -0.66 3.71
C SER D 302 -6.24 -0.13 5.09
N ASN D 303 -6.42 -0.94 6.12
CA ASN D 303 -6.05 -0.55 7.48
C ASN D 303 -4.68 -1.18 7.85
N MET D 304 -3.82 -1.46 6.82
CA MET D 304 -2.49 -2.07 6.94
C MET D 304 -1.63 -1.47 8.06
N LEU D 305 -1.72 -0.14 8.29
CA LEU D 305 -0.96 0.52 9.35
C LEU D 305 -1.29 0.02 10.76
N ASN D 306 -2.50 -0.59 10.97
CA ASN D 306 -2.89 -1.07 12.31
C ASN D 306 -1.87 -2.05 12.87
N ARG D 307 -1.40 -3.01 12.04
CA ARG D 307 -0.41 -4.00 12.46
C ARG D 307 0.88 -3.35 13.03
N TYR D 308 1.09 -2.04 12.75
CA TYR D 308 2.21 -1.25 13.26
C TYR D 308 1.83 -0.35 14.42
N LEU D 309 0.62 0.27 14.40
CA LEU D 309 0.15 1.17 15.47
C LEU D 309 -0.13 0.41 16.77
N ILE D 310 -0.41 -0.90 16.67
CA ILE D 310 -0.77 -1.75 17.79
C ILE D 310 0.44 -2.31 18.56
N ASN D 311 1.67 -1.99 18.12
CA ASN D 311 2.89 -2.57 18.69
C ASN D 311 4.04 -1.59 18.96
N VAL D 312 3.77 -0.28 18.89
CA VAL D 312 4.77 0.79 19.11
C VAL D 312 5.43 0.74 20.53
N THR D 313 6.78 0.84 20.56
CA THR D 313 7.66 0.90 21.73
C THR D 313 8.53 2.16 21.61
N PHE D 314 8.42 3.05 22.60
CA PHE D 314 9.11 4.36 22.65
C PHE D 314 9.99 4.39 23.89
N GLU D 315 9.39 4.18 25.09
CA GLU D 315 10.14 4.12 26.33
C GLU D 315 9.69 2.96 27.20
N ASP D 318 6.49 0.47 26.37
CA ASP D 318 5.50 -0.37 25.69
C ASP D 318 4.15 0.34 25.52
N LEU D 319 4.07 1.16 24.46
CA LEU D 319 2.89 1.94 24.11
C LEU D 319 1.83 1.11 23.36
N SER D 320 2.02 -0.23 23.27
CA SER D 320 1.15 -1.15 22.53
C SER D 320 -0.33 -1.08 22.90
N PHE D 321 -1.18 -1.47 21.95
CA PHE D 321 -2.62 -1.48 22.12
C PHE D 321 -3.20 -2.88 22.06
N SER D 322 -4.34 -3.06 22.70
CA SER D 322 -5.16 -4.25 22.72
C SER D 322 -5.76 -4.39 21.30
N GLU D 323 -6.21 -5.60 20.93
CA GLU D 323 -6.84 -5.81 19.60
C GLU D 323 -8.21 -5.08 19.48
N ASP D 324 -8.70 -4.54 20.61
CA ASP D 324 -9.94 -3.79 20.71
C ASP D 324 -9.68 -2.27 20.78
N GLY D 325 -8.42 -1.88 20.61
CA GLY D 325 -8.02 -0.48 20.60
C GLY D 325 -7.98 0.20 21.94
N TYR D 326 -7.42 -0.49 22.94
CA TYR D 326 -7.22 0.03 24.30
C TYR D 326 -5.77 -0.04 24.71
N GLN D 327 -5.31 0.89 25.59
CA GLN D 327 -3.95 0.88 26.13
C GLN D 327 -3.72 -0.47 26.81
N MET D 328 -2.59 -1.14 26.47
CA MET D 328 -2.25 -2.47 27.00
C MET D 328 -1.97 -2.46 28.49
N HIS D 329 -1.07 -1.56 28.92
CA HIS D 329 -0.70 -1.55 30.31
C HIS D 329 -0.94 -0.20 30.97
N PRO D 330 -2.22 0.19 31.15
CA PRO D 330 -2.46 1.47 31.81
C PRO D 330 -2.32 1.33 33.32
N LYS D 331 -1.91 2.43 33.96
CA LYS D 331 -1.88 2.53 35.40
C LYS D 331 -3.25 3.12 35.72
N LEU D 332 -3.98 2.41 36.55
CA LEU D 332 -5.31 2.84 36.92
C LEU D 332 -5.27 3.33 38.35
N VAL D 333 -6.12 4.31 38.67
CA VAL D 333 -6.22 4.86 40.00
C VAL D 333 -7.63 4.53 40.51
N ILE D 334 -7.75 4.23 41.82
CA ILE D 334 -9.04 3.91 42.40
C ILE D 334 -9.48 5.12 43.17
N ILE D 335 -10.61 5.67 42.77
CA ILE D 335 -11.11 6.91 43.37
C ILE D 335 -12.40 6.72 44.17
N LEU D 336 -12.57 7.55 45.21
CA LEU D 336 -13.70 7.54 46.11
C LEU D 336 -14.24 8.95 46.27
N LEU D 337 -15.54 9.11 46.01
CA LEU D 337 -16.24 10.38 46.14
C LEU D 337 -16.49 10.60 47.64
N ASN D 338 -15.72 11.51 48.26
CA ASN D 338 -15.77 11.78 49.70
C ASN D 338 -16.99 12.63 50.16
N LYS D 339 -17.07 12.92 51.49
CA LYS D 339 -18.15 13.69 52.11
C LYS D 339 -18.17 15.17 51.65
N GLU D 340 -17.01 15.68 51.19
CA GLU D 340 -16.86 17.04 50.66
C GLU D 340 -17.25 17.09 49.18
N ARG D 341 -17.67 15.94 48.62
CA ARG D 341 -18.10 15.75 47.22
C ARG D 341 -16.96 16.03 46.22
N LYS D 342 -15.78 15.57 46.62
CA LYS D 342 -14.54 15.66 45.84
C LYS D 342 -14.00 14.24 45.72
N TRP D 343 -13.52 13.88 44.51
CA TRP D 343 -12.96 12.56 44.25
C TRP D 343 -11.58 12.46 44.88
N GLU D 344 -11.35 11.35 45.59
CA GLU D 344 -10.14 11.08 46.36
C GLU D 344 -9.47 9.78 45.92
N ARG D 345 -8.13 9.79 45.81
CA ARG D 345 -7.34 8.61 45.44
C ARG D 345 -7.25 7.68 46.65
N VAL D 346 -7.70 6.43 46.49
CA VAL D 346 -7.77 5.39 47.55
C VAL D 346 -7.04 4.10 47.14
N GLY D 347 -6.41 4.08 45.96
CA GLY D 347 -5.70 2.91 45.44
C GLY D 347 -5.11 3.04 44.06
N LYS D 348 -4.15 2.16 43.73
CA LYS D 348 -3.46 2.10 42.44
C LYS D 348 -3.55 0.68 41.88
N TRP D 349 -3.69 0.56 40.57
CA TRP D 349 -3.70 -0.72 39.86
C TRP D 349 -2.54 -0.71 38.88
N LYS D 350 -1.53 -1.54 39.15
CA LYS D 350 -0.35 -1.61 38.29
C LYS D 350 -0.31 -2.94 37.50
N ASP D 351 0.88 -3.60 37.42
CA ASP D 351 1.21 -4.85 36.70
C ASP D 351 -0.01 -5.69 36.31
N LYS D 352 -0.76 -6.05 37.37
CA LYS D 352 -1.96 -6.87 37.53
C LYS D 352 -2.14 -6.99 39.07
N SER D 353 -1.47 -6.08 39.81
CA SER D 353 -1.45 -5.96 41.26
C SER D 353 -2.19 -4.69 41.70
N LEU D 354 -3.09 -4.83 42.70
CA LEU D 354 -3.90 -3.77 43.28
C LEU D 354 -3.28 -3.35 44.61
N GLN D 355 -3.03 -2.03 44.79
CA GLN D 355 -2.44 -1.54 46.04
C GLN D 355 -3.38 -0.49 46.63
N MET D 356 -4.12 -0.85 47.70
CA MET D 356 -5.12 0.03 48.32
C MET D 356 -4.58 0.81 49.50
N LYS D 357 -5.13 2.01 49.71
CA LYS D 357 -4.78 2.95 50.79
C LYS D 357 -5.20 2.38 52.13
N TYR D 358 -6.45 1.86 52.22
CA TYR D 358 -7.01 1.34 53.47
C TYR D 358 -7.04 -0.18 53.56
N TYR D 359 -6.80 -0.73 54.75
CA TYR D 359 -6.98 -2.15 54.95
C TYR D 359 -8.41 -2.37 55.42
N VAL D 360 -8.89 -1.50 56.34
CA VAL D 360 -10.27 -1.48 56.78
C VAL D 360 -10.90 -0.30 56.00
N TRP D 361 -11.83 -0.62 55.09
CA TRP D 361 -12.55 0.36 54.26
C TRP D 361 -13.36 1.29 55.16
N PRO D 362 -13.18 2.64 55.09
CA PRO D 362 -13.88 3.51 56.04
C PRO D 362 -15.31 3.89 55.65
N ARG D 363 -16.08 4.37 56.64
CA ARG D 363 -17.50 4.69 56.53
C ARG D 363 -17.89 6.08 55.89
N MET D 364 -18.30 6.02 54.60
CA MET D 364 -18.79 7.16 53.81
C MET D 364 -20.33 7.11 53.83
C1 NAG E . 53.75 17.03 -9.43
C2 NAG E . 53.86 17.94 -10.65
C3 NAG E . 54.93 17.35 -11.58
C4 NAG E . 56.24 17.13 -10.83
C5 NAG E . 56.00 16.33 -9.55
C6 NAG E . 57.23 16.13 -8.69
C7 NAG E . 51.75 19.07 -11.32
C8 NAG E . 50.44 18.91 -12.05
N2 NAG E . 52.58 17.98 -11.33
O3 NAG E . 55.11 18.26 -12.66
O4 NAG E . 57.16 16.43 -11.67
O5 NAG E . 55.01 16.99 -8.74
O6 NAG E . 57.98 17.34 -8.56
O7 NAG E . 52.04 20.13 -10.75
C1 NAG E . 58.44 17.00 -11.89
C2 NAG E . 59.24 16.05 -12.77
C3 NAG E . 60.62 16.66 -13.03
C4 NAG E . 60.51 18.08 -13.57
C5 NAG E . 59.59 18.94 -12.70
C6 NAG E . 59.26 20.28 -13.32
C7 NAG E . 58.72 13.68 -12.29
C8 NAG E . 58.78 12.61 -11.25
N2 NAG E . 59.39 14.81 -12.01
O3 NAG E . 61.28 15.83 -13.98
O4 NAG E . 61.80 18.71 -13.55
O5 NAG E . 58.33 18.26 -12.52
O6 NAG E . 58.41 20.10 -14.45
O7 NAG E . 58.07 13.56 -13.33
C1 BMA E . 62.64 18.54 -14.67
C2 BMA E . 63.48 19.81 -14.81
C3 BMA E . 64.52 19.62 -15.91
C4 BMA E . 65.37 18.37 -15.70
C5 BMA E . 64.45 17.16 -15.51
C6 BMA E . 65.19 15.89 -15.14
O2 BMA E . 64.10 20.15 -13.57
O3 BMA E . 65.30 20.80 -16.05
O4 BMA E . 66.15 18.11 -16.85
O5 BMA E . 63.49 17.40 -14.47
O6 BMA E . 64.29 14.94 -14.61
C1 MAN E . 65.11 21.62 -17.23
C2 MAN E . 66.25 22.63 -17.30
C3 MAN E . 66.13 23.66 -16.17
C4 MAN E . 64.74 24.28 -16.08
C5 MAN E . 63.66 23.19 -16.08
C6 MAN E . 62.25 23.72 -16.14
O2 MAN E . 66.29 23.23 -18.58
O3 MAN E . 67.11 24.67 -16.31
O4 MAN E . 64.63 25.01 -14.87
O5 MAN E . 63.84 22.31 -17.21
O6 MAN E . 61.30 22.66 -16.18
C1 MAN E . 64.85 13.67 -14.41
C2 MAN E . 63.77 12.64 -14.72
C3 MAN E . 62.66 12.63 -13.67
C4 MAN E . 63.19 12.67 -12.24
C5 MAN E . 64.24 13.77 -12.09
C6 MAN E . 64.88 13.83 -10.71
O2 MAN E . 64.36 11.35 -14.85
O3 MAN E . 61.88 11.47 -13.87
O4 MAN E . 62.13 12.96 -11.32
O5 MAN E . 65.29 13.53 -13.05
O6 MAN E . 65.73 12.73 -10.45
NA NA F . 32.88 6.36 -19.91
C1 NAG G . 35.69 28.22 -8.30
C2 NAG G . 36.48 28.99 -7.24
C3 NAG G . 36.40 30.46 -7.64
C4 NAG G . 36.99 30.68 -9.03
C5 NAG G . 36.43 29.71 -10.08
C6 NAG G . 37.35 29.64 -11.28
C7 NAG G . 36.44 28.41 -4.83
C8 NAG G . 35.54 28.11 -3.66
N2 NAG G . 35.81 28.79 -5.96
O3 NAG G . 37.16 31.21 -6.71
O4 NAG G . 36.76 32.02 -9.45
O5 NAG G . 36.33 28.37 -9.56
O6 NAG G . 36.96 28.66 -12.20
O7 NAG G . 37.66 28.32 -4.74
NA NA H . 52.65 17.63 6.35
NA NA I . 37.09 33.96 -32.83
C1 NAG J . 0.38 7.00 -37.38
C2 NAG J . -0.32 8.18 -36.74
C3 NAG J . -1.78 8.10 -37.18
C4 NAG J . -1.87 8.07 -38.71
C5 NAG J . -1.06 6.93 -39.32
C6 NAG J . -0.94 7.01 -40.83
C7 NAG J . 0.00 9.24 -34.52
C8 NAG J . 0.19 8.97 -33.06
N2 NAG J . -0.23 8.16 -35.27
O3 NAG J . -2.50 9.20 -36.65
O4 NAG J . -3.24 7.93 -39.09
O5 NAG J . 0.29 6.95 -38.79
O6 NAG J . -2.20 7.12 -41.48
O7 NAG J . 0.04 10.37 -34.98
C1 NAG K . 2.29 -19.28 -7.06
C2 NAG K . 2.80 -19.37 -5.62
C3 NAG K . 2.04 -20.41 -4.79
C4 NAG K . 0.53 -20.32 -5.03
C5 NAG K . 0.24 -20.45 -6.53
C6 NAG K . -1.23 -20.41 -6.87
C7 NAG K . 5.20 -18.97 -5.12
C8 NAG K . 6.60 -19.48 -5.33
N2 NAG K . 4.21 -19.70 -5.67
O3 NAG K . 2.33 -20.21 -3.42
O4 NAG K . -0.13 -21.36 -4.32
O5 NAG K . 0.87 -19.36 -7.22
O6 NAG K . -1.48 -21.01 -8.15
O7 NAG K . 4.97 -17.93 -4.49
N3 5SM L . 17.58 1.74 -18.16
C4 5SM L . 21.05 -0.91 -17.41
N2 5SM L . 20.98 -0.58 -18.75
C7 5SM L . 19.27 2.38 -20.20
C6 5SM L . 19.60 1.43 -19.24
C9 5SM L . 17.23 2.68 -19.05
C13 5SM L . 16.94 5.89 -23.06
C8 5SM L . 18.06 3.06 -20.11
C16 5SM L . 15.47 7.15 -21.39
C1 5SM L . 20.90 -1.86 -20.91
C2 5SM L . 20.92 -1.77 -19.44
N1 5SM L . 20.93 -2.81 -18.61
C3 5SM L . 21.02 -2.26 -17.34
C5 5SM L . 20.96 0.79 -19.27
N4 5SM L . 18.77 1.13 -18.26
C10 5SM L . 17.63 4.01 -21.16
C11 5SM L . 18.17 3.97 -22.45
C12 5SM L . 17.80 4.89 -23.41
C14 5SM L . 16.41 6.03 -21.79
C15 5SM L . 16.76 5.06 -20.85
F1 5SM L . 14.21 6.75 -21.70
F2 5SM L . 15.43 7.33 -20.04
F3 5SM L . 16.56 6.78 -24.02
NA NA M . 8.25 4.01 -1.88
NA NA N . -35.33 -1.78 15.54
C1 NAG O . -47.00 -1.32 -4.23
C2 NAG O . -47.50 0.12 -4.43
C3 NAG O . -48.63 -0.01 -5.47
C4 NAG O . -48.18 -0.73 -6.73
C5 NAG O . -47.58 -2.09 -6.38
C6 NAG O . -46.96 -2.81 -7.54
C7 NAG O . -48.33 2.02 -3.08
C8 NAG O . -49.21 2.38 -1.92
N2 NAG O . -48.03 0.71 -3.21
O3 NAG O . -49.10 1.29 -5.80
O4 NAG O . -49.31 -0.96 -7.57
O5 NAG O . -46.51 -1.88 -5.45
O6 NAG O . -46.34 -4.00 -7.08
O7 NAG O . -47.95 2.86 -3.88
C1 NAG P . -14.65 29.31 17.95
C2 NAG P . -13.53 30.00 18.72
C3 NAG P . -13.53 31.38 18.05
C4 NAG P . -13.16 31.26 16.57
C5 NAG P . -14.13 30.32 15.84
C6 NAG P . -13.68 29.96 14.44
C7 NAG P . -13.06 30.14 21.16
C8 NAG P . -13.67 29.98 22.51
N2 NAG P . -13.92 30.11 20.12
O3 NAG P . -12.64 32.27 18.72
O4 NAG P . -13.18 32.54 15.95
O5 NAG P . -14.26 29.08 16.57
O6 NAG P . -13.52 31.11 13.62
O7 NAG P . -11.85 30.27 21.00
C1 NAG Q . 5.63 -6.34 16.86
C2 NAG Q . 6.91 -6.33 17.69
C3 NAG Q . 7.69 -7.57 17.27
C4 NAG Q . 6.84 -8.84 17.37
C5 NAG Q . 5.54 -8.67 16.58
C6 NAG Q . 4.60 -9.84 16.66
C7 NAG Q . 8.06 -4.21 18.26
C8 NAG Q . 8.82 -3.03 17.71
N2 NAG Q . 7.67 -5.12 17.36
O3 NAG Q . 8.88 -7.70 18.06
O4 NAG Q . 7.58 -9.95 16.87
O5 NAG Q . 4.84 -7.52 17.07
O6 NAG Q . 3.70 -9.86 15.55
O7 NAG Q . 7.82 -4.32 19.46
N3 5SM R . -19.93 4.07 15.28
C4 5SM R . -21.46 2.60 19.75
N2 5SM R . -21.63 1.97 18.53
C7 5SM R . -22.19 4.87 16.60
C6 5SM R . -21.70 3.57 16.68
C9 5SM R . -20.38 5.32 15.15
C13 5SM R . -22.90 9.80 15.53
C8 5SM R . -21.51 5.79 15.80
C16 5SM R . -22.00 10.01 13.11
C1 5SM R . -20.66 -0.06 17.40
C2 5SM R . -20.86 0.83 18.57
N1 5SM R . -20.24 0.71 19.73
C3 5SM R . -20.61 1.83 20.46
C5 5SM R . -22.46 2.50 17.44
N4 5SM R . -20.59 3.19 16.06
C10 5SM R . -21.91 7.22 15.78
C11 5SM R . -22.70 7.78 16.77
C12 5SM R . -23.17 9.08 16.67
C14 5SM R . -22.16 9.29 14.48
C15 5SM R . -21.65 8.01 14.65
F1 5SM R . -20.95 10.87 13.14
F2 5SM R . -21.68 9.12 12.14
F3 5SM R . -23.32 11.08 15.48
#